data_6X2W
#
_entry.id   6X2W
#
_cell.length_a   106.586
_cell.length_b   106.586
_cell.length_c   302.710
_cell.angle_alpha   90.000
_cell.angle_beta   90.000
_cell.angle_gamma   90.000
#
_symmetry.space_group_name_H-M   'P 43 21 2'
#
loop_
_entity.id
_entity.type
_entity.pdbx_description
1 polymer 'GTP-binding nuclear protein Ran'
2 polymer 'Ran-specific GTPase-activating protein 1'
3 polymer Exportin-1
4 polymer 'cAMP-dependent protein kinase inhibitor alpha'
5 non-polymer 'PHOSPHOAMINOPHOSPHONIC ACID-GUANYLATE ESTER'
6 non-polymer 'MAGNESIUM ION'
7 non-polymer GLYCEROL
#
loop_
_entity_poly.entity_id
_entity_poly.type
_entity_poly.pdbx_seq_one_letter_code
_entity_poly.pdbx_strand_id
1 'polypeptide(L)'
;MAAQGEPQVQFKLVLVGDGGTGKTTFVKRHLTGEFEKKYVATLGVEVHPLVFHTNRGPIKFNVWDTAGQEKFGGLRDGYY
IQAQCAIIMFDVTSRVTYKNVPNWHRDLVRVCENIPIVLCGNKVDIKDRKVKAKSIVFHRKKNLQYYDISAKSNYNFEKP
FLWLARKLIGDPNLEFVAMPALAPPEVVMDPALAAQYEHDLEVAQTTALPDEDDDL
;
A
2 'polypeptide(L)'
;DIHFEPVVHLEKVDVKTMEEDEEVLYKVRAKLFRFDADAKEWKERGTGDCKFLKNKKTNKVRILMRRDKTLKICANHIIA
PEYTLKPNVGSDRSWVYACTADIAEGEAEAFTFAIRFGSKENADKFKEEFEKAQEINKKA
;
B
3 'polypeptide(L)'
;GGSMEGILDFSNDLDIALLDQVVSTFYQGSGVQQKQAQEILTKFQDNPDAWQKADQILQFSTNPQSKFIALSILDKLITR
KWKLLPNDHRIGIRNFVVGMIISMCQDDEVFKTQKNLINKSDLTLVQILKQEWPQNWPEFIPELIGSSSSSVNVCENNMI
VLKLLSEEVFDFSAEQMTQAKALHLKNSMSKEFEQIFKLCFQVLEQGSSSSLIVATLESLLRYLHWIPYRYIYETNILEL
LSTKFMTSPDTRAITLKCLTEVSNLKIPQDNDLIKRQTVLFFQNTLQQIATSVMPVTADLKATYANANGNDQSFLQDLAM
FLTTYLARNRALLESDESLRELLLNAHQYLIQLSKIEERELFKTTLDYWHNLVADLFYEPLKKHIYEEICSQLRLVIIEN
MVRPEEVLVVENDEGEIVREFVKESDTIQLYKSEREVLVYLTHLNVIDTEEIMISKLARQIDGSEWSWHNINTLSWAIGS
ISGTMSEDTEKRFVVTVIKDLLGLCEQKRGKDNKAVVASDIMYVVGQYPRFLKAHWNFLRTVILKLFKFMHETHEGVQDM
ACDTFIKIVQKCKYHFVIQQPRESEPFIQTIIRDIQKTTADLQPQQVHTFYKACGIIISEERSVAERNRLLSDLMQLPNM
AWDTIVEQSTANPTLLLDSETVKIIANIIKTNVAVCTSMGADFYPQLGHIYYNMLQLYRAVSSMISAQVAAEGLIATKTP
KVRGLRTIKKEILKLVETYISKARNLDDVVKVLVEPLLNAVLEDYMNNVPDARDAEVLNCMTTVVEKVGHMIPQGVILIL
QSVFECTLDMINKDFTEYPEHRVEFYKLLKVINEKSFAAFLELPPAAFKLFVDAICWAFKHNNRDVEVNGLQIALDLVKN
IERMGNVPFANEFHKNYFFIFVSETFFVLTDSDHKSGFSKQALLLMKLISLVYDNKISVPLYQEAEVPQGTSNQVYLSQY
LANMLSNAFPHLTSEQIASFLSALTKQCKDLVVFKGTLRDFLVQIKEVGGDPTDYLFAEDKENA
;
C
4 'polypeptide(L)' LNELALKLAGLDINK D
#
loop_
_chem_comp.id
_chem_comp.type
_chem_comp.name
_chem_comp.formula
GNP non-polymer 'PHOSPHOAMINOPHOSPHONIC ACID-GUANYLATE ESTER' 'C10 H17 N6 O13 P3'
GOL non-polymer GLYCEROL 'C3 H8 O3'
MG non-polymer 'MAGNESIUM ION' 'Mg 2'
#
# COMPACT_ATOMS: atom_id res chain seq x y z
N VAL A 9 3.04 32.53 -7.31
CA VAL A 9 2.05 31.52 -7.66
C VAL A 9 2.22 30.27 -6.80
N GLN A 10 1.70 30.32 -5.58
CA GLN A 10 1.77 29.21 -4.64
C GLN A 10 0.35 28.71 -4.34
N PHE A 11 0.27 27.40 -4.06
CA PHE A 11 -1.00 26.75 -3.75
C PHE A 11 -0.89 26.03 -2.42
N LYS A 12 -1.99 26.04 -1.66
CA LYS A 12 -2.03 25.38 -0.37
C LYS A 12 -2.45 23.92 -0.55
N LEU A 13 -1.67 23.02 0.02
CA LEU A 13 -1.90 21.58 -0.07
C LEU A 13 -2.00 21.02 1.34
N VAL A 14 -3.16 20.50 1.70
CA VAL A 14 -3.32 19.81 2.98
C VAL A 14 -3.04 18.33 2.78
N LEU A 15 -2.21 17.79 3.66
CA LEU A 15 -1.81 16.39 3.60
C LEU A 15 -2.35 15.70 4.85
N VAL A 16 -3.31 14.80 4.64
CA VAL A 16 -4.03 14.16 5.73
C VAL A 16 -3.98 12.65 5.54
N GLY A 17 -4.22 11.94 6.63
CA GLY A 17 -4.21 10.50 6.61
C GLY A 17 -3.88 9.95 7.98
N ASP A 18 -4.11 8.64 8.13
CA ASP A 18 -3.88 7.96 9.41
C ASP A 18 -2.43 8.12 9.86
N GLY A 19 -2.23 7.97 11.17
CA GLY A 19 -0.88 8.08 11.71
C GLY A 19 -0.02 6.89 11.31
N GLY A 20 1.17 7.17 10.81
CA GLY A 20 2.10 6.15 10.37
C GLY A 20 2.07 5.80 8.90
N THR A 21 1.29 6.52 8.10
CA THR A 21 1.11 6.14 6.69
C THR A 21 2.28 6.55 5.82
N GLY A 22 2.88 7.71 6.09
CA GLY A 22 4.04 8.15 5.35
C GLY A 22 3.96 9.60 4.88
N LYS A 23 3.13 10.41 5.54
CA LYS A 23 2.92 11.78 5.08
C LYS A 23 4.20 12.61 5.22
N THR A 24 4.80 12.59 6.41
CA THR A 24 5.98 13.43 6.66
C THR A 24 7.16 12.96 5.83
N THR A 25 7.41 11.64 5.80
CA THR A 25 8.52 11.10 5.03
C THR A 25 8.39 11.43 3.55
N PHE A 26 7.16 11.39 3.04
CA PHE A 26 6.90 11.78 1.66
C PHE A 26 7.35 13.21 1.41
N VAL A 27 7.01 14.13 2.32
CA VAL A 27 7.34 15.54 2.08
C VAL A 27 8.85 15.77 2.21
N LYS A 28 9.50 15.10 3.16
CA LYS A 28 10.94 15.26 3.33
C LYS A 28 11.70 14.78 2.10
N ARG A 29 11.24 13.69 1.48
CA ARG A 29 11.86 13.19 0.26
C ARG A 29 11.80 14.22 -0.86
N HIS A 30 10.75 15.04 -0.88
CA HIS A 30 10.63 16.10 -1.88
C HIS A 30 11.38 17.37 -1.48
N LEU A 31 11.67 17.56 -0.20
CA LEU A 31 12.38 18.75 0.26
C LEU A 31 13.89 18.54 0.29
N THR A 32 14.34 17.52 1.02
CA THR A 32 15.76 17.23 1.15
C THR A 32 16.25 16.10 0.23
N GLY A 33 15.36 15.21 -0.20
CA GLY A 33 15.77 14.02 -0.91
C GLY A 33 16.10 12.84 -0.03
N GLU A 34 16.12 13.01 1.29
CA GLU A 34 16.45 11.95 2.22
C GLU A 34 15.25 11.05 2.48
N PHE A 35 15.54 9.86 3.01
CA PHE A 35 14.49 8.95 3.48
C PHE A 35 14.63 8.79 4.98
N GLU A 36 13.62 9.23 5.72
CA GLU A 36 13.62 9.10 7.18
C GLU A 36 13.12 7.72 7.57
N LYS A 37 13.99 6.94 8.22
CA LYS A 37 13.59 5.60 8.66
C LYS A 37 12.80 5.63 9.97
N LYS A 38 12.95 6.69 10.78
CA LYS A 38 12.32 6.75 12.09
C LYS A 38 10.94 7.40 12.03
N TYR A 39 10.02 6.89 12.84
CA TYR A 39 8.70 7.47 13.00
C TYR A 39 8.74 8.47 14.16
N VAL A 40 8.59 9.75 13.84
CA VAL A 40 8.38 10.79 14.83
C VAL A 40 7.06 11.47 14.46
N ALA A 41 6.06 11.30 15.32
CA ALA A 41 4.73 11.80 15.02
C ALA A 41 4.76 13.32 14.84
N THR A 42 3.97 13.78 13.87
CA THR A 42 3.79 15.22 13.69
C THR A 42 2.86 15.75 14.78
N LEU A 43 3.20 16.92 15.31
CA LEU A 43 2.38 17.58 16.32
C LEU A 43 1.62 18.72 15.63
N GLY A 44 0.32 18.54 15.46
CA GLY A 44 -0.49 19.53 14.79
C GLY A 44 -0.26 19.59 13.30
N VAL A 45 0.60 20.51 12.84
CA VAL A 45 0.90 20.67 11.42
C VAL A 45 2.32 21.19 11.24
N GLU A 46 2.95 20.79 10.15
CA GLU A 46 4.22 21.33 9.69
C GLU A 46 4.02 21.90 8.28
N VAL A 47 4.21 23.20 8.13
CA VAL A 47 4.04 23.88 6.85
C VAL A 47 5.38 23.93 6.14
N HIS A 48 5.39 23.54 4.85
CA HIS A 48 6.60 23.50 4.07
C HIS A 48 6.35 24.12 2.70
N PRO A 49 7.20 25.04 2.23
CA PRO A 49 7.15 25.46 0.83
C PRO A 49 7.91 24.47 -0.04
N LEU A 50 7.27 24.02 -1.11
CA LEU A 50 7.87 23.07 -2.04
C LEU A 50 7.66 23.57 -3.46
N VAL A 51 8.76 23.68 -4.20
CA VAL A 51 8.78 24.28 -5.53
C VAL A 51 9.09 23.20 -6.56
N PHE A 52 8.29 23.16 -7.62
CA PHE A 52 8.55 22.31 -8.78
C PHE A 52 8.74 23.20 -10.00
N HIS A 53 9.63 22.77 -10.90
CA HIS A 53 9.93 23.49 -12.12
C HIS A 53 9.26 22.79 -13.30
N THR A 54 8.32 23.50 -13.94
CA THR A 54 7.55 22.97 -15.05
C THR A 54 7.76 23.83 -16.28
N ASN A 55 7.24 23.36 -17.42
CA ASN A 55 7.32 24.12 -18.65
C ASN A 55 6.40 25.33 -18.66
N ARG A 56 5.58 25.49 -17.62
CA ARG A 56 4.73 26.68 -17.44
C ARG A 56 5.22 27.53 -16.27
N GLY A 57 6.52 27.53 -16.02
CA GLY A 57 7.10 28.27 -14.93
C GLY A 57 7.18 27.45 -13.67
N PRO A 58 7.70 28.03 -12.59
CA PRO A 58 7.72 27.32 -11.31
C PRO A 58 6.35 27.35 -10.64
N ILE A 59 6.09 26.31 -9.86
CA ILE A 59 4.87 26.20 -9.08
C ILE A 59 5.24 25.86 -7.64
N LYS A 60 4.64 26.57 -6.70
CA LYS A 60 4.97 26.45 -5.29
C LYS A 60 3.82 25.80 -4.53
N PHE A 61 4.15 24.94 -3.59
CA PHE A 61 3.17 24.26 -2.75
C PHE A 61 3.45 24.60 -1.30
N ASN A 62 2.47 25.21 -0.63
CA ASN A 62 2.54 25.36 0.83
C ASN A 62 1.92 24.09 1.40
N VAL A 63 2.77 23.11 1.67
CA VAL A 63 2.31 21.79 2.10
C VAL A 63 2.02 21.84 3.59
N TRP A 64 0.76 21.69 3.95
CA TRP A 64 0.35 21.58 5.35
C TRP A 64 0.35 20.10 5.71
N ASP A 65 1.48 19.64 6.24
CA ASP A 65 1.66 18.26 6.66
C ASP A 65 1.01 18.10 8.05
N THR A 66 -0.17 17.47 8.07
CA THR A 66 -0.98 17.34 9.28
C THR A 66 -0.70 16.00 9.97
N ALA A 67 -1.36 15.80 11.11
CA ALA A 67 -1.07 14.69 12.02
C ALA A 67 -2.27 13.76 12.07
N GLY A 68 -2.04 12.48 11.75
CA GLY A 68 -3.11 11.49 11.81
C GLY A 68 -3.32 10.87 13.16
N GLN A 69 -2.36 11.05 14.07
CA GLN A 69 -2.53 10.63 15.45
C GLN A 69 -3.54 11.54 16.13
N GLU A 70 -4.65 10.96 16.61
CA GLU A 70 -5.74 11.77 17.13
C GLU A 70 -5.30 12.56 18.36
N LYS A 71 -4.47 11.95 19.20
CA LYS A 71 -3.98 12.65 20.39
C LYS A 71 -3.15 13.86 20.02
N PHE A 72 -2.48 13.83 18.86
CA PHE A 72 -1.73 14.96 18.33
C PHE A 72 -2.49 15.67 17.22
N GLY A 73 -3.82 15.69 17.29
CA GLY A 73 -4.61 16.14 16.15
C GLY A 73 -4.55 17.63 15.91
N GLY A 74 -4.29 18.43 16.95
CA GLY A 74 -4.22 19.87 16.75
C GLY A 74 -5.56 20.45 16.34
N LEU A 75 -5.51 21.44 15.45
CA LEU A 75 -6.73 22.12 15.00
C LEU A 75 -7.66 21.19 14.24
N ARG A 76 -7.21 20.00 13.85
CA ARG A 76 -8.03 19.00 13.14
C ARG A 76 -8.50 19.65 11.84
N ASP A 77 -9.80 19.74 11.56
CA ASP A 77 -10.27 20.26 10.28
C ASP A 77 -10.07 21.76 10.16
N GLY A 78 -9.47 22.43 11.15
CA GLY A 78 -9.13 23.83 11.00
C GLY A 78 -8.01 24.06 10.02
N TYR A 79 -7.12 23.08 9.86
CA TYR A 79 -6.01 23.21 8.92
C TYR A 79 -6.48 23.21 7.47
N TYR A 80 -7.65 22.65 7.19
CA TYR A 80 -8.10 22.51 5.81
C TYR A 80 -8.62 23.82 5.23
N ILE A 81 -8.80 24.86 6.05
CA ILE A 81 -9.43 26.09 5.57
C ILE A 81 -8.59 26.73 4.47
N GLN A 82 -9.27 27.10 3.37
CA GLN A 82 -8.65 27.73 2.21
C GLN A 82 -7.62 26.84 1.52
N ALA A 83 -7.66 25.54 1.74
CA ALA A 83 -6.80 24.64 0.99
C ALA A 83 -7.30 24.54 -0.45
N GLN A 84 -6.35 24.61 -1.40
CA GLN A 84 -6.66 24.57 -2.82
C GLN A 84 -6.45 23.19 -3.45
N CYS A 85 -5.82 22.26 -2.74
CA CYS A 85 -5.64 20.89 -3.20
C CYS A 85 -5.28 20.03 -1.99
N ALA A 86 -5.34 18.72 -2.16
CA ALA A 86 -5.23 17.83 -1.02
C ALA A 86 -4.72 16.45 -1.43
N ILE A 87 -4.10 15.76 -0.48
CA ILE A 87 -3.62 14.40 -0.66
C ILE A 87 -4.09 13.59 0.56
N ILE A 88 -4.97 12.62 0.32
CA ILE A 88 -5.31 11.62 1.32
C ILE A 88 -4.34 10.46 1.15
N MET A 89 -3.79 9.98 2.26
N MET A 89 -3.77 10.00 2.26
CA MET A 89 -2.77 8.93 2.22
CA MET A 89 -2.80 8.91 2.20
C MET A 89 -3.11 7.82 3.21
C MET A 89 -3.20 7.82 3.18
N PHE A 90 -2.90 6.58 2.80
CA PHE A 90 -3.06 5.41 3.65
C PHE A 90 -1.87 4.49 3.41
N ASP A 91 -1.89 3.34 4.08
CA ASP A 91 -0.78 2.40 4.04
C ASP A 91 -1.29 1.05 3.54
N VAL A 92 -0.77 0.59 2.40
CA VAL A 92 -1.20 -0.68 1.84
C VAL A 92 -0.82 -1.87 2.70
N THR A 93 0.04 -1.67 3.70
CA THR A 93 0.39 -2.70 4.65
C THR A 93 -0.48 -2.65 5.91
N SER A 94 -1.52 -1.81 5.92
CA SER A 94 -2.37 -1.65 7.09
C SER A 94 -3.79 -1.34 6.62
N ARG A 95 -4.67 -2.35 6.67
CA ARG A 95 -6.02 -2.18 6.16
C ARG A 95 -6.81 -1.12 6.93
N VAL A 96 -6.51 -0.95 8.21
CA VAL A 96 -7.21 0.06 9.00
C VAL A 96 -6.92 1.48 8.48
N THR A 97 -5.82 1.67 7.75
CA THR A 97 -5.56 3.00 7.17
C THR A 97 -6.43 3.26 5.96
N TYR A 98 -6.66 2.25 5.11
CA TYR A 98 -7.60 2.41 4.01
C TYR A 98 -9.04 2.47 4.52
N LYS A 99 -9.30 1.83 5.65
CA LYS A 99 -10.63 1.88 6.26
C LYS A 99 -10.96 3.30 6.71
N ASN A 100 -9.98 4.03 7.23
CA ASN A 100 -10.21 5.39 7.71
C ASN A 100 -10.20 6.44 6.61
N VAL A 101 -10.01 6.03 5.34
CA VAL A 101 -10.01 7.00 4.24
C VAL A 101 -11.37 7.66 4.08
N PRO A 102 -12.51 6.96 4.17
CA PRO A 102 -13.79 7.68 4.14
C PRO A 102 -13.93 8.74 5.21
N ASN A 103 -13.42 8.50 6.41
CA ASN A 103 -13.46 9.54 7.44
C ASN A 103 -12.60 10.73 7.05
N TRP A 104 -11.33 10.48 6.69
CA TRP A 104 -10.44 11.58 6.33
C TRP A 104 -11.01 12.39 5.17
N HIS A 105 -11.59 11.70 4.17
CA HIS A 105 -12.20 12.41 3.06
C HIS A 105 -13.43 13.20 3.51
N ARG A 106 -14.27 12.60 4.36
CA ARG A 106 -15.47 13.30 4.82
C ARG A 106 -15.13 14.61 5.51
N ASP A 107 -14.18 14.57 6.45
CA ASP A 107 -13.76 15.79 7.15
C ASP A 107 -13.16 16.80 6.19
N LEU A 108 -12.56 16.33 5.09
CA LEU A 108 -11.90 17.24 4.15
C LEU A 108 -12.90 17.98 3.29
N VAL A 109 -13.77 17.24 2.59
CA VAL A 109 -14.68 17.88 1.64
C VAL A 109 -15.75 18.72 2.31
N ARG A 110 -15.91 18.64 3.63
CA ARG A 110 -16.84 19.53 4.30
C ARG A 110 -16.29 20.96 4.36
N VAL A 111 -14.97 21.10 4.49
CA VAL A 111 -14.32 22.41 4.50
C VAL A 111 -13.97 22.85 3.09
N CYS A 112 -13.33 21.99 2.31
CA CYS A 112 -12.94 22.28 0.93
C CYS A 112 -13.93 21.56 0.02
N GLU A 113 -14.98 22.27 -0.35
CA GLU A 113 -16.09 21.62 -1.04
C GLU A 113 -15.67 21.12 -2.42
N ASN A 114 -14.79 21.84 -3.12
CA ASN A 114 -14.53 21.53 -4.52
C ASN A 114 -13.06 21.84 -4.84
N ILE A 115 -12.18 20.91 -4.48
CA ILE A 115 -10.75 21.03 -4.75
C ILE A 115 -10.24 19.71 -5.29
N PRO A 116 -9.15 19.74 -6.06
CA PRO A 116 -8.55 18.49 -6.53
C PRO A 116 -7.88 17.73 -5.39
N ILE A 117 -8.16 16.44 -5.30
CA ILE A 117 -7.67 15.60 -4.21
C ILE A 117 -7.06 14.34 -4.82
N VAL A 118 -5.90 13.94 -4.28
CA VAL A 118 -5.21 12.73 -4.70
C VAL A 118 -5.22 11.75 -3.54
N LEU A 119 -5.62 10.51 -3.81
CA LEU A 119 -5.54 9.42 -2.85
C LEU A 119 -4.32 8.57 -3.14
N CYS A 120 -3.50 8.32 -2.12
CA CYS A 120 -2.22 7.65 -2.27
C CYS A 120 -2.14 6.41 -1.39
N GLY A 121 -1.73 5.30 -1.98
CA GLY A 121 -1.39 4.10 -1.22
C GLY A 121 0.10 3.95 -1.09
N ASN A 122 0.64 4.30 0.07
CA ASN A 122 2.08 4.30 0.28
C ASN A 122 2.58 2.93 0.76
N LYS A 123 3.91 2.77 0.72
CA LYS A 123 4.64 1.60 1.21
C LYS A 123 4.44 0.37 0.33
N VAL A 124 4.34 0.58 -0.98
CA VAL A 124 4.12 -0.53 -1.89
C VAL A 124 5.45 -1.23 -2.11
N ASP A 125 6.49 -0.75 -1.42
CA ASP A 125 7.79 -1.39 -1.50
C ASP A 125 7.90 -2.62 -0.61
N ILE A 126 6.82 -3.01 0.07
CA ILE A 126 6.83 -4.10 1.04
C ILE A 126 6.11 -5.30 0.44
N LYS A 127 6.67 -6.50 0.64
CA LYS A 127 6.09 -7.71 0.07
C LYS A 127 4.68 -7.96 0.60
N ASP A 128 4.55 -8.03 1.93
CA ASP A 128 3.28 -8.40 2.55
C ASP A 128 2.24 -7.30 2.40
N ARG A 129 1.79 -7.06 1.16
CA ARG A 129 0.80 -6.04 0.90
C ARG A 129 -0.57 -6.53 1.36
N LYS A 130 -1.22 -5.76 2.24
CA LYS A 130 -2.49 -6.16 2.80
C LYS A 130 -3.70 -5.50 2.13
N VAL A 131 -3.54 -4.31 1.56
CA VAL A 131 -4.60 -3.63 0.84
C VAL A 131 -4.35 -3.87 -0.65
N LYS A 132 -5.06 -4.84 -1.21
CA LYS A 132 -4.85 -5.26 -2.59
C LYS A 132 -5.55 -4.32 -3.57
N ALA A 133 -4.94 -4.17 -4.75
CA ALA A 133 -5.37 -3.15 -5.70
C ALA A 133 -6.85 -3.25 -6.03
N LYS A 134 -7.36 -4.48 -6.14
CA LYS A 134 -8.77 -4.67 -6.47
C LYS A 134 -9.69 -4.18 -5.35
N SER A 135 -9.17 -4.02 -4.13
CA SER A 135 -9.99 -3.57 -3.01
C SER A 135 -10.09 -2.05 -2.94
N ILE A 136 -9.19 -1.34 -3.60
CA ILE A 136 -9.15 0.13 -3.58
C ILE A 136 -10.11 0.64 -4.65
N VAL A 137 -11.26 1.18 -4.22
CA VAL A 137 -12.27 1.62 -5.17
C VAL A 137 -12.94 2.89 -4.65
N PHE A 138 -12.54 3.35 -3.45
CA PHE A 138 -13.20 4.50 -2.84
C PHE A 138 -13.04 5.77 -3.67
N HIS A 139 -11.96 5.87 -4.44
CA HIS A 139 -11.72 7.07 -5.23
C HIS A 139 -12.67 7.20 -6.42
N ARG A 140 -13.27 6.09 -6.87
CA ARG A 140 -14.07 6.12 -8.09
C ARG A 140 -15.25 7.07 -7.96
N LYS A 141 -16.10 6.86 -6.96
CA LYS A 141 -17.28 7.70 -6.79
C LYS A 141 -16.91 9.12 -6.37
N LYS A 142 -15.86 9.27 -5.56
CA LYS A 142 -15.51 10.57 -4.99
C LYS A 142 -14.69 11.43 -5.95
N ASN A 143 -14.41 10.97 -7.16
CA ASN A 143 -13.69 11.73 -8.18
C ASN A 143 -12.26 12.07 -7.74
N LEU A 144 -11.64 11.16 -7.00
CA LEU A 144 -10.26 11.33 -6.56
C LEU A 144 -9.30 10.58 -7.49
N GLN A 145 -8.11 11.13 -7.64
CA GLN A 145 -7.05 10.51 -8.42
C GLN A 145 -6.24 9.58 -7.54
N TYR A 146 -6.04 8.34 -7.98
CA TYR A 146 -5.31 7.36 -7.17
C TYR A 146 -3.95 7.04 -7.78
N TYR A 147 -2.96 6.84 -6.89
CA TYR A 147 -1.63 6.38 -7.27
C TYR A 147 -1.12 5.39 -6.23
N ASP A 148 -0.58 4.28 -6.69
CA ASP A 148 0.29 3.46 -5.85
C ASP A 148 1.64 4.17 -5.72
N ILE A 149 2.04 4.53 -4.50
CA ILE A 149 3.28 5.25 -4.30
C ILE A 149 4.11 4.60 -3.21
N SER A 150 5.38 4.97 -3.17
CA SER A 150 6.30 4.51 -2.14
C SER A 150 7.39 5.55 -1.97
N ALA A 151 7.59 6.00 -0.73
CA ALA A 151 8.62 7.01 -0.46
C ALA A 151 10.01 6.42 -0.32
N LYS A 152 10.11 5.10 -0.11
CA LYS A 152 11.44 4.49 0.02
C LYS A 152 12.08 4.25 -1.35
N SER A 153 11.30 3.85 -2.33
CA SER A 153 11.81 3.58 -3.68
C SER A 153 11.40 4.64 -4.69
N ASN A 154 10.62 5.65 -4.28
CA ASN A 154 10.17 6.75 -5.14
C ASN A 154 9.25 6.29 -6.27
N TYR A 155 8.66 5.10 -6.14
CA TYR A 155 7.67 4.65 -7.10
C TYR A 155 6.51 5.64 -7.16
N ASN A 156 6.34 6.33 -8.29
CA ASN A 156 5.27 7.31 -8.52
C ASN A 156 5.33 8.49 -7.57
N PHE A 157 6.47 8.76 -6.93
CA PHE A 157 6.50 9.80 -5.92
C PHE A 157 6.33 11.20 -6.50
N GLU A 158 6.49 11.37 -7.82
CA GLU A 158 6.24 12.64 -8.47
C GLU A 158 4.79 12.78 -8.96
N LYS A 159 4.08 11.67 -9.11
CA LYS A 159 2.77 11.70 -9.76
C LYS A 159 1.76 12.58 -9.04
N PRO A 160 1.60 12.53 -7.71
CA PRO A 160 0.56 13.36 -7.07
C PRO A 160 0.78 14.85 -7.26
N PHE A 161 2.04 15.31 -7.26
CA PHE A 161 2.31 16.72 -7.51
C PHE A 161 2.21 17.09 -8.98
N LEU A 162 2.38 16.13 -9.89
CA LEU A 162 2.24 16.43 -11.30
C LEU A 162 0.76 16.52 -11.71
N TRP A 163 -0.08 15.69 -11.08
CA TRP A 163 -1.51 15.73 -11.39
C TRP A 163 -2.15 16.99 -10.83
N LEU A 164 -1.81 17.35 -9.58
CA LEU A 164 -2.35 18.57 -8.99
C LEU A 164 -1.90 19.81 -9.77
N ALA A 165 -0.62 19.87 -10.13
CA ALA A 165 -0.12 21.00 -10.92
C ALA A 165 -0.87 21.12 -12.24
N ARG A 166 -1.18 19.98 -12.86
CA ARG A 166 -2.00 20.03 -14.08
C ARG A 166 -3.40 20.54 -13.77
N LYS A 167 -3.93 20.22 -12.58
CA LYS A 167 -5.29 20.62 -12.23
C LYS A 167 -5.37 22.07 -11.76
N LEU A 168 -4.32 22.57 -11.11
CA LEU A 168 -4.33 23.94 -10.61
C LEU A 168 -3.98 24.94 -11.70
N ILE A 169 -3.09 24.57 -12.63
CA ILE A 169 -2.74 25.48 -13.71
C ILE A 169 -3.75 25.39 -14.85
N GLY A 170 -4.41 24.25 -14.99
CA GLY A 170 -5.36 24.04 -16.06
C GLY A 170 -4.78 23.49 -17.34
N ASP A 171 -3.47 23.20 -17.39
CA ASP A 171 -2.82 22.67 -18.58
C ASP A 171 -2.64 21.17 -18.44
N PRO A 172 -3.37 20.34 -19.19
CA PRO A 172 -3.14 18.89 -19.11
C PRO A 172 -1.78 18.48 -19.63
N ASN A 173 -1.11 19.33 -20.42
CA ASN A 173 0.21 19.04 -20.97
C ASN A 173 1.33 19.71 -20.17
N LEU A 174 1.14 19.85 -18.86
CA LEU A 174 2.20 20.34 -18.00
C LEU A 174 3.17 19.22 -17.67
N GLU A 175 4.47 19.53 -17.70
CA GLU A 175 5.51 18.56 -17.45
C GLU A 175 6.63 19.19 -16.62
N PHE A 176 7.22 18.39 -15.74
CA PHE A 176 8.37 18.85 -14.98
C PHE A 176 9.59 18.93 -15.91
N VAL A 177 10.27 20.07 -15.89
CA VAL A 177 11.45 20.29 -16.74
C VAL A 177 12.66 20.51 -15.85
N ALA A 178 13.84 20.34 -16.45
CA ALA A 178 15.09 20.43 -15.69
C ALA A 178 15.40 21.88 -15.35
N MET A 179 15.70 22.12 -14.07
CA MET A 179 16.09 23.45 -13.63
C MET A 179 17.47 23.80 -14.19
N PRO A 180 17.67 25.04 -14.64
CA PRO A 180 18.95 25.41 -15.26
C PRO A 180 20.09 25.34 -14.25
N ALA A 181 21.22 24.79 -14.69
CA ALA A 181 22.39 24.57 -13.85
C ALA A 181 23.41 25.66 -14.11
N LEU A 182 23.65 26.49 -13.09
CA LEU A 182 24.65 27.56 -13.19
C LEU A 182 26.05 26.96 -13.18
N ALA A 183 27.05 27.81 -13.01
CA ALA A 183 28.39 27.27 -12.93
C ALA A 183 28.86 27.22 -11.48
N PRO A 184 29.55 26.17 -11.08
CA PRO A 184 30.03 26.07 -9.70
C PRO A 184 31.30 26.88 -9.49
N PRO A 185 31.49 27.45 -8.30
CA PRO A 185 32.69 28.26 -8.06
C PRO A 185 33.94 27.42 -7.83
N GLU A 186 35.03 28.05 -7.40
CA GLU A 186 36.28 27.34 -7.14
C GLU A 186 36.89 27.76 -5.80
N ASP A 190 40.53 27.26 2.51
CA ASP A 190 41.65 27.73 3.32
C ASP A 190 42.16 26.64 4.25
N PRO A 191 43.45 26.72 4.62
CA PRO A 191 43.99 25.76 5.60
C PRO A 191 43.50 25.99 7.02
N ALA A 192 42.88 27.14 7.30
CA ALA A 192 42.29 27.39 8.61
C ALA A 192 41.09 26.50 8.92
N LEU A 193 40.56 25.78 7.92
CA LEU A 193 39.45 24.86 8.10
C LEU A 193 39.73 23.47 7.57
N ALA A 194 40.93 23.21 7.05
CA ALA A 194 41.24 21.89 6.49
C ALA A 194 41.26 20.82 7.58
N ALA A 195 41.82 21.12 8.75
CA ALA A 195 41.80 20.16 9.85
C ALA A 195 40.40 19.92 10.37
N GLN A 196 39.47 20.84 10.15
CA GLN A 196 38.08 20.62 10.55
C GLN A 196 37.31 19.84 9.50
N TYR A 197 37.49 20.18 8.22
CA TYR A 197 36.87 19.40 7.15
C TYR A 197 37.41 17.98 7.12
N GLU A 198 38.69 17.80 7.45
CA GLU A 198 39.23 16.45 7.60
C GLU A 198 38.65 15.74 8.81
N HIS A 199 38.37 16.49 9.88
CA HIS A 199 37.77 15.89 11.08
C HIS A 199 36.39 15.32 10.78
N ASP A 200 35.63 15.97 9.89
CA ASP A 200 34.32 15.46 9.51
C ASP A 200 34.41 14.31 8.52
N LEU A 201 35.54 14.18 7.81
CA LEU A 201 35.69 13.10 6.84
C LEU A 201 36.09 11.80 7.51
N GLU A 202 36.91 11.88 8.57
CA GLU A 202 37.31 10.66 9.27
C GLU A 202 36.11 9.97 9.90
N VAL A 203 35.14 10.76 10.39
CA VAL A 203 33.94 10.17 10.96
C VAL A 203 32.98 9.70 9.88
N ALA A 204 32.92 10.42 8.75
CA ALA A 204 32.05 10.01 7.65
C ALA A 204 32.45 8.64 7.13
N GLN A 205 33.76 8.39 6.99
CA GLN A 205 34.23 7.11 6.46
C GLN A 205 33.86 5.95 7.37
N THR A 206 33.95 6.16 8.69
CA THR A 206 33.70 5.12 9.67
C THR A 206 32.22 5.00 10.07
N THR A 207 31.34 5.79 9.46
CA THR A 207 29.90 5.61 9.58
C THR A 207 29.43 4.90 8.31
N ALA A 208 28.91 3.68 8.47
CA ALA A 208 28.56 2.88 7.31
C ALA A 208 27.37 3.48 6.56
N LEU A 209 27.35 3.27 5.26
CA LEU A 209 26.25 3.78 4.47
C LEU A 209 24.99 2.96 4.74
N PRO A 210 23.83 3.61 4.80
CA PRO A 210 22.59 2.86 5.01
C PRO A 210 22.20 2.08 3.77
N ASP A 211 21.52 0.95 3.99
CA ASP A 211 20.94 0.13 2.93
C ASP A 211 22.00 -0.30 1.92
N GLU A 212 22.99 -1.05 2.41
CA GLU A 212 24.06 -1.52 1.53
C GLU A 212 23.61 -2.67 0.63
N ASP A 213 22.49 -3.32 0.97
CA ASP A 213 21.94 -4.39 0.15
C ASP A 213 21.02 -3.88 -0.95
N ASP A 214 20.84 -2.56 -1.05
CA ASP A 214 19.98 -1.98 -2.08
C ASP A 214 20.62 -2.14 -3.46
N ASP A 215 19.95 -1.59 -4.47
CA ASP A 215 20.50 -1.53 -5.82
C ASP A 215 21.42 -0.35 -6.03
N LEU A 216 21.19 0.74 -5.31
CA LEU A 216 21.96 1.96 -5.48
C LEU A 216 22.24 2.62 -4.12
N THR B 17 18.04 24.51 -20.12
CA THR B 17 18.56 23.74 -18.99
C THR B 17 19.93 24.26 -18.57
N MET B 18 20.46 25.21 -19.34
CA MET B 18 21.78 25.80 -19.08
C MET B 18 22.87 24.74 -19.00
N GLU B 19 22.81 23.78 -19.93
CA GLU B 19 23.85 22.77 -20.08
C GLU B 19 24.35 22.64 -21.51
N GLU B 20 23.87 23.48 -22.44
CA GLU B 20 24.20 23.32 -23.85
C GLU B 20 25.68 23.54 -24.12
N ASP B 21 26.24 24.61 -23.58
CA ASP B 21 27.66 24.95 -23.78
C ASP B 21 28.61 24.04 -22.99
N GLU B 22 28.34 22.73 -22.97
CA GLU B 22 29.16 21.79 -22.21
C GLU B 22 29.20 20.44 -22.94
N GLU B 23 30.06 19.56 -22.47
CA GLU B 23 30.27 18.25 -23.08
C GLU B 23 30.19 17.17 -22.01
N VAL B 24 29.73 15.99 -22.41
CA VAL B 24 29.50 14.88 -21.48
C VAL B 24 30.70 13.93 -21.58
N LEU B 25 31.50 13.86 -20.52
CA LEU B 25 32.67 13.00 -20.48
C LEU B 25 32.37 11.65 -19.86
N TYR B 26 31.65 11.64 -18.73
CA TYR B 26 31.29 10.41 -18.05
C TYR B 26 29.84 10.52 -17.60
N LYS B 27 29.15 9.38 -17.57
CA LYS B 27 27.78 9.29 -17.11
C LYS B 27 27.58 7.99 -16.34
N VAL B 28 26.91 8.08 -15.20
CA VAL B 28 26.71 6.92 -14.34
C VAL B 28 25.50 7.16 -13.46
N ARG B 29 24.74 6.10 -13.20
CA ARG B 29 23.65 6.15 -12.24
C ARG B 29 24.19 5.99 -10.83
N ALA B 30 23.72 6.83 -9.91
CA ALA B 30 24.27 6.84 -8.56
C ALA B 30 23.21 7.25 -7.56
N LYS B 31 23.52 7.05 -6.28
CA LYS B 31 22.72 7.54 -5.16
C LYS B 31 23.64 8.40 -4.30
N LEU B 32 23.34 9.69 -4.22
CA LEU B 32 24.21 10.65 -3.53
C LEU B 32 23.81 10.76 -2.07
N PHE B 33 24.82 10.86 -1.19
CA PHE B 33 24.60 10.98 0.24
C PHE B 33 25.37 12.18 0.79
N ARG B 34 24.87 12.72 1.90
N ARG B 34 24.86 12.72 1.89
CA ARG B 34 25.54 13.79 2.61
CA ARG B 34 25.52 13.80 2.61
C ARG B 34 25.56 13.48 4.10
C ARG B 34 25.58 13.44 4.09
N PHE B 35 26.62 13.91 4.76
CA PHE B 35 26.81 13.62 6.17
C PHE B 35 26.21 14.71 7.05
N ASP B 36 25.52 14.28 8.10
CA ASP B 36 24.99 15.17 9.11
C ASP B 36 25.76 14.88 10.39
N ALA B 37 26.95 15.48 10.50
CA ALA B 37 27.82 15.20 11.64
C ALA B 37 27.18 15.60 12.95
N ASP B 38 26.28 16.60 12.92
CA ASP B 38 25.55 16.97 14.13
C ASP B 38 24.67 15.85 14.64
N ALA B 39 24.32 14.89 13.79
CA ALA B 39 23.55 13.72 14.19
C ALA B 39 24.29 12.41 13.98
N LYS B 40 25.46 12.43 13.35
CA LYS B 40 26.25 11.23 13.05
C LYS B 40 25.42 10.23 12.24
N GLU B 41 25.04 10.65 11.04
CA GLU B 41 24.06 9.92 10.24
C GLU B 41 24.18 10.33 8.79
N TRP B 42 24.15 9.34 7.89
CA TRP B 42 24.13 9.63 6.47
C TRP B 42 22.72 9.92 6.01
N LYS B 43 22.56 10.97 5.20
CA LYS B 43 21.28 11.36 4.66
C LYS B 43 21.35 11.41 3.15
N GLU B 44 20.41 10.72 2.49
CA GLU B 44 20.33 10.75 1.04
C GLU B 44 20.11 12.17 0.54
N ARG B 45 20.52 12.41 -0.71
CA ARG B 45 20.30 13.72 -1.29
C ARG B 45 19.74 13.61 -2.71
N GLY B 46 20.04 12.51 -3.41
CA GLY B 46 19.58 12.36 -4.77
C GLY B 46 19.89 11.04 -5.43
N THR B 47 19.05 10.67 -6.40
CA THR B 47 19.22 9.45 -7.19
C THR B 47 18.97 9.77 -8.65
N GLY B 48 19.99 9.56 -9.48
CA GLY B 48 19.84 9.89 -10.88
C GLY B 48 21.14 9.72 -11.63
N ASP B 49 21.20 10.35 -12.80
CA ASP B 49 22.40 10.27 -13.65
C ASP B 49 23.42 11.29 -13.18
N CYS B 50 24.54 10.81 -12.63
CA CYS B 50 25.67 11.66 -12.31
C CYS B 50 26.52 11.87 -13.56
N LYS B 51 26.62 13.11 -14.01
CA LYS B 51 27.31 13.46 -15.25
C LYS B 51 28.54 14.28 -14.95
N PHE B 52 29.59 14.06 -15.73
CA PHE B 52 30.77 14.93 -15.77
C PHE B 52 30.63 15.85 -16.97
N LEU B 53 30.70 17.16 -16.75
CA LEU B 53 30.45 18.16 -17.78
C LEU B 53 31.66 19.07 -17.92
N LYS B 54 32.34 18.97 -19.07
CA LYS B 54 33.48 19.81 -19.38
C LYS B 54 33.02 21.06 -20.14
N ASN B 55 33.38 22.23 -19.62
CA ASN B 55 32.98 23.49 -20.23
C ASN B 55 33.75 23.69 -21.54
N LYS B 56 33.01 23.88 -22.64
CA LYS B 56 33.67 24.09 -23.93
C LYS B 56 34.51 25.35 -23.94
N LYS B 57 34.12 26.36 -23.16
CA LYS B 57 34.81 27.65 -23.18
C LYS B 57 35.91 27.76 -22.13
N THR B 58 35.80 27.04 -21.01
CA THR B 58 36.80 27.13 -19.95
C THR B 58 37.49 25.81 -19.63
N ASN B 59 37.13 24.73 -20.32
CA ASN B 59 37.70 23.39 -20.14
C ASN B 59 37.51 22.85 -18.72
N LYS B 60 36.76 23.54 -17.87
CA LYS B 60 36.52 23.11 -16.50
C LYS B 60 35.49 21.98 -16.48
N VAL B 61 35.78 20.92 -15.74
CA VAL B 61 34.89 19.78 -15.60
C VAL B 61 34.19 19.86 -14.26
N ARG B 62 32.86 19.78 -14.28
CA ARG B 62 32.05 19.83 -13.06
C ARG B 62 31.24 18.56 -12.92
N ILE B 63 30.68 18.38 -11.73
CA ILE B 63 29.72 17.32 -11.45
C ILE B 63 28.33 17.94 -11.45
N LEU B 64 27.41 17.35 -12.22
CA LEU B 64 26.03 17.80 -12.28
C LEU B 64 25.13 16.58 -12.18
N MET B 65 24.44 16.43 -11.05
CA MET B 65 23.56 15.31 -10.80
C MET B 65 22.14 15.82 -10.57
N ARG B 66 21.19 15.24 -11.31
CA ARG B 66 19.77 15.59 -11.19
C ARG B 66 18.97 14.39 -10.71
N ARG B 67 17.98 14.66 -9.87
CA ARG B 67 17.13 13.60 -9.35
C ARG B 67 16.18 13.10 -10.42
N ASP B 68 15.92 11.80 -10.43
CA ASP B 68 15.01 11.22 -11.40
C ASP B 68 13.59 11.74 -11.22
N LYS B 69 12.90 11.86 -12.35
CA LYS B 69 11.50 12.31 -12.44
C LYS B 69 11.37 13.80 -12.18
N THR B 70 11.76 14.28 -10.99
CA THR B 70 11.62 15.69 -10.68
C THR B 70 12.69 16.56 -11.33
N LEU B 71 13.79 15.95 -11.77
CA LEU B 71 14.86 16.65 -12.49
C LEU B 71 15.47 17.79 -11.67
N LYS B 72 15.47 17.65 -10.35
CA LYS B 72 16.06 18.64 -9.47
C LYS B 72 17.52 18.33 -9.23
N ILE B 73 18.34 19.39 -9.23
CA ILE B 73 19.78 19.23 -9.03
C ILE B 73 20.07 18.88 -7.58
N CYS B 74 20.90 17.86 -7.36
CA CYS B 74 21.36 17.50 -6.03
C CYS B 74 22.88 17.55 -5.89
N ALA B 75 23.61 17.83 -6.97
CA ALA B 75 25.06 18.01 -6.91
C ALA B 75 25.49 18.96 -8.02
N ASN B 76 26.27 19.98 -7.65
CA ASN B 76 26.79 20.93 -8.63
C ASN B 76 28.07 21.52 -8.06
N HIS B 77 29.21 20.95 -8.45
CA HIS B 77 30.50 21.41 -7.95
C HIS B 77 31.57 21.09 -8.97
N ILE B 78 32.68 21.81 -8.87
CA ILE B 78 33.84 21.57 -9.73
C ILE B 78 34.59 20.36 -9.21
N ILE B 79 34.97 19.46 -10.11
CA ILE B 79 35.84 18.35 -9.75
C ILE B 79 37.21 18.90 -9.40
N ALA B 80 37.37 19.39 -8.17
CA ALA B 80 38.60 20.05 -7.78
C ALA B 80 39.73 19.03 -7.67
N PRO B 81 40.96 19.41 -8.04
CA PRO B 81 42.08 18.46 -7.96
C PRO B 81 42.54 18.20 -6.53
N GLU B 82 42.14 19.02 -5.56
CA GLU B 82 42.51 18.83 -4.17
C GLU B 82 41.56 17.90 -3.43
N TYR B 83 40.59 17.31 -4.12
CA TYR B 83 39.64 16.39 -3.50
C TYR B 83 40.18 14.96 -3.56
N THR B 84 39.92 14.19 -2.51
CA THR B 84 40.43 12.84 -2.36
C THR B 84 39.27 11.86 -2.15
N LEU B 85 39.32 10.74 -2.87
CA LEU B 85 38.26 9.72 -2.84
C LEU B 85 38.62 8.63 -1.84
N LYS B 86 38.05 8.71 -0.62
CA LYS B 86 38.25 7.70 0.41
C LYS B 86 37.11 6.68 0.39
N PRO B 87 37.35 5.44 0.79
CA PRO B 87 36.28 4.44 0.82
C PRO B 87 35.45 4.53 2.09
N ASN B 88 34.21 4.05 1.98
CA ASN B 88 33.33 3.93 3.13
C ASN B 88 33.54 2.57 3.79
N VAL B 89 33.43 2.55 5.13
CA VAL B 89 33.80 1.36 5.88
C VAL B 89 32.94 0.16 5.49
N GLY B 90 31.74 0.40 4.98
CA GLY B 90 30.85 -0.71 4.68
C GLY B 90 30.40 -0.78 3.24
N SER B 91 31.33 -0.57 2.31
CA SER B 91 30.98 -0.50 0.90
C SER B 91 32.21 -0.58 0.00
N ASP B 92 32.17 -1.45 -1.02
CA ASP B 92 33.18 -1.47 -2.07
C ASP B 92 32.69 -0.81 -3.35
N ARG B 93 31.49 -0.22 -3.33
CA ARG B 93 30.91 0.44 -4.49
C ARG B 93 30.57 1.90 -4.17
N SER B 94 31.36 2.53 -3.30
CA SER B 94 31.06 3.89 -2.88
C SER B 94 32.34 4.67 -2.67
N TRP B 95 32.22 6.00 -2.78
CA TRP B 95 33.32 6.92 -2.54
C TRP B 95 32.83 8.05 -1.62
N VAL B 96 33.68 8.42 -0.68
CA VAL B 96 33.37 9.46 0.30
C VAL B 96 34.41 10.57 0.15
N TYR B 97 33.98 11.74 -0.31
CA TYR B 97 34.89 12.87 -0.42
C TYR B 97 34.20 14.13 0.12
N ALA B 98 35.02 15.10 0.48
CA ALA B 98 34.55 16.35 1.07
C ALA B 98 34.49 17.43 0.01
N CYS B 99 33.35 18.11 -0.08
CA CYS B 99 33.14 19.19 -1.02
C CYS B 99 33.13 20.52 -0.27
N THR B 100 33.68 21.56 -0.89
CA THR B 100 33.81 22.85 -0.24
C THR B 100 32.94 23.94 -0.87
N ALA B 101 32.29 23.66 -2.00
CA ALA B 101 31.46 24.67 -2.65
C ALA B 101 30.50 23.95 -3.60
N ASP B 102 29.32 23.57 -3.06
CA ASP B 102 28.26 22.99 -3.84
C ASP B 102 27.10 23.98 -3.95
N ILE B 103 26.61 24.18 -5.17
CA ILE B 103 25.60 25.20 -5.44
C ILE B 103 24.32 24.54 -5.94
N ALA B 104 23.99 23.37 -5.41
CA ALA B 104 22.77 22.67 -5.83
C ALA B 104 21.53 23.38 -5.33
N GLU B 105 21.51 23.76 -4.04
CA GLU B 105 20.35 24.38 -3.43
C GLU B 105 20.53 25.88 -3.20
N GLY B 106 21.56 26.50 -3.78
CA GLY B 106 21.74 27.92 -3.63
C GLY B 106 23.19 28.35 -3.50
N GLU B 107 23.56 28.88 -2.33
CA GLU B 107 24.91 29.36 -2.11
C GLU B 107 25.90 28.20 -2.05
N ALA B 108 27.18 28.52 -2.19
CA ALA B 108 28.24 27.52 -2.23
C ALA B 108 28.50 26.92 -0.86
N GLU B 109 27.57 26.11 -0.36
CA GLU B 109 27.76 25.43 0.90
C GLU B 109 28.78 24.29 0.75
N ALA B 110 29.39 23.91 1.87
CA ALA B 110 30.36 22.82 1.91
C ALA B 110 29.72 21.56 2.50
N PHE B 111 30.01 20.41 1.90
CA PHE B 111 29.37 19.15 2.26
C PHE B 111 30.39 18.03 2.32
N THR B 112 30.11 17.03 3.17
CA THR B 112 30.83 15.77 3.17
C THR B 112 29.96 14.75 2.44
N PHE B 113 30.42 14.34 1.26
CA PHE B 113 29.60 13.58 0.32
C PHE B 113 29.94 12.10 0.34
N ALA B 114 28.99 11.29 -0.10
CA ALA B 114 29.21 9.89 -0.41
C ALA B 114 28.34 9.54 -1.60
N ILE B 115 28.94 8.89 -2.60
CA ILE B 115 28.25 8.55 -3.84
C ILE B 115 28.38 7.05 -4.05
N ARG B 116 27.26 6.38 -4.27
CA ARG B 116 27.21 4.93 -4.42
C ARG B 116 26.69 4.57 -5.81
N PHE B 117 27.21 3.48 -6.34
CA PHE B 117 26.88 3.03 -7.70
C PHE B 117 26.35 1.60 -7.66
N GLY B 118 25.89 1.15 -8.82
CA GLY B 118 25.20 -0.13 -8.89
C GLY B 118 26.11 -1.32 -8.66
N SER B 119 27.38 -1.19 -9.02
CA SER B 119 28.34 -2.28 -8.89
C SER B 119 29.70 -1.70 -8.55
N LYS B 120 30.64 -2.60 -8.24
CA LYS B 120 32.00 -2.17 -7.95
C LYS B 120 32.71 -1.66 -9.20
N GLU B 121 32.35 -2.18 -10.37
CA GLU B 121 32.99 -1.74 -11.61
C GLU B 121 32.73 -0.25 -11.84
N ASN B 122 31.46 0.17 -11.73
CA ASN B 122 31.12 1.57 -11.94
C ASN B 122 31.81 2.48 -10.94
N ALA B 123 32.05 1.99 -9.72
CA ALA B 123 32.74 2.79 -8.72
C ALA B 123 34.22 2.96 -9.05
N ASP B 124 34.89 1.86 -9.41
CA ASP B 124 36.29 1.95 -9.81
C ASP B 124 36.43 2.75 -11.11
N LYS B 125 35.51 2.56 -12.05
CA LYS B 125 35.49 3.39 -13.25
C LYS B 125 35.23 4.85 -12.92
N PHE B 126 34.40 5.10 -11.90
CA PHE B 126 34.14 6.47 -11.47
C PHE B 126 35.41 7.12 -10.95
N LYS B 127 36.20 6.37 -10.17
CA LYS B 127 37.47 6.91 -9.69
C LYS B 127 38.43 7.20 -10.84
N GLU B 128 38.33 6.45 -11.93
CA GLU B 128 39.15 6.71 -13.10
C GLU B 128 38.79 8.05 -13.74
N GLU B 129 37.52 8.20 -14.13
CA GLU B 129 37.08 9.44 -14.75
C GLU B 129 37.12 10.62 -13.77
N PHE B 130 37.21 10.35 -12.46
CA PHE B 130 37.30 11.43 -11.49
C PHE B 130 38.74 11.93 -11.34
N GLU B 131 39.72 11.06 -11.54
CA GLU B 131 41.12 11.49 -11.50
C GLU B 131 41.59 12.01 -12.85
N LYS B 132 40.98 11.57 -13.95
CA LYS B 132 41.19 12.24 -15.24
C LYS B 132 40.70 13.67 -15.18
N ALA B 133 39.45 13.86 -14.77
CA ALA B 133 38.87 15.20 -14.69
C ALA B 133 39.58 16.05 -13.65
N GLN B 134 40.19 15.42 -12.66
CA GLN B 134 41.01 16.17 -11.72
C GLN B 134 42.22 16.80 -12.41
N GLU B 135 42.69 16.19 -13.50
CA GLU B 135 43.85 16.71 -14.22
C GLU B 135 43.46 17.83 -15.19
N ILE B 136 42.30 17.70 -15.83
CA ILE B 136 41.86 18.73 -16.77
C ILE B 136 41.59 20.04 -16.05
N ASN B 137 41.23 19.98 -14.75
CA ASN B 137 41.04 21.19 -13.96
C ASN B 137 42.35 21.78 -13.47
N LYS B 138 43.49 21.10 -13.67
CA LYS B 138 44.78 21.68 -13.34
C LYS B 138 45.30 22.56 -14.47
N LYS B 139 44.98 22.23 -15.71
CA LYS B 139 45.40 23.02 -16.86
C LYS B 139 44.86 24.45 -16.79
N SER C 3 5.27 36.89 23.03
CA SER C 3 4.37 38.00 23.35
C SER C 3 2.95 37.73 22.87
N MET C 4 2.81 36.80 21.93
CA MET C 4 1.49 36.41 21.45
C MET C 4 0.78 35.46 22.40
N GLU C 5 1.49 34.92 23.39
CA GLU C 5 0.95 33.94 24.33
C GLU C 5 0.07 34.57 25.41
N GLY C 6 -0.45 35.77 25.17
CA GLY C 6 -1.30 36.43 26.15
C GLY C 6 -2.71 35.89 26.20
N ILE C 7 -3.26 35.46 25.06
CA ILE C 7 -4.61 34.90 25.03
C ILE C 7 -4.71 33.57 25.75
N LEU C 8 -3.59 32.96 26.12
CA LEU C 8 -3.61 31.72 26.88
C LEU C 8 -3.89 31.94 28.36
N ASP C 9 -3.75 33.17 28.85
CA ASP C 9 -4.05 33.49 30.25
C ASP C 9 -5.54 33.73 30.39
N PHE C 10 -6.27 32.73 30.90
CA PHE C 10 -7.71 32.83 31.05
C PHE C 10 -8.12 33.55 32.33
N SER C 11 -7.17 33.85 33.22
CA SER C 11 -7.51 34.58 34.44
C SER C 11 -7.99 36.00 34.13
N ASN C 12 -7.56 36.55 33.00
CA ASN C 12 -8.01 37.85 32.53
C ASN C 12 -9.15 37.66 31.52
N ASP C 13 -9.55 38.74 30.87
CA ASP C 13 -10.49 38.65 29.77
C ASP C 13 -9.74 38.38 28.46
N LEU C 14 -10.49 38.01 27.43
CA LEU C 14 -9.91 37.67 26.14
C LEU C 14 -9.85 38.89 25.23
N ASP C 15 -8.72 39.06 24.53
CA ASP C 15 -8.58 40.11 23.53
C ASP C 15 -9.00 39.54 22.18
N ILE C 16 -10.22 39.87 21.76
CA ILE C 16 -10.76 39.35 20.50
C ILE C 16 -9.91 39.80 19.33
N ALA C 17 -9.49 41.07 19.33
CA ALA C 17 -8.66 41.57 18.25
C ALA C 17 -7.29 40.91 18.23
N LEU C 18 -6.77 40.52 19.40
CA LEU C 18 -5.50 39.79 19.44
C LEU C 18 -5.68 38.35 18.95
N LEU C 19 -6.82 37.74 19.24
CA LEU C 19 -7.12 36.42 18.67
C LEU C 19 -7.13 36.47 17.16
N ASP C 20 -7.75 37.50 16.58
CA ASP C 20 -7.78 37.64 15.12
C ASP C 20 -6.38 37.87 14.55
N GLN C 21 -5.48 38.47 15.32
CA GLN C 21 -4.10 38.59 14.89
C GLN C 21 -3.39 37.24 14.95
N VAL C 22 -3.53 36.53 16.08
CA VAL C 22 -2.89 35.22 16.23
C VAL C 22 -3.38 34.25 15.17
N VAL C 23 -4.67 34.33 14.82
CA VAL C 23 -5.23 33.42 13.82
C VAL C 23 -4.65 33.72 12.44
N SER C 24 -4.74 34.98 12.01
CA SER C 24 -4.24 35.35 10.69
C SER C 24 -2.74 35.14 10.58
N THR C 25 -2.00 35.34 11.66
CA THR C 25 -0.56 35.07 11.64
C THR C 25 -0.30 33.59 11.36
N PHE C 26 -1.22 32.72 11.74
CA PHE C 26 -1.07 31.30 11.45
C PHE C 26 -1.55 30.94 10.05
N TYR C 27 -2.66 31.51 9.60
CA TYR C 27 -3.19 31.19 8.27
C TYR C 27 -2.44 31.95 7.17
N GLN C 28 -2.49 33.28 7.21
CA GLN C 28 -1.86 34.09 6.18
C GLN C 28 -0.36 34.31 6.40
N GLY C 29 0.15 34.03 7.60
CA GLY C 29 1.55 34.23 7.88
C GLY C 29 2.41 33.09 7.36
N SER C 30 3.69 33.16 7.71
CA SER C 30 4.66 32.16 7.31
C SER C 30 5.86 32.24 8.25
N GLY C 31 6.71 31.23 8.17
CA GLY C 31 7.95 31.24 8.92
C GLY C 31 7.77 30.84 10.37
N VAL C 32 8.67 31.35 11.22
CA VAL C 32 8.65 30.99 12.62
C VAL C 32 7.50 31.68 13.35
N GLN C 33 7.08 32.85 12.87
CA GLN C 33 5.92 33.52 13.46
C GLN C 33 4.65 32.74 13.21
N GLN C 34 4.55 32.03 12.08
CA GLN C 34 3.40 31.17 11.85
C GLN C 34 3.43 29.96 12.75
N LYS C 35 4.62 29.38 12.96
CA LYS C 35 4.73 28.20 13.81
C LYS C 35 4.37 28.51 15.26
N GLN C 36 4.85 29.65 15.78
CA GLN C 36 4.49 30.04 17.13
C GLN C 36 3.01 30.37 17.24
N ALA C 37 2.44 31.00 16.21
CA ALA C 37 1.01 31.26 16.20
C ALA C 37 0.20 29.98 16.25
N GLN C 38 0.75 28.86 15.77
CA GLN C 38 0.03 27.61 15.79
C GLN C 38 0.06 26.97 17.17
N GLU C 39 1.24 26.90 17.79
CA GLU C 39 1.35 26.31 19.12
C GLU C 39 0.53 27.07 20.16
N ILE C 40 0.12 28.30 19.85
CA ILE C 40 -0.78 29.05 20.72
C ILE C 40 -2.23 28.73 20.41
N LEU C 41 -2.60 28.82 19.12
CA LEU C 41 -3.96 28.47 18.72
C LEU C 41 -4.30 27.03 19.08
N THR C 42 -3.32 26.13 19.03
CA THR C 42 -3.56 24.76 19.48
C THR C 42 -3.75 24.72 21.00
N LYS C 43 -2.86 25.38 21.74
CA LYS C 43 -3.00 25.41 23.20
C LYS C 43 -4.29 26.10 23.62
N PHE C 44 -4.67 27.16 22.90
CA PHE C 44 -5.95 27.80 23.17
C PHE C 44 -7.10 26.82 22.97
N GLN C 45 -7.02 25.99 21.92
CA GLN C 45 -8.11 25.06 21.63
C GLN C 45 -8.19 23.95 22.67
N ASP C 46 -7.04 23.41 23.09
CA ASP C 46 -6.98 22.30 24.03
C ASP C 46 -7.27 22.72 25.47
N ASN C 47 -7.56 23.98 25.72
CA ASN C 47 -7.91 24.42 27.07
C ASN C 47 -9.29 23.90 27.44
N PRO C 48 -9.42 23.11 28.52
CA PRO C 48 -10.73 22.51 28.82
C PRO C 48 -11.82 23.51 29.11
N ASP C 49 -11.48 24.76 29.42
CA ASP C 49 -12.45 25.82 29.67
C ASP C 49 -12.55 26.81 28.53
N ALA C 50 -11.89 26.55 27.41
CA ALA C 50 -11.91 27.49 26.28
C ALA C 50 -13.29 27.61 25.66
N TRP C 51 -14.14 26.59 25.79
CA TRP C 51 -15.49 26.68 25.24
C TRP C 51 -16.29 27.79 25.87
N GLN C 52 -15.95 28.20 27.09
CA GLN C 52 -16.70 29.25 27.77
C GLN C 52 -16.57 30.59 27.06
N LYS C 53 -15.58 30.76 26.19
CA LYS C 53 -15.34 32.00 25.48
C LYS C 53 -15.82 31.95 24.04
N ALA C 54 -16.49 30.87 23.64
CA ALA C 54 -16.91 30.73 22.24
C ALA C 54 -18.04 31.70 21.88
N ASP C 55 -18.83 32.12 22.87
CA ASP C 55 -19.90 33.07 22.59
C ASP C 55 -19.39 34.49 22.40
N GLN C 56 -18.18 34.80 22.88
CA GLN C 56 -17.56 36.09 22.54
C GLN C 56 -17.06 36.09 21.11
N ILE C 57 -16.29 35.06 20.74
CA ILE C 57 -15.69 34.99 19.41
C ILE C 57 -16.76 34.99 18.32
N LEU C 58 -17.81 34.19 18.51
CA LEU C 58 -18.85 34.11 17.50
C LEU C 58 -19.68 35.38 17.39
N GLN C 59 -19.73 36.18 18.46
CA GLN C 59 -20.49 37.42 18.45
C GLN C 59 -19.64 38.64 18.07
N PHE C 60 -18.41 38.71 18.57
CA PHE C 60 -17.61 39.93 18.47
C PHE C 60 -16.52 39.89 17.41
N SER C 61 -15.98 38.72 17.09
CA SER C 61 -14.85 38.64 16.18
C SER C 61 -15.24 38.98 14.75
N THR C 62 -14.25 39.44 13.98
CA THR C 62 -14.40 39.72 12.57
C THR C 62 -13.64 38.75 11.68
N ASN C 63 -12.85 37.84 12.27
CA ASN C 63 -12.12 36.85 11.51
C ASN C 63 -12.95 35.59 11.37
N PRO C 64 -13.34 35.20 10.15
CA PRO C 64 -14.14 33.96 10.02
C PRO C 64 -13.38 32.72 10.47
N GLN C 65 -12.06 32.73 10.39
CA GLN C 65 -11.27 31.60 10.85
C GLN C 65 -11.20 31.53 12.37
N SER C 66 -11.50 32.63 13.06
CA SER C 66 -11.62 32.56 14.52
C SER C 66 -12.95 31.93 14.92
N LYS C 67 -14.03 32.34 14.27
CA LYS C 67 -15.33 31.74 14.54
C LYS C 67 -15.37 30.27 14.16
N PHE C 68 -14.49 29.83 13.26
CA PHE C 68 -14.39 28.41 12.95
C PHE C 68 -13.80 27.64 14.13
N ILE C 69 -12.67 28.13 14.67
CA ILE C 69 -12.04 27.46 15.80
C ILE C 69 -12.93 27.54 17.04
N ALA C 70 -13.70 28.63 17.18
CA ALA C 70 -14.67 28.68 18.27
C ALA C 70 -15.63 27.51 18.16
N LEU C 71 -16.14 27.24 16.96
CA LEU C 71 -17.02 26.09 16.78
C LEU C 71 -16.28 24.78 16.98
N SER C 72 -15.00 24.72 16.63
CA SER C 72 -14.20 23.52 16.90
C SER C 72 -14.15 23.22 18.40
N ILE C 73 -14.01 24.26 19.22
CA ILE C 73 -14.03 24.05 20.67
C ILE C 73 -15.42 23.64 21.11
N LEU C 74 -16.46 24.22 20.50
CA LEU C 74 -17.82 23.81 20.82
C LEU C 74 -18.08 22.38 20.39
N ASP C 75 -17.60 22.00 19.20
CA ASP C 75 -17.75 20.62 18.74
C ASP C 75 -17.18 19.66 19.77
N LYS C 76 -15.98 19.95 20.28
CA LYS C 76 -15.37 19.09 21.29
C LYS C 76 -16.22 19.04 22.54
N LEU C 77 -16.76 20.18 22.97
CA LEU C 77 -17.57 20.21 24.18
C LEU C 77 -18.87 19.47 24.00
N ILE C 78 -19.54 19.67 22.85
CA ILE C 78 -20.81 18.98 22.60
C ILE C 78 -20.58 17.48 22.46
N THR C 79 -19.43 17.08 21.94
CA THR C 79 -19.17 15.66 21.73
C THR C 79 -18.87 14.92 23.03
N ARG C 80 -17.94 15.43 23.83
CA ARG C 80 -17.36 14.67 24.93
C ARG C 80 -17.92 15.01 26.30
N LYS C 81 -18.43 16.23 26.52
CA LYS C 81 -18.88 16.63 27.85
C LYS C 81 -20.26 17.29 27.84
N TRP C 82 -21.05 17.06 26.81
CA TRP C 82 -22.38 17.69 26.73
C TRP C 82 -23.27 17.30 27.89
N LYS C 83 -23.14 16.07 28.39
CA LYS C 83 -23.99 15.61 29.47
C LYS C 83 -23.48 16.04 30.84
N LEU C 84 -22.20 16.38 30.95
CA LEU C 84 -21.65 16.95 32.17
C LEU C 84 -22.01 18.42 32.35
N LEU C 85 -22.62 19.03 31.34
CA LEU C 85 -23.00 20.43 31.43
C LEU C 85 -24.20 20.60 32.37
N PRO C 86 -24.26 21.71 33.09
CA PRO C 86 -25.53 22.12 33.70
C PRO C 86 -26.59 22.29 32.62
N ASN C 87 -27.84 21.97 32.98
CA ASN C 87 -28.91 21.98 31.98
C ASN C 87 -29.18 23.38 31.42
N ASP C 88 -28.66 24.42 32.06
CA ASP C 88 -28.86 25.78 31.57
C ASP C 88 -28.03 26.03 30.31
N HIS C 89 -26.75 25.64 30.34
CA HIS C 89 -25.84 25.91 29.23
C HIS C 89 -26.29 25.18 27.97
N ARG C 90 -26.85 23.98 28.12
CA ARG C 90 -27.22 23.17 26.96
C ARG C 90 -28.26 23.88 26.09
N ILE C 91 -29.08 24.74 26.68
CA ILE C 91 -30.06 25.50 25.91
C ILE C 91 -29.52 26.87 25.51
N GLY C 92 -28.55 27.42 26.24
CA GLY C 92 -27.90 28.64 25.79
C GLY C 92 -27.06 28.40 24.53
N ILE C 93 -26.28 27.31 24.52
CA ILE C 93 -25.50 26.96 23.34
C ILE C 93 -26.43 26.63 22.17
N ARG C 94 -27.46 25.81 22.42
CA ARG C 94 -28.39 25.44 21.37
C ARG C 94 -29.08 26.66 20.78
N ASN C 95 -29.51 27.61 21.63
CA ASN C 95 -30.15 28.80 21.10
C ASN C 95 -29.13 29.75 20.46
N PHE C 96 -27.90 29.81 20.99
CA PHE C 96 -26.90 30.68 20.40
C PHE C 96 -26.51 30.21 19.01
N VAL C 97 -26.37 28.90 18.81
CA VAL C 97 -26.02 28.37 17.51
C VAL C 97 -27.18 28.52 16.53
N VAL C 98 -28.40 28.21 16.97
CA VAL C 98 -29.56 28.36 16.11
C VAL C 98 -29.75 29.82 15.74
N GLY C 99 -29.68 30.72 16.73
CA GLY C 99 -29.84 32.13 16.46
C GLY C 99 -28.77 32.70 15.56
N MET C 100 -27.55 32.15 15.64
CA MET C 100 -26.46 32.62 14.78
C MET C 100 -26.68 32.17 13.33
N ILE C 101 -27.05 30.91 13.14
CA ILE C 101 -27.29 30.41 11.78
C ILE C 101 -28.40 31.21 11.10
N ILE C 102 -29.43 31.58 11.86
CA ILE C 102 -30.50 32.40 11.31
C ILE C 102 -29.96 33.76 10.87
N SER C 103 -29.03 34.33 11.65
CA SER C 103 -28.52 35.67 11.35
C SER C 103 -27.70 35.68 10.07
N MET C 104 -27.04 34.57 9.73
CA MET C 104 -26.21 34.51 8.54
C MET C 104 -27.02 34.30 7.26
N CYS C 105 -28.23 33.72 7.37
CA CYS C 105 -29.09 33.59 6.20
C CYS C 105 -29.78 34.89 5.83
N GLN C 106 -29.81 35.86 6.74
CA GLN C 106 -30.44 37.14 6.45
C GLN C 106 -29.50 38.08 5.71
N ASP C 107 -28.22 38.05 6.06
CA ASP C 107 -27.21 38.91 5.44
C ASP C 107 -26.63 38.16 4.24
N ASP C 108 -27.14 38.46 3.05
CA ASP C 108 -26.66 37.80 1.84
C ASP C 108 -25.16 37.99 1.63
N GLU C 109 -24.59 39.06 2.18
CA GLU C 109 -23.13 39.21 2.14
C GLU C 109 -22.45 38.10 2.93
N VAL C 110 -23.08 37.62 3.99
CA VAL C 110 -22.52 36.53 4.77
C VAL C 110 -22.87 35.19 4.16
N PHE C 111 -24.13 35.01 3.75
CA PHE C 111 -24.57 33.73 3.19
C PHE C 111 -23.79 33.36 1.93
N LYS C 112 -23.30 34.37 1.20
CA LYS C 112 -22.60 34.15 -0.06
C LYS C 112 -21.09 34.00 0.11
N THR C 113 -20.48 34.83 0.95
CA THR C 113 -19.03 34.94 1.05
C THR C 113 -18.44 34.22 2.25
N GLN C 114 -19.24 33.43 2.98
N GLN C 114 -19.25 33.43 2.97
CA GLN C 114 -18.75 32.72 4.16
CA GLN C 114 -18.80 32.73 4.17
C GLN C 114 -19.39 31.33 4.24
C GLN C 114 -19.43 31.34 4.22
N LYS C 115 -19.16 30.52 3.20
CA LYS C 115 -19.69 29.17 3.18
C LYS C 115 -19.03 28.29 4.23
N ASN C 116 -17.73 28.48 4.49
CA ASN C 116 -17.03 27.66 5.47
C ASN C 116 -17.65 27.81 6.86
N LEU C 117 -17.85 29.05 7.30
CA LEU C 117 -18.40 29.29 8.63
C LEU C 117 -19.84 28.80 8.75
N ILE C 118 -20.61 28.89 7.67
CA ILE C 118 -21.99 28.43 7.71
C ILE C 118 -22.04 26.91 7.76
N ASN C 119 -21.26 26.24 6.92
CA ASN C 119 -21.24 24.78 6.93
C ASN C 119 -20.74 24.26 8.27
N LYS C 120 -19.71 24.89 8.82
CA LYS C 120 -19.23 24.51 10.15
C LYS C 120 -20.33 24.70 11.19
N SER C 121 -21.08 25.80 11.09
CA SER C 121 -22.17 26.04 12.03
C SER C 121 -23.25 24.98 11.91
N ASP C 122 -23.65 24.65 10.67
CA ASP C 122 -24.67 23.63 10.48
C ASP C 122 -24.24 22.28 11.06
N LEU C 123 -22.95 21.97 10.99
CA LEU C 123 -22.47 20.71 11.54
C LEU C 123 -22.48 20.74 13.06
N THR C 124 -22.08 21.85 13.66
CA THR C 124 -22.18 21.99 15.12
C THR C 124 -23.64 21.88 15.56
N LEU C 125 -24.56 22.41 14.74
CA LEU C 125 -25.98 22.21 15.04
C LEU C 125 -26.35 20.73 15.00
N VAL C 126 -25.78 19.97 14.07
CA VAL C 126 -26.09 18.56 13.98
C VAL C 126 -25.54 17.81 15.18
N GLN C 127 -24.37 18.22 15.68
CA GLN C 127 -23.79 17.57 16.85
C GLN C 127 -24.68 17.76 18.08
N ILE C 128 -25.44 18.86 18.12
CA ILE C 128 -26.42 19.05 19.18
C ILE C 128 -27.62 18.12 18.96
N LEU C 129 -28.10 18.04 17.72
CA LEU C 129 -29.21 17.13 17.42
C LEU C 129 -28.88 15.70 17.80
N LYS C 130 -27.63 15.28 17.62
CA LYS C 130 -27.21 13.95 18.04
C LYS C 130 -27.31 13.77 19.56
N GLN C 131 -27.35 14.86 20.32
CA GLN C 131 -27.40 14.80 21.78
C GLN C 131 -28.80 15.07 22.35
N GLU C 132 -29.59 15.94 21.70
CA GLU C 132 -30.86 16.39 22.25
C GLU C 132 -32.08 16.00 21.44
N TRP C 133 -31.94 15.71 20.15
CA TRP C 133 -33.07 15.46 19.25
C TRP C 133 -33.34 13.96 19.12
N PRO C 134 -34.62 13.56 19.05
CA PRO C 134 -35.80 14.41 19.17
C PRO C 134 -36.43 14.42 20.56
N GLN C 135 -35.82 13.73 21.53
CA GLN C 135 -36.45 13.61 22.85
C GLN C 135 -36.58 14.95 23.54
N ASN C 136 -35.65 15.89 23.30
CA ASN C 136 -35.69 17.21 23.91
C ASN C 136 -35.77 18.31 22.85
N TRP C 137 -36.28 17.98 21.66
CA TRP C 137 -36.42 18.95 20.58
C TRP C 137 -37.38 18.43 19.52
N PRO C 138 -38.59 18.00 19.90
CA PRO C 138 -39.45 17.30 18.93
C PRO C 138 -39.95 18.17 17.80
N GLU C 139 -40.04 19.48 18.02
CA GLU C 139 -40.55 20.41 17.01
C GLU C 139 -39.50 20.79 15.97
N PHE C 140 -38.31 20.20 16.01
CA PHE C 140 -37.22 20.65 15.13
C PHE C 140 -37.59 20.50 13.66
N ILE C 141 -37.98 19.30 13.25
CA ILE C 141 -38.31 19.07 11.84
C ILE C 141 -39.51 19.91 11.38
N PRO C 142 -40.64 19.96 12.10
CA PRO C 142 -41.72 20.84 11.64
C PRO C 142 -41.32 22.30 11.58
N GLU C 143 -40.62 22.81 12.59
CA GLU C 143 -40.14 24.19 12.55
C GLU C 143 -39.10 24.39 11.47
N LEU C 144 -38.31 23.35 11.16
CA LEU C 144 -37.37 23.44 10.06
C LEU C 144 -38.10 23.64 8.73
N ILE C 145 -39.29 23.05 8.60
CA ILE C 145 -40.03 23.15 7.35
C ILE C 145 -40.75 24.50 7.24
N GLY C 146 -41.28 25.00 8.36
CA GLY C 146 -41.88 26.32 8.33
C GLY C 146 -40.87 27.42 8.06
N SER C 147 -39.67 27.29 8.62
CA SER C 147 -38.62 28.27 8.37
C SER C 147 -38.13 28.23 6.93
N SER C 148 -38.37 27.14 6.21
CA SER C 148 -37.88 27.00 4.84
C SER C 148 -38.72 27.74 3.82
N SER C 149 -39.96 28.09 4.16
CA SER C 149 -40.82 28.84 3.26
C SER C 149 -40.71 30.36 3.46
N SER C 150 -39.85 30.81 4.37
CA SER C 150 -39.70 32.22 4.69
C SER C 150 -38.50 32.87 4.04
N SER C 151 -37.64 32.09 3.37
CA SER C 151 -36.46 32.61 2.71
C SER C 151 -35.86 31.53 1.84
N VAL C 152 -35.20 31.96 0.76
CA VAL C 152 -34.46 31.01 -0.08
C VAL C 152 -33.17 30.60 0.62
N ASN C 153 -32.50 31.55 1.26
CA ASN C 153 -31.24 31.25 1.94
C ASN C 153 -31.42 30.32 3.12
N VAL C 154 -32.56 30.38 3.80
CA VAL C 154 -32.83 29.47 4.91
C VAL C 154 -33.15 28.08 4.39
N CYS C 155 -34.07 27.99 3.43
CA CYS C 155 -34.43 26.71 2.86
C CYS C 155 -33.21 25.99 2.31
N GLU C 156 -32.34 26.71 1.59
CA GLU C 156 -31.13 26.10 1.06
C GLU C 156 -30.22 25.62 2.17
N ASN C 157 -30.01 26.45 3.20
CA ASN C 157 -29.19 26.03 4.32
C ASN C 157 -29.83 24.88 5.09
N ASN C 158 -31.16 24.84 5.15
CA ASN C 158 -31.81 23.71 5.80
C ASN C 158 -31.52 22.41 5.07
N MET C 159 -31.36 22.46 3.75
CA MET C 159 -30.94 21.28 3.01
C MET C 159 -29.52 20.86 3.37
N ILE C 160 -28.70 21.78 3.84
CA ILE C 160 -27.35 21.45 4.28
C ILE C 160 -27.37 20.77 5.64
N VAL C 161 -28.21 21.24 6.56
CA VAL C 161 -28.35 20.62 7.87
C VAL C 161 -28.84 19.18 7.73
N LEU C 162 -29.89 18.99 6.92
CA LEU C 162 -30.42 17.64 6.73
C LEU C 162 -29.41 16.75 6.04
N LYS C 163 -28.59 17.31 5.15
CA LYS C 163 -27.54 16.53 4.49
C LYS C 163 -26.54 16.02 5.50
N LEU C 164 -26.01 16.91 6.33
CA LEU C 164 -25.06 16.51 7.37
C LEU C 164 -25.72 15.59 8.39
N LEU C 165 -26.99 15.84 8.71
CA LEU C 165 -27.69 15.00 9.67
C LEU C 165 -27.80 13.57 9.17
N SER C 166 -28.24 13.38 7.92
CA SER C 166 -28.37 12.04 7.36
C SER C 166 -27.02 11.34 7.30
N GLU C 167 -25.94 12.10 7.02
CA GLU C 167 -24.61 11.51 7.02
C GLU C 167 -24.22 11.01 8.41
N GLU C 168 -24.33 11.87 9.42
CA GLU C 168 -23.89 11.52 10.77
C GLU C 168 -24.71 10.39 11.37
N VAL C 169 -25.94 10.20 10.92
CA VAL C 169 -26.83 9.17 11.48
C VAL C 169 -26.71 7.84 10.74
N PHE C 170 -26.69 7.88 9.40
CA PHE C 170 -26.72 6.64 8.61
C PHE C 170 -25.39 6.28 7.97
N ASP C 171 -24.47 7.23 7.80
CA ASP C 171 -23.25 6.99 7.04
C ASP C 171 -21.99 6.91 7.87
N PHE C 172 -21.95 7.53 9.05
CA PHE C 172 -20.74 7.56 9.86
C PHE C 172 -21.07 7.35 11.32
N SER C 173 -22.08 6.53 11.62
CA SER C 173 -22.48 6.34 13.01
C SER C 173 -21.95 5.05 13.61
N ALA C 174 -21.49 4.11 12.79
CA ALA C 174 -21.10 2.82 13.33
C ALA C 174 -19.91 2.94 14.27
N GLU C 175 -18.93 3.75 13.90
CA GLU C 175 -17.73 3.89 14.74
C GLU C 175 -17.87 4.95 15.82
N GLN C 176 -18.81 5.88 15.68
CA GLN C 176 -18.82 7.09 16.50
C GLN C 176 -19.88 7.10 17.60
N MET C 177 -20.93 6.30 17.49
CA MET C 177 -21.96 6.25 18.52
C MET C 177 -22.34 4.81 18.82
N THR C 178 -23.05 4.62 19.92
CA THR C 178 -23.45 3.29 20.34
C THR C 178 -24.60 2.77 19.47
N GLN C 179 -24.71 1.44 19.40
CA GLN C 179 -25.77 0.84 18.58
C GLN C 179 -27.14 1.28 19.06
N ALA C 180 -27.29 1.54 20.37
CA ALA C 180 -28.54 2.05 20.88
C ALA C 180 -28.81 3.47 20.38
N LYS C 181 -27.84 4.37 20.57
CA LYS C 181 -28.05 5.75 20.15
C LYS C 181 -28.13 5.87 18.64
N ALA C 182 -27.41 5.01 17.92
CA ALA C 182 -27.50 5.00 16.46
C ALA C 182 -28.90 4.61 16.01
N LEU C 183 -29.39 3.46 16.48
CA LEU C 183 -30.73 3.01 16.15
C LEU C 183 -31.78 4.05 16.56
N HIS C 184 -31.53 4.78 17.64
CA HIS C 184 -32.48 5.80 18.07
C HIS C 184 -32.67 6.88 17.02
N LEU C 185 -31.56 7.40 16.48
CA LEU C 185 -31.66 8.48 15.50
C LEU C 185 -32.13 7.99 14.13
N LYS C 186 -31.74 6.77 13.73
CA LYS C 186 -32.29 6.19 12.51
C LYS C 186 -33.81 6.08 12.59
N ASN C 187 -34.32 5.59 13.72
CA ASN C 187 -35.77 5.51 13.91
C ASN C 187 -36.39 6.89 13.91
N SER C 188 -35.72 7.86 14.54
CA SER C 188 -36.29 9.20 14.66
C SER C 188 -36.41 9.88 13.30
N MET C 189 -35.43 9.67 12.42
CA MET C 189 -35.50 10.30 11.10
C MET C 189 -36.50 9.62 10.19
N SER C 190 -36.67 8.31 10.33
CA SER C 190 -37.65 7.60 9.50
C SER C 190 -39.07 8.02 9.86
N LYS C 191 -39.34 8.24 11.16
CA LYS C 191 -40.67 8.63 11.58
C LYS C 191 -41.03 10.03 11.08
N GLU C 192 -40.05 10.86 10.73
CA GLU C 192 -40.30 12.22 10.29
C GLU C 192 -39.81 12.47 8.86
N PHE C 193 -39.62 11.42 8.07
CA PHE C 193 -39.08 11.63 6.72
C PHE C 193 -40.16 11.99 5.71
N GLU C 194 -41.39 11.50 5.89
CA GLU C 194 -42.46 11.85 4.96
C GLU C 194 -42.62 13.36 4.86
N GLN C 195 -42.41 14.07 5.97
CA GLN C 195 -42.46 15.53 5.96
C GLN C 195 -41.21 16.12 5.31
N ILE C 196 -40.07 15.42 5.41
CA ILE C 196 -38.83 15.90 4.80
C ILE C 196 -38.88 15.74 3.30
N PHE C 197 -39.39 14.60 2.83
CA PHE C 197 -39.48 14.38 1.38
C PHE C 197 -40.45 15.34 0.73
N LYS C 198 -41.51 15.72 1.44
CA LYS C 198 -42.46 16.70 0.92
C LYS C 198 -41.75 18.02 0.61
N LEU C 199 -40.96 18.52 1.56
CA LEU C 199 -40.18 19.73 1.34
C LEU C 199 -39.19 19.54 0.19
N CYS C 200 -38.51 18.38 0.15
CA CYS C 200 -37.52 18.13 -0.89
CA CYS C 200 -37.52 18.14 -0.89
C CYS C 200 -38.16 18.10 -2.27
N PHE C 201 -39.23 17.32 -2.43
CA PHE C 201 -39.88 17.20 -3.73
C PHE C 201 -40.51 18.52 -4.17
N GLN C 202 -41.03 19.31 -3.23
CA GLN C 202 -41.58 20.61 -3.59
C GLN C 202 -40.51 21.52 -4.16
N VAL C 203 -39.37 21.63 -3.44
CA VAL C 203 -38.29 22.51 -3.88
C VAL C 203 -37.74 22.06 -5.23
N LEU C 204 -37.69 20.75 -5.47
CA LEU C 204 -37.20 20.27 -6.76
C LEU C 204 -38.16 20.60 -7.90
N GLU C 205 -39.46 20.69 -7.61
CA GLU C 205 -40.46 20.93 -8.65
C GLU C 205 -40.82 22.40 -8.82
N GLN C 206 -40.77 23.20 -7.75
CA GLN C 206 -41.13 24.62 -7.79
C GLN C 206 -39.98 25.53 -8.19
N GLY C 207 -38.79 24.98 -8.47
CA GLY C 207 -37.61 25.79 -8.73
C GLY C 207 -37.26 26.66 -7.52
N SER C 208 -36.45 27.69 -7.78
CA SER C 208 -35.91 27.99 -9.10
C SER C 208 -34.43 28.38 -9.00
N SER C 209 -34.00 28.68 -7.77
CA SER C 209 -32.60 29.06 -7.53
C SER C 209 -31.72 27.82 -7.64
N SER C 210 -30.72 27.90 -8.53
N SER C 210 -30.71 27.89 -8.51
CA SER C 210 -29.84 26.76 -8.76
CA SER C 210 -29.87 26.71 -8.74
C SER C 210 -29.06 26.37 -7.50
C SER C 210 -29.01 26.37 -7.52
N SER C 211 -28.65 27.37 -6.72
CA SER C 211 -27.94 27.07 -5.47
C SER C 211 -28.82 26.27 -4.53
N LEU C 212 -30.10 26.66 -4.43
CA LEU C 212 -31.05 25.90 -3.62
C LEU C 212 -31.33 24.52 -4.23
N ILE C 213 -31.43 24.44 -5.55
CA ILE C 213 -31.72 23.17 -6.21
C ILE C 213 -30.60 22.18 -5.95
N VAL C 214 -29.34 22.61 -6.11
CA VAL C 214 -28.22 21.69 -5.97
C VAL C 214 -28.11 21.22 -4.53
N ALA C 215 -28.15 22.15 -3.57
CA ALA C 215 -28.10 21.77 -2.15
C ALA C 215 -29.23 20.81 -1.80
N THR C 216 -30.38 20.93 -2.46
CA THR C 216 -31.47 19.98 -2.26
C THR C 216 -31.12 18.62 -2.85
N LEU C 217 -30.56 18.61 -4.08
CA LEU C 217 -30.19 17.37 -4.72
C LEU C 217 -29.08 16.65 -3.96
N GLU C 218 -28.17 17.40 -3.32
N GLU C 218 -28.17 17.42 -3.33
CA GLU C 218 -27.09 16.77 -2.58
CA GLU C 218 -27.09 16.81 -2.56
C GLU C 218 -27.58 16.13 -1.29
C GLU C 218 -27.61 16.09 -1.32
N SER C 219 -28.71 16.57 -0.74
CA SER C 219 -29.30 15.88 0.39
C SER C 219 -30.07 14.63 -0.05
N LEU C 220 -30.64 14.67 -1.25
CA LEU C 220 -31.31 13.48 -1.79
C LEU C 220 -30.32 12.33 -1.99
N LEU C 221 -29.10 12.66 -2.42
CA LEU C 221 -28.07 11.62 -2.59
C LEU C 221 -27.84 10.86 -1.29
N ARG C 222 -27.82 11.57 -0.16
CA ARG C 222 -27.64 10.93 1.13
C ARG C 222 -28.86 10.12 1.55
N TYR C 223 -30.07 10.55 1.16
CA TYR C 223 -31.27 9.83 1.54
C TYR C 223 -31.35 8.48 0.83
N LEU C 224 -30.90 8.42 -0.42
CA LEU C 224 -31.01 7.18 -1.18
C LEU C 224 -30.18 6.05 -0.58
N HIS C 225 -29.39 6.33 0.46
CA HIS C 225 -28.67 5.28 1.18
C HIS C 225 -29.59 4.42 2.04
N TRP C 226 -30.78 4.91 2.40
CA TRP C 226 -31.57 4.24 3.43
C TRP C 226 -33.07 4.38 3.31
N ILE C 227 -33.56 5.34 2.53
CA ILE C 227 -35.01 5.59 2.50
C ILE C 227 -35.74 4.43 1.83
N PRO C 228 -36.99 4.16 2.22
CA PRO C 228 -37.76 3.12 1.52
C PRO C 228 -37.96 3.44 0.06
N TYR C 229 -38.12 2.39 -0.74
CA TYR C 229 -38.10 2.52 -2.20
C TYR C 229 -39.29 3.28 -2.73
N ARG C 230 -40.37 3.42 -1.94
CA ARG C 230 -41.58 4.04 -2.47
C ARG C 230 -41.39 5.52 -2.73
N TYR C 231 -40.50 6.18 -1.98
CA TYR C 231 -40.21 7.59 -2.23
C TYR C 231 -39.53 7.82 -3.58
N ILE C 232 -38.99 6.78 -4.20
CA ILE C 232 -38.32 6.90 -5.49
C ILE C 232 -39.25 6.49 -6.63
N TYR C 233 -40.01 5.42 -6.44
CA TYR C 233 -40.77 4.80 -7.51
C TYR C 233 -42.26 5.13 -7.47
N GLU C 234 -42.80 5.51 -6.31
CA GLU C 234 -44.21 5.83 -6.20
C GLU C 234 -44.48 7.33 -6.25
N THR C 235 -43.49 8.13 -6.63
CA THR C 235 -43.70 9.55 -6.86
C THR C 235 -43.34 9.90 -8.30
N ASN C 236 -43.09 11.17 -8.58
CA ASN C 236 -42.69 11.62 -9.91
C ASN C 236 -41.26 12.14 -9.91
N ILE C 237 -40.43 11.70 -8.96
CA ILE C 237 -39.12 12.31 -8.78
C ILE C 237 -38.09 11.71 -9.74
N LEU C 238 -38.25 10.44 -10.13
CA LEU C 238 -37.35 9.88 -11.13
C LEU C 238 -37.52 10.57 -12.47
N GLU C 239 -38.74 10.99 -12.81
CA GLU C 239 -38.96 11.75 -14.03
C GLU C 239 -38.19 13.07 -14.01
N LEU C 240 -38.13 13.72 -12.84
CA LEU C 240 -37.43 15.00 -12.74
C LEU C 240 -35.92 14.81 -12.76
N LEU C 241 -35.43 13.77 -12.10
CA LEU C 241 -34.00 13.52 -12.09
C LEU C 241 -33.49 13.16 -13.49
N SER C 242 -34.28 12.40 -14.24
CA SER C 242 -33.79 11.92 -15.53
C SER C 242 -34.04 12.91 -16.65
N THR C 243 -35.02 13.81 -16.53
CA THR C 243 -35.32 14.77 -17.58
C THR C 243 -34.89 16.18 -17.21
N LYS C 244 -35.41 16.73 -16.11
CA LYS C 244 -35.26 18.16 -15.86
C LYS C 244 -33.84 18.53 -15.46
N PHE C 245 -33.21 17.71 -14.61
CA PHE C 245 -31.97 18.09 -13.96
C PHE C 245 -30.73 17.61 -14.70
N MET C 246 -30.87 16.88 -15.80
CA MET C 246 -29.72 16.47 -16.59
C MET C 246 -29.34 17.50 -17.64
N THR C 247 -30.09 18.60 -17.75
CA THR C 247 -29.81 19.61 -18.77
C THR C 247 -28.94 20.74 -18.26
N SER C 248 -29.03 21.07 -16.97
CA SER C 248 -28.24 22.15 -16.39
C SER C 248 -26.95 21.60 -15.81
N PRO C 249 -25.77 22.10 -16.20
CA PRO C 249 -24.52 21.53 -15.68
C PRO C 249 -24.36 21.69 -14.18
N ASP C 250 -25.01 22.67 -13.56
CA ASP C 250 -24.93 22.83 -12.11
C ASP C 250 -25.55 21.64 -11.39
N THR C 251 -26.69 21.15 -11.87
CA THR C 251 -27.34 20.01 -11.27
C THR C 251 -26.95 18.69 -11.90
N ARG C 252 -26.38 18.73 -13.10
CA ARG C 252 -26.13 17.50 -13.85
C ARG C 252 -25.24 16.54 -13.08
N ALA C 253 -24.21 17.07 -12.40
CA ALA C 253 -23.24 16.21 -11.72
C ALA C 253 -23.87 15.47 -10.54
N ILE C 254 -24.63 16.18 -9.71
CA ILE C 254 -25.23 15.55 -8.54
C ILE C 254 -26.41 14.67 -8.94
N THR C 255 -27.19 15.09 -9.95
CA THR C 255 -28.30 14.27 -10.42
C THR C 255 -27.82 12.91 -10.91
N LEU C 256 -26.71 12.91 -11.66
CA LEU C 256 -26.14 11.65 -12.12
C LEU C 256 -25.73 10.76 -10.95
N LYS C 257 -25.16 11.35 -9.90
CA LYS C 257 -24.79 10.59 -8.71
C LYS C 257 -26.03 10.03 -8.00
N CYS C 258 -27.13 10.79 -8.00
CA CYS C 258 -28.37 10.29 -7.44
C CYS C 258 -28.91 9.12 -8.24
N LEU C 259 -28.99 9.27 -9.57
CA LEU C 259 -29.45 8.17 -10.41
C LEU C 259 -28.52 6.96 -10.33
N THR C 260 -27.22 7.19 -10.15
CA THR C 260 -26.30 6.08 -9.90
C THR C 260 -26.67 5.34 -8.62
N GLU C 261 -27.14 6.06 -7.59
CA GLU C 261 -27.60 5.39 -6.38
C GLU C 261 -28.93 4.70 -6.60
N VAL C 262 -29.87 5.35 -7.29
CA VAL C 262 -31.18 4.75 -7.55
C VAL C 262 -31.03 3.41 -8.25
N SER C 263 -30.01 3.28 -9.07
CA SER C 263 -29.70 2.00 -9.73
C SER C 263 -29.27 0.90 -8.74
N ASN C 264 -29.37 1.14 -7.42
CA ASN C 264 -28.92 0.18 -6.41
C ASN C 264 -29.84 0.15 -5.20
N LEU C 265 -31.12 0.45 -5.38
CA LEU C 265 -32.05 0.49 -4.27
C LEU C 265 -32.66 -0.89 -4.00
N LYS C 266 -33.56 -0.95 -3.02
CA LYS C 266 -34.33 -2.17 -2.76
C LYS C 266 -35.52 -2.18 -3.71
N ILE C 267 -35.54 -3.15 -4.64
CA ILE C 267 -36.52 -3.20 -5.70
C ILE C 267 -37.11 -4.60 -5.79
N PRO C 268 -38.41 -4.79 -5.54
CA PRO C 268 -39.02 -6.09 -5.81
C PRO C 268 -39.05 -6.40 -7.29
N GLN C 269 -38.17 -7.31 -7.75
CA GLN C 269 -38.02 -7.62 -9.16
C GLN C 269 -39.18 -8.48 -9.70
N ASP C 270 -40.32 -8.50 -9.01
CA ASP C 270 -41.54 -9.15 -9.49
C ASP C 270 -42.57 -8.16 -10.02
N ASN C 271 -42.49 -6.89 -9.60
CA ASN C 271 -43.46 -5.88 -10.01
C ASN C 271 -43.10 -5.35 -11.39
N ASP C 272 -44.04 -5.48 -12.33
CA ASP C 272 -43.80 -5.08 -13.71
C ASP C 272 -43.84 -3.58 -13.91
N LEU C 273 -44.25 -2.80 -12.90
CA LEU C 273 -44.32 -1.34 -13.04
C LEU C 273 -43.03 -0.66 -12.61
N ILE C 274 -42.41 -1.13 -11.52
CA ILE C 274 -41.11 -0.59 -11.11
C ILE C 274 -40.08 -0.84 -12.20
N LYS C 275 -40.20 -1.96 -12.92
CA LYS C 275 -39.29 -2.22 -14.04
C LYS C 275 -39.42 -1.16 -15.13
N ARG C 276 -40.64 -0.74 -15.45
CA ARG C 276 -40.83 0.33 -16.41
C ARG C 276 -40.22 1.63 -15.89
N GLN C 277 -40.33 1.87 -14.58
CA GLN C 277 -39.68 3.03 -13.98
C GLN C 277 -38.16 2.92 -14.06
N THR C 278 -37.61 1.73 -13.83
CA THR C 278 -36.16 1.54 -13.93
C THR C 278 -35.68 1.64 -15.37
N VAL C 279 -36.52 1.27 -16.33
CA VAL C 279 -36.15 1.45 -17.74
C VAL C 279 -36.36 2.90 -18.18
N LEU C 280 -37.39 3.56 -17.64
CA LEU C 280 -37.73 4.90 -18.11
C LEU C 280 -36.66 5.92 -17.73
N PHE C 281 -36.25 5.94 -16.46
CA PHE C 281 -35.27 6.95 -16.07
C PHE C 281 -33.93 6.69 -16.76
N PHE C 282 -33.63 5.43 -17.09
CA PHE C 282 -32.43 5.16 -17.88
C PHE C 282 -32.60 5.68 -19.31
N GLN C 283 -33.79 5.52 -19.86
CA GLN C 283 -34.05 6.03 -21.21
C GLN C 283 -33.92 7.54 -21.24
N ASN C 284 -34.58 8.24 -20.31
CA ASN C 284 -34.50 9.70 -20.29
C ASN C 284 -33.07 10.18 -20.08
N THR C 285 -32.35 9.59 -19.13
CA THR C 285 -30.99 10.01 -18.84
C THR C 285 -30.11 9.95 -20.08
N LEU C 286 -30.07 8.78 -20.74
CA LEU C 286 -29.29 8.63 -21.96
C LEU C 286 -29.76 9.55 -23.08
N GLN C 287 -31.02 10.00 -23.02
CA GLN C 287 -31.52 10.92 -24.04
C GLN C 287 -31.04 12.35 -23.78
N GLN C 288 -31.10 12.81 -22.53
CA GLN C 288 -30.59 14.14 -22.20
C GLN C 288 -29.08 14.23 -22.40
N ILE C 289 -28.37 13.12 -22.22
CA ILE C 289 -26.93 13.13 -22.46
C ILE C 289 -26.65 13.25 -23.95
N ALA C 290 -27.47 12.58 -24.78
CA ALA C 290 -27.24 12.59 -26.21
C ALA C 290 -27.57 13.93 -26.84
N THR C 291 -28.49 14.69 -26.25
CA THR C 291 -28.91 15.96 -26.84
C THR C 291 -28.28 17.17 -26.16
N SER C 292 -28.10 17.13 -24.85
CA SER C 292 -27.66 18.29 -24.09
C SER C 292 -26.18 18.27 -23.74
N VAL C 293 -25.49 17.14 -23.88
CA VAL C 293 -24.08 17.06 -23.51
C VAL C 293 -23.21 16.74 -24.73
N MET C 294 -23.18 15.49 -25.15
CA MET C 294 -22.42 15.12 -26.35
C MET C 294 -23.04 13.86 -26.96
N PRO C 295 -22.97 13.71 -28.27
CA PRO C 295 -23.56 12.52 -28.91
C PRO C 295 -22.74 11.28 -28.65
N VAL C 296 -23.29 10.15 -29.10
CA VAL C 296 -22.67 8.85 -28.84
C VAL C 296 -21.44 8.61 -29.69
N THR C 297 -21.22 9.44 -30.72
CA THR C 297 -20.05 9.30 -31.57
C THR C 297 -18.92 10.25 -31.21
N ALA C 298 -19.09 11.07 -30.15
CA ALA C 298 -18.06 12.04 -29.79
C ALA C 298 -16.83 11.35 -29.19
N ASP C 299 -15.65 11.83 -29.59
CA ASP C 299 -14.38 11.33 -29.09
C ASP C 299 -14.18 11.69 -27.62
N LEU C 300 -14.60 10.79 -26.72
CA LEU C 300 -14.48 11.04 -25.30
C LEU C 300 -13.05 10.92 -24.80
N LYS C 301 -12.20 10.15 -25.50
CA LYS C 301 -10.78 10.14 -25.19
C LYS C 301 -10.19 11.55 -25.33
N ALA C 302 -10.63 12.30 -26.35
CA ALA C 302 -10.12 13.64 -26.57
C ALA C 302 -10.73 14.65 -25.59
N THR C 303 -12.01 14.49 -25.26
CA THR C 303 -12.63 15.37 -24.28
C THR C 303 -11.95 15.24 -22.92
N TYR C 304 -11.68 14.00 -22.49
CA TYR C 304 -11.04 13.77 -21.20
C TYR C 304 -9.63 14.38 -21.19
N ALA C 305 -8.90 14.24 -22.29
CA ALA C 305 -7.53 14.73 -22.38
C ALA C 305 -7.44 16.26 -22.38
N ASN C 306 -8.56 16.96 -22.56
CA ASN C 306 -8.54 18.42 -22.59
C ASN C 306 -8.89 19.05 -21.24
N ALA C 307 -9.55 18.29 -20.35
CA ALA C 307 -9.79 18.71 -18.97
C ALA C 307 -10.55 20.02 -18.87
N ASN C 308 -11.46 20.27 -19.81
CA ASN C 308 -12.27 21.49 -19.78
C ASN C 308 -13.28 21.42 -18.65
N GLY C 309 -13.16 22.35 -17.70
CA GLY C 309 -14.15 22.49 -16.65
C GLY C 309 -14.30 21.27 -15.78
N ASN C 310 -15.42 20.55 -15.94
CA ASN C 310 -15.74 19.38 -15.14
C ASN C 310 -15.86 18.12 -15.98
N ASP C 311 -15.36 18.16 -17.23
CA ASP C 311 -15.56 17.02 -18.13
C ASP C 311 -14.99 15.73 -17.56
N GLN C 312 -13.78 15.79 -17.00
CA GLN C 312 -13.14 14.58 -16.50
C GLN C 312 -13.90 13.97 -15.33
N SER C 313 -14.77 14.73 -14.66
CA SER C 313 -15.61 14.16 -13.61
C SER C 313 -16.97 13.72 -14.12
N PHE C 314 -17.55 14.43 -15.10
CA PHE C 314 -18.78 13.94 -15.71
C PHE C 314 -18.54 12.58 -16.35
N LEU C 315 -17.49 12.46 -17.16
CA LEU C 315 -17.18 11.19 -17.81
C LEU C 315 -16.87 10.11 -16.78
N GLN C 316 -16.20 10.50 -15.69
CA GLN C 316 -16.02 9.59 -14.56
C GLN C 316 -17.38 9.14 -14.02
N ASP C 317 -18.28 10.09 -13.79
CA ASP C 317 -19.58 9.77 -13.21
C ASP C 317 -20.49 9.07 -14.22
N LEU C 318 -20.36 9.40 -15.50
CA LEU C 318 -21.12 8.69 -16.53
C LEU C 318 -20.66 7.24 -16.65
N ALA C 319 -19.37 6.99 -16.46
CA ALA C 319 -18.86 5.61 -16.45
C ALA C 319 -19.44 4.84 -15.27
N MET C 320 -19.50 5.48 -14.10
CA MET C 320 -20.05 4.83 -12.91
C MET C 320 -21.54 4.54 -13.06
N PHE C 321 -22.29 5.49 -13.66
CA PHE C 321 -23.73 5.32 -13.81
C PHE C 321 -24.06 4.15 -14.73
N LEU C 322 -23.42 4.11 -15.91
CA LEU C 322 -23.71 3.07 -16.88
C LEU C 322 -23.28 1.70 -16.38
N THR C 323 -22.06 1.60 -15.84
CA THR C 323 -21.59 0.32 -15.32
C THR C 323 -22.47 -0.15 -14.16
N THR C 324 -22.88 0.77 -13.28
CA THR C 324 -23.73 0.38 -12.15
C THR C 324 -25.09 -0.11 -12.63
N TYR C 325 -25.71 0.64 -13.54
CA TYR C 325 -27.05 0.28 -14.00
C TYR C 325 -27.01 -0.98 -14.84
N LEU C 326 -26.12 -1.05 -15.82
CA LEU C 326 -26.16 -2.16 -16.76
C LEU C 326 -25.70 -3.47 -16.12
N ALA C 327 -24.88 -3.40 -15.08
CA ALA C 327 -24.50 -4.61 -14.35
C ALA C 327 -25.65 -5.18 -13.53
N ARG C 328 -26.75 -4.45 -13.41
CA ARG C 328 -27.89 -4.86 -12.60
C ARG C 328 -29.22 -4.83 -13.34
N ASN C 329 -29.33 -4.12 -14.47
CA ASN C 329 -30.62 -3.93 -15.12
C ASN C 329 -30.59 -4.18 -16.63
N ARG C 330 -29.46 -4.61 -17.20
CA ARG C 330 -29.41 -4.75 -18.65
C ARG C 330 -30.30 -5.88 -19.15
N ALA C 331 -30.73 -6.79 -18.27
CA ALA C 331 -31.66 -7.83 -18.68
C ALA C 331 -33.04 -7.26 -19.00
N LEU C 332 -33.42 -6.15 -18.35
CA LEU C 332 -34.66 -5.45 -18.69
C LEU C 332 -34.64 -4.93 -20.12
N LEU C 333 -33.46 -4.66 -20.68
CA LEU C 333 -33.36 -4.08 -22.00
C LEU C 333 -33.10 -5.10 -23.10
N GLU C 334 -32.78 -6.34 -22.74
CA GLU C 334 -32.33 -7.32 -23.73
C GLU C 334 -33.48 -8.10 -24.38
N SER C 335 -34.67 -8.08 -23.78
CA SER C 335 -35.82 -8.82 -24.30
C SER C 335 -36.65 -7.99 -25.27
N ASP C 336 -37.06 -6.79 -24.85
CA ASP C 336 -37.85 -5.92 -25.70
C ASP C 336 -37.03 -5.44 -26.90
N GLU C 337 -37.68 -5.37 -28.06
CA GLU C 337 -37.02 -4.89 -29.26
C GLU C 337 -37.08 -3.38 -29.42
N SER C 338 -37.96 -2.70 -28.69
CA SER C 338 -37.96 -1.24 -28.66
C SER C 338 -36.92 -0.67 -27.70
N LEU C 339 -36.27 -1.53 -26.91
CA LEU C 339 -35.20 -1.13 -26.01
C LEU C 339 -33.83 -1.51 -26.54
N ARG C 340 -33.78 -2.20 -27.70
CA ARG C 340 -32.51 -2.70 -28.22
C ARG C 340 -31.54 -1.55 -28.50
N GLU C 341 -32.02 -0.46 -29.09
CA GLU C 341 -31.14 0.66 -29.43
C GLU C 341 -30.67 1.40 -28.18
N LEU C 342 -31.57 1.57 -27.19
CA LEU C 342 -31.17 2.16 -25.92
C LEU C 342 -30.08 1.32 -25.25
N LEU C 343 -30.24 0.01 -25.26
CA LEU C 343 -29.22 -0.86 -24.68
C LEU C 343 -27.88 -0.70 -25.40
N LEU C 344 -27.91 -0.68 -26.74
CA LEU C 344 -26.67 -0.61 -27.50
C LEU C 344 -26.01 0.76 -27.39
N ASN C 345 -26.79 1.84 -27.50
CA ASN C 345 -26.22 3.18 -27.33
C ASN C 345 -25.52 3.30 -25.98
N ALA C 346 -26.16 2.79 -24.92
CA ALA C 346 -25.55 2.80 -23.60
C ALA C 346 -24.20 2.08 -23.62
N HIS C 347 -24.12 0.92 -24.26
CA HIS C 347 -22.85 0.21 -24.35
C HIS C 347 -21.86 0.93 -25.25
N GLN C 348 -22.35 1.65 -26.27
CA GLN C 348 -21.45 2.40 -27.14
C GLN C 348 -20.81 3.57 -26.42
N TYR C 349 -21.54 4.21 -25.49
CA TYR C 349 -20.89 5.19 -24.62
C TYR C 349 -19.77 4.56 -23.83
N LEU C 350 -20.01 3.36 -23.28
CA LEU C 350 -18.97 2.66 -22.53
C LEU C 350 -17.77 2.35 -23.40
N ILE C 351 -18.01 1.93 -24.65
CA ILE C 351 -16.89 1.70 -25.57
C ILE C 351 -16.03 2.95 -25.70
N GLN C 352 -16.67 4.12 -25.83
CA GLN C 352 -15.92 5.37 -25.93
C GLN C 352 -15.14 5.65 -24.65
N LEU C 353 -15.80 5.50 -23.49
CA LEU C 353 -15.12 5.72 -22.22
C LEU C 353 -13.93 4.77 -22.07
N SER C 354 -14.09 3.51 -22.53
CA SER C 354 -13.01 2.54 -22.43
C SER C 354 -11.76 2.95 -23.20
N LYS C 355 -11.89 3.88 -24.15
CA LYS C 355 -10.74 4.40 -24.88
C LYS C 355 -10.02 5.53 -24.16
N ILE C 356 -10.59 6.05 -23.08
CA ILE C 356 -9.96 7.17 -22.37
C ILE C 356 -8.67 6.71 -21.71
N GLU C 357 -7.61 7.49 -21.90
CA GLU C 357 -6.33 7.23 -21.26
C GLU C 357 -6.44 7.72 -19.81
N GLU C 358 -6.92 6.83 -18.96
CA GLU C 358 -7.04 7.09 -17.52
C GLU C 358 -7.11 5.72 -16.86
N ARG C 359 -6.05 5.36 -16.13
CA ARG C 359 -5.89 3.98 -15.68
C ARG C 359 -7.00 3.57 -14.72
N GLU C 360 -7.30 4.42 -13.74
CA GLU C 360 -8.35 4.08 -12.79
C GLU C 360 -9.73 4.06 -13.46
N LEU C 361 -9.95 4.93 -14.43
CA LEU C 361 -11.20 4.89 -15.18
C LEU C 361 -11.30 3.62 -16.01
N PHE C 362 -10.19 3.24 -16.66
CA PHE C 362 -10.18 2.04 -17.48
C PHE C 362 -10.47 0.81 -16.64
N LYS C 363 -9.82 0.69 -15.46
CA LYS C 363 -10.07 -0.44 -14.58
C LYS C 363 -11.53 -0.52 -14.17
N THR C 364 -12.23 0.62 -14.13
CA THR C 364 -13.64 0.60 -13.78
C THR C 364 -14.46 -0.08 -14.88
N THR C 365 -14.36 0.44 -16.11
CA THR C 365 -15.12 -0.11 -17.21
C THR C 365 -14.71 -1.54 -17.53
N LEU C 366 -13.42 -1.87 -17.35
CA LEU C 366 -12.98 -3.24 -17.56
C LEU C 366 -13.72 -4.20 -16.66
N ASP C 367 -13.97 -3.81 -15.40
CA ASP C 367 -14.71 -4.68 -14.49
C ASP C 367 -16.12 -4.94 -15.00
N TYR C 368 -16.71 -3.98 -15.72
CA TYR C 368 -18.02 -4.25 -16.30
C TYR C 368 -17.89 -5.17 -17.52
N TRP C 369 -16.94 -4.89 -18.40
CA TRP C 369 -16.73 -5.78 -19.54
C TRP C 369 -16.52 -7.22 -19.07
N HIS C 370 -15.73 -7.41 -18.02
CA HIS C 370 -15.62 -8.72 -17.40
C HIS C 370 -16.99 -9.26 -17.02
N ASN C 371 -17.83 -8.41 -16.44
CA ASN C 371 -19.18 -8.82 -16.06
C ASN C 371 -20.00 -9.23 -17.29
N LEU C 372 -19.88 -8.46 -18.38
CA LEU C 372 -20.70 -8.72 -19.56
C LEU C 372 -20.22 -9.98 -20.30
N VAL C 373 -18.94 -10.02 -20.66
CA VAL C 373 -18.46 -11.12 -21.49
C VAL C 373 -18.55 -12.45 -20.75
N ALA C 374 -18.46 -12.44 -19.42
CA ALA C 374 -18.71 -13.67 -18.67
C ALA C 374 -20.18 -14.06 -18.75
N ASP C 375 -21.08 -13.08 -18.85
CA ASP C 375 -22.50 -13.40 -18.97
C ASP C 375 -22.82 -13.91 -20.37
N LEU C 376 -22.19 -13.35 -21.40
CA LEU C 376 -22.39 -13.85 -22.76
C LEU C 376 -21.74 -15.20 -22.99
N PHE C 377 -20.80 -15.61 -22.13
CA PHE C 377 -20.17 -16.92 -22.21
C PHE C 377 -21.03 -18.00 -21.56
N TYR C 378 -21.91 -17.64 -20.63
CA TYR C 378 -22.73 -18.62 -19.91
C TYR C 378 -24.22 -18.49 -20.20
N GLU C 379 -24.77 -17.29 -20.23
CA GLU C 379 -26.21 -17.12 -20.40
C GLU C 379 -26.60 -17.35 -21.86
N PRO C 380 -27.66 -18.12 -22.13
CA PRO C 380 -28.02 -18.44 -23.50
C PRO C 380 -28.71 -17.29 -24.22
N LEU C 381 -28.52 -17.26 -25.55
CA LEU C 381 -29.17 -16.36 -26.49
C LEU C 381 -28.76 -14.90 -26.34
N LYS C 382 -27.88 -14.58 -25.40
CA LYS C 382 -27.52 -13.18 -25.13
C LYS C 382 -26.32 -12.72 -25.96
N LYS C 383 -25.45 -13.63 -26.39
CA LYS C 383 -24.17 -13.22 -26.96
C LYS C 383 -24.32 -12.50 -28.30
N HIS C 384 -25.40 -12.74 -29.03
CA HIS C 384 -25.56 -12.14 -30.36
C HIS C 384 -26.03 -10.69 -30.28
N ILE C 385 -26.55 -10.26 -29.13
CA ILE C 385 -26.98 -8.88 -28.97
C ILE C 385 -25.78 -7.93 -28.96
N TYR C 386 -24.60 -8.42 -28.64
CA TYR C 386 -23.42 -7.60 -28.41
C TYR C 386 -22.28 -7.88 -29.37
N GLU C 387 -22.57 -8.47 -30.54
CA GLU C 387 -21.49 -8.82 -31.46
C GLU C 387 -20.73 -7.58 -31.91
N GLU C 388 -21.44 -6.48 -32.19
CA GLU C 388 -20.77 -5.25 -32.57
C GLU C 388 -20.10 -4.58 -31.38
N ILE C 389 -20.71 -4.67 -30.18
CA ILE C 389 -20.06 -4.18 -28.98
C ILE C 389 -18.79 -4.97 -28.70
N CYS C 390 -18.85 -6.30 -28.83
CA CYS C 390 -17.69 -7.12 -28.57
C CYS C 390 -16.61 -6.95 -29.65
N SER C 391 -17.03 -6.72 -30.89
CA SER C 391 -16.06 -6.50 -31.96
C SER C 391 -15.15 -5.32 -31.63
N GLN C 392 -15.74 -4.18 -31.27
CA GLN C 392 -14.93 -3.03 -30.89
C GLN C 392 -14.16 -3.29 -29.61
N LEU C 393 -14.75 -4.05 -28.68
CA LEU C 393 -14.11 -4.29 -27.39
C LEU C 393 -12.78 -5.01 -27.57
N ARG C 394 -12.73 -5.97 -28.51
CA ARG C 394 -11.49 -6.69 -28.77
C ARG C 394 -10.37 -5.73 -29.13
N LEU C 395 -10.63 -4.80 -30.06
CA LEU C 395 -9.62 -3.82 -30.43
C LEU C 395 -9.25 -2.94 -29.23
N VAL C 396 -10.25 -2.54 -28.43
CA VAL C 396 -9.98 -1.68 -27.28
C VAL C 396 -8.98 -2.34 -26.35
N ILE C 397 -9.11 -3.65 -26.15
CA ILE C 397 -8.25 -4.32 -25.18
C ILE C 397 -6.92 -4.71 -25.80
N ILE C 398 -6.92 -5.13 -27.07
CA ILE C 398 -5.68 -5.47 -27.73
C ILE C 398 -4.74 -4.26 -27.78
N GLU C 399 -5.30 -3.05 -27.82
CA GLU C 399 -4.49 -1.85 -27.93
C GLU C 399 -4.10 -1.25 -26.59
N ASN C 400 -4.59 -1.81 -25.47
CA ASN C 400 -4.22 -1.34 -24.14
C ASN C 400 -3.80 -2.52 -23.25
N MET C 401 -3.11 -3.50 -23.82
CA MET C 401 -2.65 -4.66 -23.07
C MET C 401 -1.40 -4.29 -22.27
N VAL C 402 -1.46 -4.45 -20.95
CA VAL C 402 -0.36 -4.08 -20.07
C VAL C 402 0.66 -5.20 -20.02
N ARG C 403 1.86 -4.90 -19.53
CA ARG C 403 2.91 -5.93 -19.44
C ARG C 403 2.57 -6.93 -18.35
N PRO C 404 2.58 -8.24 -18.66
CA PRO C 404 2.29 -9.29 -17.67
C PRO C 404 3.42 -9.55 -16.67
N THR C 427 0.31 -3.25 -14.00
CA THR C 427 -0.08 -4.00 -12.80
C THR C 427 -0.23 -5.47 -13.15
N ILE C 428 0.20 -6.33 -12.21
CA ILE C 428 0.06 -7.77 -12.38
C ILE C 428 -1.40 -8.20 -12.40
N GLN C 429 -2.28 -7.42 -11.79
CA GLN C 429 -3.71 -7.76 -11.72
C GLN C 429 -4.51 -7.19 -12.88
N LEU C 430 -4.09 -6.04 -13.40
CA LEU C 430 -4.74 -5.49 -14.59
C LEU C 430 -4.58 -6.42 -15.79
N TYR C 431 -3.41 -7.06 -15.92
CA TYR C 431 -3.20 -7.98 -17.02
C TYR C 431 -4.11 -9.20 -16.92
N LYS C 432 -4.12 -9.85 -15.75
CA LYS C 432 -4.97 -11.03 -15.58
C LYS C 432 -6.43 -10.71 -15.89
N SER C 433 -6.89 -9.52 -15.53
CA SER C 433 -8.26 -9.14 -15.83
C SER C 433 -8.44 -8.89 -17.33
N GLU C 434 -7.48 -8.22 -17.96
CA GLU C 434 -7.54 -8.01 -19.40
C GLU C 434 -7.48 -9.33 -20.16
N ARG C 435 -6.58 -10.23 -19.77
CA ARG C 435 -6.52 -11.54 -20.41
C ARG C 435 -7.85 -12.27 -20.26
N GLU C 436 -8.43 -12.24 -19.06
CA GLU C 436 -9.68 -12.95 -18.82
C GLU C 436 -10.81 -12.41 -19.69
N VAL C 437 -10.89 -11.09 -19.86
CA VAL C 437 -11.86 -10.52 -20.79
C VAL C 437 -11.51 -10.90 -22.22
N LEU C 438 -10.23 -10.87 -22.58
CA LEU C 438 -9.83 -11.17 -23.94
C LEU C 438 -10.03 -12.64 -24.25
N VAL C 439 -9.84 -13.52 -23.27
CA VAL C 439 -10.10 -14.94 -23.49
C VAL C 439 -11.59 -15.17 -23.75
N TYR C 440 -12.44 -14.50 -22.96
CA TYR C 440 -13.88 -14.58 -23.19
C TYR C 440 -14.25 -14.09 -24.60
N LEU C 441 -13.59 -13.03 -25.07
CA LEU C 441 -13.93 -12.49 -26.39
C LEU C 441 -13.49 -13.42 -27.52
N THR C 442 -12.44 -14.20 -27.29
CA THR C 442 -12.03 -15.19 -28.28
C THR C 442 -13.03 -16.34 -28.35
N HIS C 443 -13.56 -16.77 -27.21
CA HIS C 443 -14.55 -17.85 -27.22
C HIS C 443 -15.85 -17.42 -27.89
N LEU C 444 -16.19 -16.14 -27.81
CA LEU C 444 -17.40 -15.65 -28.45
C LEU C 444 -17.25 -15.49 -29.96
N ASN C 445 -16.02 -15.35 -30.45
CA ASN C 445 -15.75 -15.21 -31.87
C ASN C 445 -14.27 -15.34 -32.16
N VAL C 446 -13.84 -16.53 -32.59
CA VAL C 446 -12.45 -16.74 -32.96
C VAL C 446 -12.11 -15.99 -34.25
N ILE C 447 -13.02 -16.02 -35.22
CA ILE C 447 -12.72 -15.46 -36.54
C ILE C 447 -12.46 -13.97 -36.46
N ASP C 448 -13.26 -13.25 -35.67
CA ASP C 448 -13.10 -11.79 -35.57
C ASP C 448 -11.81 -11.44 -34.83
N THR C 449 -11.44 -12.22 -33.82
CA THR C 449 -10.24 -11.92 -33.05
C THR C 449 -8.98 -12.14 -33.88
N GLU C 450 -8.95 -13.18 -34.71
CA GLU C 450 -7.82 -13.39 -35.61
C GLU C 450 -7.65 -12.21 -36.57
N GLU C 451 -8.75 -11.81 -37.22
CA GLU C 451 -8.68 -10.72 -38.19
C GLU C 451 -8.14 -9.45 -37.54
N ILE C 452 -8.55 -9.17 -36.29
CA ILE C 452 -8.07 -7.98 -35.62
C ILE C 452 -6.60 -8.09 -35.26
N MET C 453 -6.17 -9.28 -34.82
CA MET C 453 -4.79 -9.43 -34.39
C MET C 453 -3.83 -9.49 -35.57
N ILE C 454 -4.26 -10.12 -36.68
CA ILE C 454 -3.38 -10.22 -37.84
C ILE C 454 -3.32 -8.88 -38.58
N SER C 455 -4.44 -8.16 -38.64
CA SER C 455 -4.43 -6.87 -39.31
C SER C 455 -3.61 -5.85 -38.53
N LYS C 456 -3.68 -5.90 -37.20
CA LYS C 456 -2.80 -5.06 -36.40
C LYS C 456 -1.34 -5.46 -36.61
N LEU C 457 -1.06 -6.76 -36.70
CA LEU C 457 0.28 -7.22 -37.01
C LEU C 457 0.70 -6.77 -38.41
N ALA C 458 -0.25 -6.70 -39.35
CA ALA C 458 0.05 -6.16 -40.67
C ALA C 458 0.39 -4.68 -40.59
N ARG C 459 -0.42 -3.91 -39.86
CA ARG C 459 -0.16 -2.48 -39.70
C ARG C 459 1.12 -2.20 -38.93
N GLN C 460 1.68 -3.19 -38.25
CA GLN C 460 3.04 -3.04 -37.74
C GLN C 460 4.07 -3.21 -38.85
N ILE C 461 3.75 -4.01 -39.88
CA ILE C 461 4.72 -4.28 -40.93
C ILE C 461 4.79 -3.12 -41.91
N ASP C 462 3.67 -2.51 -42.27
CA ASP C 462 3.72 -1.37 -43.16
C ASP C 462 4.30 -0.12 -42.50
N GLY C 463 4.44 -0.10 -41.18
CA GLY C 463 5.07 1.00 -40.49
C GLY C 463 4.14 2.09 -40.02
N SER C 464 2.84 1.99 -40.27
CA SER C 464 1.90 3.02 -39.83
C SER C 464 1.85 3.11 -38.31
N GLU C 465 1.52 2.01 -37.63
CA GLU C 465 1.43 1.97 -36.18
C GLU C 465 2.65 1.32 -35.54
N TRP C 466 3.81 1.44 -36.16
CA TRP C 466 5.02 0.76 -35.68
C TRP C 466 5.68 1.54 -34.56
N SER C 467 5.89 0.87 -33.43
CA SER C 467 6.59 1.41 -32.28
C SER C 467 7.01 0.25 -31.40
N TRP C 468 8.01 0.50 -30.55
CA TRP C 468 8.39 -0.52 -29.57
C TRP C 468 7.23 -0.80 -28.62
N HIS C 469 6.61 0.25 -28.09
CA HIS C 469 5.47 0.07 -27.19
C HIS C 469 4.31 -0.61 -27.90
N ASN C 470 4.12 -0.36 -29.19
CA ASN C 470 2.96 -0.87 -29.89
C ASN C 470 3.14 -2.30 -30.38
N ILE C 471 4.38 -2.74 -30.64
CA ILE C 471 4.59 -4.12 -31.03
C ILE C 471 4.61 -5.04 -29.81
N ASN C 472 5.12 -4.55 -28.68
CA ASN C 472 5.06 -5.32 -27.43
C ASN C 472 3.61 -5.52 -26.99
N THR C 473 2.83 -4.43 -26.96
CA THR C 473 1.44 -4.52 -26.56
C THR C 473 0.66 -5.51 -27.42
N LEU C 474 0.92 -5.51 -28.73
CA LEU C 474 0.27 -6.48 -29.61
C LEU C 474 0.76 -7.89 -29.31
N SER C 475 2.06 -8.05 -29.03
CA SER C 475 2.60 -9.37 -28.74
C SER C 475 2.02 -9.94 -27.44
N TRP C 476 1.71 -9.08 -26.47
CA TRP C 476 1.13 -9.57 -25.23
C TRP C 476 -0.30 -10.04 -25.44
N ALA C 477 -1.07 -9.30 -26.25
CA ALA C 477 -2.44 -9.70 -26.52
C ALA C 477 -2.49 -11.03 -27.25
N ILE C 478 -1.56 -11.24 -28.19
CA ILE C 478 -1.51 -12.50 -28.91
C ILE C 478 -1.13 -13.64 -27.98
N GLY C 479 -0.23 -13.37 -27.03
CA GLY C 479 0.17 -14.39 -26.09
C GLY C 479 -0.83 -14.68 -25.00
N SER C 480 -1.81 -13.81 -24.82
CA SER C 480 -2.77 -13.95 -23.73
C SER C 480 -3.94 -14.88 -24.05
N ILE C 481 -4.21 -15.13 -25.32
CA ILE C 481 -5.40 -15.89 -25.70
C ILE C 481 -5.06 -17.35 -26.02
N SER C 482 -3.90 -17.83 -25.58
CA SER C 482 -3.49 -19.20 -25.90
C SER C 482 -4.36 -20.21 -25.18
N GLY C 483 -4.62 -21.34 -25.86
CA GLY C 483 -5.43 -22.40 -25.30
C GLY C 483 -6.92 -22.17 -25.37
N THR C 484 -7.40 -21.19 -26.14
CA THR C 484 -8.83 -20.99 -26.30
C THR C 484 -9.33 -21.34 -27.69
N MET C 485 -8.45 -21.43 -28.68
CA MET C 485 -8.78 -21.92 -30.01
C MET C 485 -8.40 -23.40 -30.11
N SER C 486 -9.00 -24.09 -31.08
CA SER C 486 -8.66 -25.49 -31.28
C SER C 486 -7.18 -25.63 -31.59
N GLU C 487 -6.61 -26.79 -31.24
CA GLU C 487 -5.21 -27.03 -31.53
C GLU C 487 -4.91 -26.88 -33.02
N ASP C 488 -5.89 -27.13 -33.87
CA ASP C 488 -5.71 -26.91 -35.30
C ASP C 488 -5.72 -25.43 -35.63
N THR C 489 -6.76 -24.71 -35.17
CA THR C 489 -6.86 -23.29 -35.47
C THR C 489 -5.73 -22.51 -34.81
N GLU C 490 -5.36 -22.89 -33.59
CA GLU C 490 -4.23 -22.25 -32.92
C GLU C 490 -2.94 -22.47 -33.69
N LYS C 491 -2.71 -23.71 -34.15
CA LYS C 491 -1.53 -24.00 -34.96
C LYS C 491 -1.42 -23.07 -36.16
N ARG C 492 -2.50 -22.98 -36.95
CA ARG C 492 -2.53 -22.09 -38.10
C ARG C 492 -2.24 -20.64 -37.70
N PHE C 493 -2.74 -20.24 -36.52
CA PHE C 493 -2.61 -18.84 -36.08
C PHE C 493 -1.18 -18.53 -35.63
N VAL C 494 -0.60 -19.38 -34.78
CA VAL C 494 0.75 -19.13 -34.27
C VAL C 494 1.74 -19.03 -35.42
N VAL C 495 1.66 -19.94 -36.39
CA VAL C 495 2.59 -19.93 -37.52
C VAL C 495 2.49 -18.62 -38.29
N THR C 496 1.26 -18.17 -38.58
CA THR C 496 1.07 -16.88 -39.25
C THR C 496 1.73 -15.76 -38.45
N VAL C 497 1.67 -15.83 -37.12
CA VAL C 497 2.29 -14.80 -36.30
C VAL C 497 3.81 -14.92 -36.34
N ILE C 498 4.32 -16.14 -36.17
CA ILE C 498 5.78 -16.35 -36.20
C ILE C 498 6.34 -15.89 -37.55
N LYS C 499 5.66 -16.24 -38.64
CA LYS C 499 6.09 -15.80 -39.97
C LYS C 499 6.16 -14.29 -40.05
N ASP C 500 5.05 -13.60 -39.74
CA ASP C 500 5.03 -12.15 -39.84
C ASP C 500 6.01 -11.50 -38.88
N LEU C 501 6.22 -12.10 -37.71
CA LEU C 501 7.15 -11.52 -36.74
C LEU C 501 8.59 -11.64 -37.22
N LEU C 502 8.94 -12.78 -37.84
CA LEU C 502 10.27 -12.93 -38.41
C LEU C 502 10.47 -11.98 -39.59
N GLY C 503 9.48 -11.90 -40.48
CA GLY C 503 9.57 -10.94 -41.57
C GLY C 503 9.70 -9.51 -41.10
N LEU C 504 9.12 -9.19 -39.94
CA LEU C 504 9.34 -7.88 -39.33
C LEU C 504 10.78 -7.68 -38.86
N CYS C 505 11.51 -8.76 -38.55
CA CYS C 505 12.88 -8.62 -38.09
C CYS C 505 13.85 -8.41 -39.25
N GLU C 506 13.64 -9.12 -40.37
CA GLU C 506 14.40 -8.85 -41.57
C GLU C 506 14.15 -7.43 -42.07
N GLN C 507 12.95 -6.91 -41.82
CA GLN C 507 12.59 -5.57 -42.25
C GLN C 507 13.37 -4.50 -41.52
N LYS C 508 13.30 -4.50 -40.18
CA LYS C 508 13.89 -3.43 -39.40
C LYS C 508 15.42 -3.53 -39.41
N ARG C 509 16.07 -2.39 -39.15
CA ARG C 509 17.52 -2.29 -39.16
C ARG C 509 18.00 -1.66 -37.87
N GLY C 510 19.02 -2.28 -37.26
CA GLY C 510 19.53 -1.85 -35.98
C GLY C 510 19.28 -2.87 -34.90
N LYS C 511 20.33 -3.24 -34.16
CA LYS C 511 20.22 -4.26 -33.12
C LYS C 511 19.09 -3.95 -32.15
N ASP C 512 18.94 -2.68 -31.78
CA ASP C 512 17.86 -2.27 -30.88
C ASP C 512 16.49 -2.63 -31.45
N ASN C 513 16.24 -2.21 -32.70
CA ASN C 513 14.95 -2.48 -33.32
C ASN C 513 14.75 -3.97 -33.60
N LYS C 514 15.84 -4.70 -33.88
CA LYS C 514 15.71 -6.14 -34.12
C LYS C 514 15.57 -6.92 -32.82
N ALA C 515 16.24 -6.49 -31.75
CA ALA C 515 16.09 -7.17 -30.47
C ALA C 515 14.68 -7.02 -29.91
N VAL C 516 14.03 -5.88 -30.17
CA VAL C 516 12.65 -5.67 -29.72
C VAL C 516 11.73 -6.68 -30.38
N VAL C 517 11.86 -6.87 -31.69
CA VAL C 517 11.05 -7.86 -32.39
C VAL C 517 11.42 -9.28 -31.95
N ALA C 518 12.71 -9.59 -31.96
CA ALA C 518 13.15 -10.94 -31.63
C ALA C 518 12.74 -11.34 -30.22
N SER C 519 12.65 -10.38 -29.30
CA SER C 519 12.18 -10.71 -27.95
C SER C 519 10.70 -11.05 -27.95
N ASP C 520 9.89 -10.29 -28.71
CA ASP C 520 8.46 -10.59 -28.78
C ASP C 520 8.22 -11.95 -29.44
N ILE C 521 9.08 -12.33 -30.39
CA ILE C 521 8.97 -13.66 -30.99
C ILE C 521 9.15 -14.74 -29.93
N MET C 522 9.96 -14.47 -28.90
CA MET C 522 10.17 -15.46 -27.86
C MET C 522 9.07 -15.43 -26.81
N TYR C 523 8.49 -14.25 -26.53
CA TYR C 523 7.36 -14.20 -25.61
C TYR C 523 6.15 -14.95 -26.17
N VAL C 524 5.92 -14.82 -27.47
CA VAL C 524 4.78 -15.50 -28.10
C VAL C 524 4.96 -17.01 -28.02
N VAL C 525 6.13 -17.51 -28.46
CA VAL C 525 6.34 -18.96 -28.43
C VAL C 525 6.34 -19.49 -27.01
N GLY C 526 6.79 -18.69 -26.04
CA GLY C 526 6.70 -19.10 -24.65
C GLY C 526 5.28 -19.19 -24.12
N GLN C 527 4.33 -18.53 -24.80
CA GLN C 527 2.93 -18.52 -24.40
C GLN C 527 2.13 -19.68 -24.98
N TYR C 528 2.69 -20.43 -25.95
CA TYR C 528 1.97 -21.49 -26.65
C TYR C 528 2.65 -22.84 -26.41
N PRO C 529 2.53 -23.40 -25.21
CA PRO C 529 3.18 -24.69 -24.92
C PRO C 529 2.46 -25.85 -25.56
N ARG C 530 1.12 -25.73 -25.70
CA ARG C 530 0.37 -26.72 -26.46
C ARG C 530 0.91 -26.83 -27.87
N PHE C 531 1.24 -25.70 -28.49
CA PHE C 531 1.84 -25.71 -29.83
C PHE C 531 3.23 -26.34 -29.80
N LEU C 532 4.03 -26.02 -28.79
CA LEU C 532 5.40 -26.53 -28.73
C LEU C 532 5.43 -28.03 -28.45
N LYS C 533 4.48 -28.54 -27.66
CA LYS C 533 4.52 -29.95 -27.29
C LYS C 533 4.16 -30.89 -28.43
N ALA C 534 3.60 -30.38 -29.52
CA ALA C 534 3.27 -31.21 -30.67
C ALA C 534 4.32 -31.17 -31.76
N HIS C 535 5.28 -30.23 -31.69
CA HIS C 535 6.29 -30.04 -32.74
C HIS C 535 7.66 -30.03 -32.07
N TRP C 536 8.29 -31.21 -31.97
CA TRP C 536 9.56 -31.32 -31.28
C TRP C 536 10.67 -30.55 -31.99
N ASN C 537 10.78 -30.72 -33.30
CA ASN C 537 11.83 -30.05 -34.05
C ASN C 537 11.77 -28.54 -33.86
N PHE C 538 10.56 -27.96 -33.92
CA PHE C 538 10.42 -26.53 -33.69
C PHE C 538 10.76 -26.18 -32.25
N LEU C 539 10.30 -27.00 -31.30
CA LEU C 539 10.63 -26.76 -29.90
C LEU C 539 12.13 -26.90 -29.64
N ARG C 540 12.76 -27.92 -30.22
CA ARG C 540 14.20 -28.06 -30.08
C ARG C 540 14.93 -26.86 -30.67
N THR C 541 14.47 -26.38 -31.83
CA THR C 541 15.07 -25.19 -32.43
C THR C 541 14.95 -23.98 -31.52
N VAL C 542 13.78 -23.79 -30.91
CA VAL C 542 13.54 -22.62 -30.05
C VAL C 542 14.47 -22.65 -28.84
N ILE C 543 14.65 -23.81 -28.23
CA ILE C 543 15.51 -23.89 -27.05
C ILE C 543 16.97 -23.62 -27.42
N LEU C 544 17.41 -24.17 -28.56
CA LEU C 544 18.79 -23.97 -28.97
C LEU C 544 19.07 -22.52 -29.33
N LYS C 545 18.08 -21.84 -29.94
CA LYS C 545 18.24 -20.42 -30.22
C LYS C 545 18.21 -19.61 -28.92
N LEU C 546 17.40 -20.05 -27.95
CA LEU C 546 17.43 -19.42 -26.63
C LEU C 546 18.82 -19.54 -25.99
N PHE C 547 19.44 -20.72 -26.14
CA PHE C 547 20.81 -20.90 -25.65
C PHE C 547 21.78 -19.93 -26.33
N LYS C 548 21.60 -19.71 -27.64
CA LYS C 548 22.49 -18.80 -28.36
C LYS C 548 22.32 -17.37 -27.88
N PHE C 549 21.09 -16.97 -27.56
CA PHE C 549 20.85 -15.63 -27.02
C PHE C 549 21.50 -15.41 -25.66
N MET C 550 21.91 -16.49 -24.98
CA MET C 550 22.59 -16.38 -23.70
C MET C 550 24.05 -15.92 -23.83
N HIS C 551 24.55 -15.76 -25.06
CA HIS C 551 25.85 -15.16 -25.31
C HIS C 551 25.70 -13.77 -25.94
N GLU C 552 24.52 -13.17 -25.84
CA GLU C 552 24.20 -11.91 -26.51
C GLU C 552 24.36 -10.76 -25.53
N THR C 553 25.32 -9.87 -25.80
CA THR C 553 25.66 -8.78 -24.89
C THR C 553 24.56 -7.72 -24.80
N HIS C 554 23.61 -7.72 -25.72
CA HIS C 554 22.59 -6.67 -25.74
C HIS C 554 21.79 -6.68 -24.45
N GLU C 555 21.58 -5.49 -23.88
CA GLU C 555 20.87 -5.36 -22.62
C GLU C 555 19.43 -5.87 -22.76
N GLY C 556 19.08 -6.86 -21.94
CA GLY C 556 17.73 -7.38 -21.89
C GLY C 556 17.50 -8.63 -22.70
N VAL C 557 18.51 -9.16 -23.37
CA VAL C 557 18.37 -10.35 -24.20
C VAL C 557 18.76 -11.61 -23.45
N GLN C 558 19.79 -11.53 -22.61
CA GLN C 558 20.14 -12.69 -21.78
C GLN C 558 19.04 -12.98 -20.77
N ASP C 559 18.49 -11.94 -20.14
CA ASP C 559 17.36 -12.16 -19.25
C ASP C 559 16.11 -12.57 -20.01
N MET C 560 15.97 -12.09 -21.25
CA MET C 560 14.89 -12.57 -22.10
C MET C 560 15.05 -14.06 -22.38
N ALA C 561 16.29 -14.50 -22.65
CA ALA C 561 16.51 -15.91 -22.96
C ALA C 561 16.34 -16.78 -21.72
N CYS C 562 16.80 -16.31 -20.56
CA CYS C 562 16.71 -17.12 -19.35
C CYS C 562 15.27 -17.21 -18.85
N ASP C 563 14.51 -16.12 -18.97
CA ASP C 563 13.12 -16.14 -18.53
C ASP C 563 12.29 -17.03 -19.44
N THR C 564 12.41 -16.84 -20.76
CA THR C 564 11.66 -17.68 -21.69
C THR C 564 12.05 -19.14 -21.57
N PHE C 565 13.33 -19.42 -21.30
CA PHE C 565 13.78 -20.82 -21.16
C PHE C 565 13.03 -21.53 -20.05
N ILE C 566 13.12 -21.00 -18.83
CA ILE C 566 12.44 -21.64 -17.71
C ILE C 566 10.92 -21.57 -17.88
N LYS C 567 10.42 -20.52 -18.54
CA LYS C 567 9.00 -20.41 -18.77
C LYS C 567 8.47 -21.56 -19.61
N ILE C 568 9.22 -21.95 -20.65
CA ILE C 568 8.82 -23.06 -21.51
C ILE C 568 9.14 -24.41 -20.86
N VAL C 569 10.18 -24.47 -20.03
CA VAL C 569 10.49 -25.69 -19.30
C VAL C 569 9.34 -26.05 -18.37
N GLN C 570 8.67 -25.03 -17.80
CA GLN C 570 7.62 -25.28 -16.81
C GLN C 570 6.44 -26.03 -17.43
N LYS C 571 6.12 -25.74 -18.69
CA LYS C 571 4.94 -26.29 -19.33
C LYS C 571 5.23 -27.43 -20.30
N CYS C 572 6.48 -27.59 -20.74
CA CYS C 572 6.84 -28.66 -21.69
C CYS C 572 7.93 -29.57 -21.14
N LYS C 573 8.02 -29.69 -19.80
CA LYS C 573 9.10 -30.45 -19.19
C LYS C 573 9.06 -31.94 -19.54
N TYR C 574 7.89 -32.48 -19.89
CA TYR C 574 7.82 -33.89 -20.26
C TYR C 574 8.62 -34.16 -21.53
N HIS C 575 8.59 -33.23 -22.48
CA HIS C 575 9.31 -33.41 -23.73
C HIS C 575 10.83 -33.25 -23.58
N PHE C 576 11.31 -32.88 -22.39
CA PHE C 576 12.74 -32.82 -22.15
C PHE C 576 13.27 -34.03 -21.39
N VAL C 577 12.39 -34.85 -20.82
CA VAL C 577 12.82 -36.01 -20.06
C VAL C 577 12.59 -37.32 -20.81
N ILE C 578 11.55 -37.41 -21.62
CA ILE C 578 11.31 -38.60 -22.43
C ILE C 578 12.20 -38.55 -23.65
N GLN C 579 12.52 -39.72 -24.19
CA GLN C 579 13.34 -39.82 -25.40
C GLN C 579 12.47 -39.53 -26.61
N GLN C 580 12.66 -38.36 -27.21
CA GLN C 580 11.86 -37.96 -28.35
C GLN C 580 12.30 -38.73 -29.59
N PRO C 581 11.36 -39.10 -30.47
CA PRO C 581 11.75 -39.83 -31.69
C PRO C 581 12.74 -39.04 -32.51
N ARG C 582 13.59 -39.78 -33.24
CA ARG C 582 14.68 -39.23 -34.05
C ARG C 582 15.74 -38.53 -33.20
N GLU C 583 15.83 -38.88 -31.91
CA GLU C 583 16.87 -38.39 -31.03
C GLU C 583 17.49 -39.57 -30.29
N SER C 584 18.79 -39.46 -30.00
CA SER C 584 19.53 -40.55 -29.41
C SER C 584 19.51 -40.53 -27.88
N GLU C 585 18.99 -39.48 -27.26
CA GLU C 585 18.94 -39.37 -25.81
C GLU C 585 17.90 -38.33 -25.43
N PRO C 586 17.34 -38.41 -24.22
CA PRO C 586 16.46 -37.34 -23.75
C PRO C 586 17.20 -36.02 -23.71
N PHE C 587 16.52 -34.95 -24.12
CA PHE C 587 17.17 -33.65 -24.32
C PHE C 587 17.76 -33.10 -23.03
N ILE C 588 17.33 -33.59 -21.86
CA ILE C 588 17.87 -33.09 -20.60
C ILE C 588 19.37 -33.40 -20.51
N GLN C 589 19.79 -34.55 -21.04
CA GLN C 589 21.21 -34.88 -21.02
C GLN C 589 22.01 -33.96 -21.93
N THR C 590 21.43 -33.58 -23.07
CA THR C 590 22.14 -32.70 -24.00
C THR C 590 22.31 -31.30 -23.41
N ILE C 591 21.32 -30.83 -22.64
CA ILE C 591 21.46 -29.55 -21.97
C ILE C 591 22.53 -29.62 -20.89
N ILE C 592 22.68 -30.78 -20.24
CA ILE C 592 23.66 -30.91 -19.17
C ILE C 592 25.08 -30.97 -19.73
N ARG C 593 25.26 -31.64 -20.88
CA ARG C 593 26.60 -31.81 -21.44
C ARG C 593 27.24 -30.46 -21.79
N ASP C 594 26.44 -29.53 -22.30
CA ASP C 594 26.94 -28.23 -22.75
C ASP C 594 26.56 -27.10 -21.80
N ILE C 595 26.25 -27.41 -20.54
CA ILE C 595 25.75 -26.38 -19.64
C ILE C 595 26.82 -25.35 -19.34
N GLN C 596 28.09 -25.78 -19.27
CA GLN C 596 29.18 -24.83 -19.03
C GLN C 596 29.33 -23.87 -20.20
N LYS C 597 29.28 -24.39 -21.42
CA LYS C 597 29.40 -23.54 -22.61
C LYS C 597 28.15 -22.70 -22.82
N THR C 598 26.99 -23.21 -22.41
CA THR C 598 25.76 -22.44 -22.55
C THR C 598 25.69 -21.29 -21.55
N THR C 599 26.08 -21.55 -20.30
CA THR C 599 25.95 -20.57 -19.23
C THR C 599 27.26 -19.85 -18.93
N ALA C 600 28.08 -19.61 -19.96
CA ALA C 600 29.40 -19.03 -19.77
C ALA C 600 29.39 -17.50 -19.70
N ASP C 601 28.50 -16.85 -20.45
CA ASP C 601 28.43 -15.41 -20.50
C ASP C 601 27.27 -14.83 -19.69
N LEU C 602 26.59 -15.66 -18.91
CA LEU C 602 25.47 -15.21 -18.11
C LEU C 602 25.92 -14.72 -16.74
N GLN C 603 25.15 -13.80 -16.17
CA GLN C 603 25.41 -13.34 -14.82
C GLN C 603 25.09 -14.47 -13.83
N PRO C 604 25.70 -14.43 -12.63
CA PRO C 604 25.46 -15.51 -11.66
C PRO C 604 23.98 -15.75 -11.36
N GLN C 605 23.18 -14.68 -11.31
CA GLN C 605 21.74 -14.86 -11.08
C GLN C 605 21.07 -15.60 -12.24
N GLN C 606 21.55 -15.37 -13.46
CA GLN C 606 20.97 -16.05 -14.61
C GLN C 606 21.38 -17.52 -14.65
N VAL C 607 22.56 -17.84 -14.13
CA VAL C 607 22.97 -19.25 -14.04
C VAL C 607 22.05 -20.00 -13.08
N HIS C 608 21.70 -19.37 -11.95
CA HIS C 608 20.84 -20.04 -10.97
C HIS C 608 19.46 -20.34 -11.54
N THR C 609 18.91 -19.41 -12.33
CA THR C 609 17.65 -19.66 -13.01
C THR C 609 17.78 -20.81 -14.01
N PHE C 610 18.89 -20.86 -14.74
CA PHE C 610 19.13 -21.95 -15.68
C PHE C 610 19.21 -23.29 -14.94
N TYR C 611 19.98 -23.33 -13.84
CA TYR C 611 20.07 -24.55 -13.06
C TYR C 611 18.72 -24.92 -12.43
N LYS C 612 17.94 -23.92 -12.03
CA LYS C 612 16.60 -24.20 -11.50
C LYS C 612 15.69 -24.78 -12.59
N ALA C 613 15.83 -24.30 -13.83
CA ALA C 613 15.03 -24.84 -14.91
C ALA C 613 15.35 -26.31 -15.16
N CYS C 614 16.64 -26.68 -15.08
CA CYS C 614 17.01 -28.07 -15.27
C CYS C 614 16.42 -28.96 -14.18
N GLY C 615 16.40 -28.47 -12.95
CA GLY C 615 15.79 -29.24 -11.87
C GLY C 615 14.32 -29.52 -12.10
N ILE C 616 13.64 -28.63 -12.83
CA ILE C 616 12.24 -28.86 -13.17
C ILE C 616 12.10 -30.09 -14.05
N ILE C 617 13.04 -30.28 -14.98
CA ILE C 617 12.99 -31.41 -15.90
C ILE C 617 13.40 -32.69 -15.19
N ILE C 618 14.48 -32.65 -14.41
CA ILE C 618 14.97 -33.84 -13.74
C ILE C 618 13.91 -34.41 -12.80
N SER C 619 13.03 -33.56 -12.28
CA SER C 619 11.99 -34.05 -11.38
C SER C 619 10.94 -34.87 -12.13
N GLU C 620 10.85 -34.73 -13.45
CA GLU C 620 9.90 -35.52 -14.23
C GLU C 620 10.33 -36.98 -14.36
N GLU C 621 11.63 -37.24 -14.37
CA GLU C 621 12.16 -38.60 -14.43
C GLU C 621 11.78 -39.31 -13.13
N ARG C 622 10.82 -40.23 -13.21
CA ARG C 622 10.41 -40.98 -12.03
C ARG C 622 11.25 -42.23 -11.80
N SER C 623 12.07 -42.63 -12.76
CA SER C 623 13.12 -43.61 -12.53
C SER C 623 14.13 -43.04 -11.54
N VAL C 624 14.19 -43.61 -10.34
CA VAL C 624 14.96 -43.03 -9.24
C VAL C 624 16.44 -42.92 -9.59
N ALA C 625 17.10 -44.06 -9.79
CA ALA C 625 18.54 -44.04 -10.05
C ALA C 625 18.88 -43.30 -11.33
N GLU C 626 17.93 -43.18 -12.26
CA GLU C 626 18.16 -42.36 -13.44
C GLU C 626 18.00 -40.88 -13.14
N ARG C 627 17.08 -40.53 -12.25
CA ARG C 627 16.97 -39.14 -11.81
C ARG C 627 18.20 -38.74 -10.99
N ASN C 628 18.73 -39.66 -10.19
CA ASN C 628 19.94 -39.38 -9.43
C ASN C 628 21.13 -39.19 -10.36
N ARG C 629 21.21 -39.98 -11.43
CA ARG C 629 22.32 -39.81 -12.37
C ARG C 629 22.29 -38.44 -13.01
N LEU C 630 21.10 -37.95 -13.40
CA LEU C 630 21.00 -36.62 -13.97
C LEU C 630 21.39 -35.56 -12.94
N LEU C 631 20.96 -35.72 -11.69
CA LEU C 631 21.27 -34.75 -10.66
C LEU C 631 22.77 -34.60 -10.47
N SER C 632 23.50 -35.73 -10.52
CA SER C 632 24.95 -35.66 -10.33
C SER C 632 25.63 -35.00 -11.53
N ASP C 633 25.16 -35.28 -12.74
CA ASP C 633 25.72 -34.66 -13.93
C ASP C 633 25.40 -33.17 -13.98
N LEU C 634 24.22 -32.77 -13.49
CA LEU C 634 23.87 -31.35 -13.46
C LEU C 634 24.71 -30.61 -12.43
N MET C 635 24.84 -31.16 -11.22
CA MET C 635 25.61 -30.56 -10.16
C MET C 635 27.11 -30.80 -10.29
N GLN C 636 27.59 -31.18 -11.48
CA GLN C 636 28.99 -31.56 -11.65
C GLN C 636 29.92 -30.38 -11.37
N LEU C 637 29.73 -29.28 -12.10
CA LEU C 637 30.59 -28.11 -11.93
C LEU C 637 30.55 -27.54 -10.52
N PRO C 638 29.39 -27.22 -9.92
CA PRO C 638 29.42 -26.69 -8.55
C PRO C 638 29.95 -27.67 -7.52
N ASN C 639 29.97 -28.97 -7.82
CA ASN C 639 30.56 -29.92 -6.89
C ASN C 639 32.08 -29.95 -7.00
N MET C 640 32.60 -29.92 -8.22
CA MET C 640 34.05 -29.88 -8.39
C MET C 640 34.63 -28.59 -7.82
N ALA C 641 33.93 -27.46 -8.02
CA ALA C 641 34.34 -26.23 -7.36
C ALA C 641 34.12 -26.32 -5.86
N TRP C 642 33.20 -27.15 -5.41
CA TRP C 642 32.94 -27.28 -3.98
C TRP C 642 34.06 -28.04 -3.29
N ASP C 643 34.40 -29.22 -3.81
CA ASP C 643 35.49 -30.01 -3.22
C ASP C 643 36.80 -29.24 -3.26
N THR C 644 37.01 -28.41 -4.28
CA THR C 644 38.23 -27.62 -4.37
C THR C 644 38.33 -26.63 -3.23
N ILE C 645 37.26 -25.85 -3.00
CA ILE C 645 37.29 -24.86 -1.93
C ILE C 645 37.20 -25.51 -0.56
N VAL C 646 36.54 -26.67 -0.47
CA VAL C 646 36.54 -27.40 0.80
C VAL C 646 37.96 -27.73 1.22
N GLU C 647 38.78 -28.20 0.29
CA GLU C 647 40.16 -28.54 0.61
C GLU C 647 41.01 -27.28 0.79
N GLN C 648 41.07 -26.43 -0.24
CA GLN C 648 42.00 -25.31 -0.23
C GLN C 648 41.58 -24.18 0.71
N SER C 649 40.46 -24.31 1.43
CA SER C 649 40.07 -23.32 2.43
C SER C 649 39.89 -23.92 3.81
N THR C 650 40.07 -25.22 3.98
CA THR C 650 40.13 -25.81 5.31
C THR C 650 41.54 -25.79 5.87
N ALA C 651 42.54 -25.62 5.01
CA ALA C 651 43.93 -25.51 5.44
C ALA C 651 44.67 -24.73 4.35
N ASN C 652 44.87 -23.44 4.58
CA ASN C 652 44.43 -22.78 5.82
C ASN C 652 43.27 -21.83 5.56
N PRO C 653 42.39 -21.68 6.55
CA PRO C 653 41.20 -20.81 6.38
C PRO C 653 41.51 -19.34 6.23
N THR C 654 42.50 -18.99 5.41
CA THR C 654 42.79 -17.60 5.11
C THR C 654 41.97 -17.07 3.95
N LEU C 655 41.58 -17.94 3.02
CA LEU C 655 40.86 -17.53 1.81
C LEU C 655 39.51 -16.90 2.13
N LEU C 656 38.92 -17.19 3.28
CA LEU C 656 37.60 -16.67 3.61
C LEU C 656 37.59 -15.16 3.77
N LEU C 657 38.75 -14.51 3.82
CA LEU C 657 38.83 -13.06 3.72
C LEU C 657 38.90 -12.58 2.28
N ASP C 658 39.41 -13.42 1.38
CA ASP C 658 39.39 -13.10 -0.04
C ASP C 658 37.96 -13.08 -0.54
N SER C 659 37.59 -11.98 -1.19
CA SER C 659 36.20 -11.81 -1.62
C SER C 659 35.82 -12.80 -2.72
N GLU C 660 36.74 -13.05 -3.66
CA GLU C 660 36.43 -13.96 -4.75
C GLU C 660 36.13 -15.36 -4.26
N THR C 661 36.85 -15.83 -3.24
CA THR C 661 36.58 -17.14 -2.67
C THR C 661 35.21 -17.16 -1.99
N VAL C 662 34.87 -16.09 -1.29
CA VAL C 662 33.55 -16.01 -0.66
C VAL C 662 32.46 -15.99 -1.72
N LYS C 663 32.68 -15.30 -2.83
CA LYS C 663 31.66 -15.19 -3.87
C LYS C 663 31.45 -16.51 -4.60
N ILE C 664 32.52 -17.29 -4.80
CA ILE C 664 32.35 -18.60 -5.40
C ILE C 664 31.53 -19.51 -4.48
N ILE C 665 31.83 -19.47 -3.17
CA ILE C 665 31.13 -20.32 -2.21
C ILE C 665 29.64 -20.00 -2.20
N ALA C 666 29.30 -18.70 -2.19
CA ALA C 666 27.90 -18.29 -2.20
C ALA C 666 27.19 -18.76 -3.47
N ASN C 667 27.86 -18.62 -4.62
CA ASN C 667 27.25 -19.06 -5.88
C ASN C 667 27.08 -20.56 -5.94
N ILE C 668 28.04 -21.32 -5.40
CA ILE C 668 27.87 -22.78 -5.31
C ILE C 668 26.64 -23.11 -4.47
N ILE C 669 26.46 -22.40 -3.36
N ILE C 669 26.48 -22.42 -3.35
CA ILE C 669 25.33 -22.68 -2.49
CA ILE C 669 25.33 -22.67 -2.48
C ILE C 669 24.03 -22.18 -3.10
C ILE C 669 24.04 -22.21 -3.15
N LYS C 670 24.06 -21.00 -3.72
CA LYS C 670 22.86 -20.48 -4.37
C LYS C 670 22.43 -21.36 -5.54
N THR C 671 23.38 -22.06 -6.16
CA THR C 671 23.02 -23.05 -7.19
C THR C 671 22.30 -24.25 -6.57
N ASN C 672 22.76 -24.70 -5.41
CA ASN C 672 22.06 -25.77 -4.71
C ASN C 672 20.66 -25.32 -4.29
N VAL C 673 20.52 -24.06 -3.86
CA VAL C 673 19.20 -23.56 -3.49
C VAL C 673 18.29 -23.52 -4.71
N ALA C 674 18.84 -23.12 -5.86
CA ALA C 674 18.07 -23.06 -7.09
C ALA C 674 17.49 -24.42 -7.43
N VAL C 675 18.34 -25.44 -7.45
CA VAL C 675 17.91 -26.79 -7.82
C VAL C 675 16.98 -27.38 -6.77
N CYS C 676 17.34 -27.24 -5.49
CA CYS C 676 16.48 -27.75 -4.43
C CYS C 676 15.11 -27.11 -4.46
N THR C 677 15.03 -25.85 -4.91
CA THR C 677 13.73 -25.19 -4.98
C THR C 677 12.80 -25.88 -5.97
N SER C 678 13.31 -26.29 -7.12
CA SER C 678 12.47 -26.92 -8.13
C SER C 678 12.41 -28.44 -7.99
N MET C 679 13.36 -29.06 -7.29
CA MET C 679 13.34 -30.51 -7.12
C MET C 679 12.79 -30.98 -5.78
N GLY C 680 12.81 -30.12 -4.77
CA GLY C 680 12.14 -30.42 -3.51
C GLY C 680 12.70 -31.66 -2.84
N ALA C 681 11.83 -32.64 -2.61
CA ALA C 681 12.28 -33.86 -1.96
C ALA C 681 13.21 -34.66 -2.86
N ASP C 682 13.12 -34.47 -4.19
CA ASP C 682 14.00 -35.17 -5.10
C ASP C 682 15.42 -34.61 -5.09
N PHE C 683 15.75 -33.78 -4.11
CA PHE C 683 17.07 -33.16 -3.98
C PHE C 683 17.95 -33.82 -2.93
N TYR C 684 17.39 -34.69 -2.10
CA TYR C 684 18.10 -35.22 -0.94
C TYR C 684 19.49 -35.78 -1.23
N PRO C 685 19.73 -36.56 -2.29
CA PRO C 685 21.09 -37.09 -2.50
C PRO C 685 22.15 -36.01 -2.69
N GLN C 686 21.83 -34.96 -3.44
CA GLN C 686 22.79 -33.88 -3.65
C GLN C 686 23.03 -33.10 -2.36
N LEU C 687 21.98 -32.89 -1.56
CA LEU C 687 22.17 -32.29 -0.25
C LEU C 687 23.09 -33.15 0.61
N GLY C 688 22.91 -34.48 0.56
CA GLY C 688 23.78 -35.35 1.32
C GLY C 688 25.22 -35.34 0.83
N HIS C 689 25.42 -35.05 -0.45
CA HIS C 689 26.78 -35.02 -1.00
C HIS C 689 27.61 -33.93 -0.35
N ILE C 690 26.99 -32.86 0.13
CA ILE C 690 27.69 -31.68 0.62
C ILE C 690 27.35 -31.35 2.06
N TYR C 691 26.45 -32.10 2.70
CA TYR C 691 25.84 -31.64 3.95
C TYR C 691 26.86 -31.48 5.08
N TYR C 692 27.77 -32.45 5.23
CA TYR C 692 28.66 -32.42 6.39
C TYR C 692 29.77 -31.39 6.25
N ASN C 693 30.20 -31.08 5.03
CA ASN C 693 31.17 -30.02 4.84
C ASN C 693 30.52 -28.65 4.79
N MET C 694 29.27 -28.57 4.31
CA MET C 694 28.56 -27.30 4.30
C MET C 694 28.33 -26.80 5.72
N LEU C 695 28.03 -27.71 6.65
CA LEU C 695 27.88 -27.33 8.05
C LEU C 695 29.23 -27.01 8.68
N GLN C 696 30.27 -27.76 8.31
CA GLN C 696 31.62 -27.39 8.73
C GLN C 696 31.96 -25.99 8.24
N LEU C 697 31.67 -25.71 6.97
CA LEU C 697 31.92 -24.38 6.42
C LEU C 697 31.11 -23.32 7.15
N TYR C 698 29.85 -23.65 7.48
CA TYR C 698 29.05 -22.76 8.31
C TYR C 698 29.74 -22.45 9.63
N ARG C 699 30.47 -23.42 10.18
CA ARG C 699 31.23 -23.17 11.40
C ARG C 699 32.43 -22.28 11.13
N ALA C 700 33.24 -22.64 10.12
CA ALA C 700 34.46 -21.90 9.85
C ALA C 700 34.16 -20.45 9.46
N VAL C 701 33.05 -20.23 8.75
CA VAL C 701 32.66 -18.87 8.41
C VAL C 701 32.23 -18.12 9.67
N SER C 702 31.65 -18.82 10.64
CA SER C 702 31.27 -18.18 11.89
C SER C 702 32.48 -17.81 12.73
N SER C 703 33.57 -18.58 12.62
CA SER C 703 34.76 -18.29 13.41
C SER C 703 35.37 -16.95 13.04
N MET C 704 35.41 -16.64 11.75
CA MET C 704 36.01 -15.38 11.31
C MET C 704 35.06 -14.20 11.47
N ILE C 705 33.75 -14.43 11.35
CA ILE C 705 32.80 -13.36 11.65
C ILE C 705 32.98 -12.90 13.09
N SER C 706 33.20 -13.84 14.00
CA SER C 706 33.46 -13.47 15.39
C SER C 706 34.87 -12.96 15.60
N ALA C 707 35.84 -13.47 14.82
CA ALA C 707 37.21 -12.98 14.95
C ALA C 707 37.35 -11.57 14.37
N GLN C 708 36.57 -11.23 13.35
CA GLN C 708 36.63 -9.90 12.77
C GLN C 708 35.96 -8.85 13.65
N VAL C 709 34.90 -9.23 14.38
CA VAL C 709 34.25 -8.29 15.27
C VAL C 709 35.11 -8.01 16.50
N ALA C 710 35.85 -9.01 16.98
CA ALA C 710 36.77 -8.81 18.08
C ALA C 710 38.00 -7.99 17.68
N ALA C 711 38.26 -7.85 16.38
CA ALA C 711 39.41 -7.09 15.89
C ALA C 711 39.06 -5.69 15.41
N GLU C 712 37.86 -5.51 14.83
CA GLU C 712 37.46 -4.23 14.29
C GLU C 712 36.20 -3.66 14.94
N GLY C 713 35.63 -4.35 15.92
CA GLY C 713 34.44 -3.85 16.59
C GLY C 713 33.16 -4.24 15.88
N LEU C 714 32.08 -3.56 16.27
CA LEU C 714 30.79 -3.83 15.66
C LEU C 714 30.69 -3.26 14.25
N ILE C 715 31.59 -2.35 13.88
CA ILE C 715 31.54 -1.80 12.52
C ILE C 715 31.85 -2.88 11.48
N ALA C 716 32.53 -3.95 11.87
CA ALA C 716 32.85 -5.01 10.93
C ALA C 716 31.60 -5.66 10.36
N THR C 717 30.50 -5.69 11.12
CA THR C 717 29.27 -6.27 10.62
C THR C 717 28.75 -5.55 9.38
N LYS C 718 29.20 -4.31 9.15
CA LYS C 718 28.83 -3.55 7.96
C LYS C 718 29.85 -3.71 6.82
N THR C 719 31.07 -4.11 7.13
CA THR C 719 32.10 -4.24 6.11
C THR C 719 31.71 -5.34 5.11
N PRO C 720 32.07 -5.16 3.84
CA PRO C 720 31.77 -6.20 2.84
C PRO C 720 32.39 -7.55 3.16
N LYS C 721 33.55 -7.56 3.82
CA LYS C 721 34.18 -8.83 4.19
C LYS C 721 33.25 -9.68 5.05
N VAL C 722 32.61 -9.07 6.04
CA VAL C 722 31.70 -9.83 6.90
C VAL C 722 30.34 -10.00 6.24
N ARG C 723 29.88 -8.98 5.52
CA ARG C 723 28.61 -9.11 4.81
C ARG C 723 28.65 -10.28 3.82
N GLY C 724 29.80 -10.50 3.18
CA GLY C 724 29.93 -11.68 2.33
C GLY C 724 29.97 -12.96 3.12
N LEU C 725 30.62 -12.94 4.29
CA LEU C 725 30.65 -14.11 5.16
C LEU C 725 29.25 -14.42 5.68
N ARG C 726 28.55 -13.39 6.18
CA ARG C 726 27.19 -13.61 6.65
C ARG C 726 26.25 -14.03 5.53
N THR C 727 26.64 -13.79 4.27
CA THR C 727 25.83 -14.27 3.15
C THR C 727 25.91 -15.79 3.03
N ILE C 728 27.11 -16.34 3.19
CA ILE C 728 27.27 -17.79 3.13
C ILE C 728 26.39 -18.47 4.17
N LYS C 729 26.36 -17.94 5.39
CA LYS C 729 25.50 -18.50 6.42
C LYS C 729 24.03 -18.33 6.07
N LYS C 730 23.65 -17.15 5.57
CA LYS C 730 22.25 -16.92 5.22
C LYS C 730 21.78 -17.86 4.12
N GLU C 731 22.68 -18.25 3.21
CA GLU C 731 22.31 -19.16 2.14
C GLU C 731 22.39 -20.62 2.55
N ILE C 732 23.31 -20.97 3.44
CA ILE C 732 23.37 -22.33 3.97
C ILE C 732 22.08 -22.67 4.70
N LEU C 733 21.65 -21.78 5.61
CA LEU C 733 20.37 -21.98 6.29
C LEU C 733 19.22 -22.03 5.30
N LYS C 734 19.28 -21.21 4.25
CA LYS C 734 18.21 -21.18 3.27
C LYS C 734 18.13 -22.47 2.45
N LEU C 735 19.26 -23.12 2.19
CA LEU C 735 19.21 -24.42 1.52
C LEU C 735 18.60 -25.49 2.40
N VAL C 736 18.95 -25.50 3.69
CA VAL C 736 18.38 -26.48 4.60
C VAL C 736 16.89 -26.23 4.80
N GLU C 737 16.50 -24.96 4.98
CA GLU C 737 15.09 -24.63 5.11
C GLU C 737 14.29 -25.07 3.88
N THR C 738 14.86 -24.89 2.69
CA THR C 738 14.15 -25.25 1.47
C THR C 738 13.87 -26.75 1.38
N TYR C 739 14.87 -27.58 1.72
CA TYR C 739 14.66 -29.03 1.60
C TYR C 739 13.69 -29.54 2.67
N ILE C 740 13.89 -29.15 3.93
CA ILE C 740 13.04 -29.65 5.00
C ILE C 740 11.59 -29.25 4.76
N SER C 741 11.35 -28.02 4.31
CA SER C 741 10.00 -27.58 4.01
C SER C 741 9.34 -28.41 2.91
N LYS C 742 10.14 -29.13 2.11
CA LYS C 742 9.62 -29.89 0.98
C LYS C 742 9.94 -31.37 1.04
N ALA C 743 10.63 -31.83 2.08
CA ALA C 743 11.03 -33.23 2.16
C ALA C 743 9.82 -34.13 2.37
N ARG C 744 9.92 -35.35 1.84
CA ARG C 744 8.91 -36.38 2.08
C ARG C 744 9.33 -37.36 3.15
N ASN C 745 10.59 -37.80 3.15
CA ASN C 745 11.10 -38.71 4.18
C ASN C 745 11.46 -37.86 5.40
N LEU C 746 10.49 -37.68 6.29
CA LEU C 746 10.73 -36.92 7.50
C LEU C 746 11.65 -37.66 8.47
N ASP C 747 11.71 -38.98 8.39
CA ASP C 747 12.58 -39.73 9.30
C ASP C 747 14.05 -39.39 9.04
N ASP C 748 14.46 -39.37 7.77
CA ASP C 748 15.84 -39.00 7.45
C ASP C 748 16.15 -37.58 7.91
N VAL C 749 15.18 -36.67 7.75
CA VAL C 749 15.38 -35.30 8.24
C VAL C 749 15.72 -35.31 9.72
N VAL C 750 15.00 -36.10 10.51
CA VAL C 750 15.23 -36.12 11.94
C VAL C 750 16.57 -36.78 12.27
N LYS C 751 16.79 -37.98 11.73
CA LYS C 751 17.94 -38.79 12.16
C LYS C 751 19.22 -38.52 11.38
N VAL C 752 19.22 -37.57 10.45
CA VAL C 752 20.42 -37.29 9.66
C VAL C 752 20.68 -35.79 9.61
N LEU C 753 19.62 -35.00 9.42
CA LEU C 753 19.78 -33.57 9.17
C LEU C 753 19.68 -32.73 10.44
N VAL C 754 18.71 -33.01 11.31
CA VAL C 754 18.47 -32.13 12.45
C VAL C 754 19.66 -32.17 13.41
N GLU C 755 20.20 -33.36 13.66
CA GLU C 755 21.29 -33.55 14.62
C GLU C 755 22.45 -32.61 14.36
N PRO C 756 23.10 -32.65 13.18
CA PRO C 756 24.25 -31.75 12.98
C PRO C 756 23.85 -30.30 12.86
N LEU C 757 22.63 -30.02 12.39
CA LEU C 757 22.19 -28.64 12.22
C LEU C 757 22.17 -27.89 13.55
N LEU C 758 21.48 -28.46 14.55
CA LEU C 758 21.39 -27.79 15.84
C LEU C 758 22.77 -27.64 16.48
N ASN C 759 23.62 -28.66 16.37
CA ASN C 759 24.97 -28.60 16.91
C ASN C 759 25.91 -27.76 16.04
N ALA C 760 25.37 -26.94 15.14
CA ALA C 760 26.17 -26.09 14.26
C ALA C 760 25.68 -24.65 14.28
N VAL C 761 24.37 -24.47 14.46
CA VAL C 761 23.76 -23.15 14.35
C VAL C 761 23.33 -22.55 15.68
N LEU C 762 23.09 -23.37 16.71
CA LEU C 762 22.47 -22.86 17.93
C LEU C 762 23.50 -22.19 18.85
N GLU C 763 24.58 -22.90 19.20
CA GLU C 763 25.57 -22.32 20.09
C GLU C 763 26.22 -21.08 19.48
N ASP C 764 26.44 -21.11 18.16
CA ASP C 764 26.96 -19.94 17.46
C ASP C 764 26.02 -18.75 17.62
N TYR C 765 24.71 -18.99 17.50
CA TYR C 765 23.74 -17.92 17.67
C TYR C 765 23.71 -17.43 19.11
N MET C 766 23.73 -18.36 20.07
CA MET C 766 23.59 -18.00 21.48
C MET C 766 24.78 -17.17 21.96
N ASN C 767 26.00 -17.57 21.60
CA ASN C 767 27.21 -16.97 22.13
C ASN C 767 27.77 -15.87 21.22
N ASN C 768 26.96 -15.32 20.33
CA ASN C 768 27.36 -14.21 19.49
C ASN C 768 26.76 -12.92 20.02
N VAL C 769 27.37 -11.80 19.65
CA VAL C 769 26.83 -10.49 20.01
C VAL C 769 25.54 -10.28 19.24
N PRO C 770 24.56 -9.56 19.80
CA PRO C 770 23.28 -9.34 19.09
C PRO C 770 23.42 -8.79 17.68
N ASP C 771 24.42 -7.95 17.42
CA ASP C 771 24.62 -7.41 16.07
C ASP C 771 25.22 -8.43 15.12
N ALA C 772 25.60 -9.61 15.58
CA ALA C 772 26.17 -10.64 14.74
C ALA C 772 25.31 -11.90 14.69
N ARG C 773 24.09 -11.85 15.22
CA ARG C 773 23.18 -12.99 15.21
C ARG C 773 22.29 -12.94 13.97
N ASP C 774 22.42 -13.92 13.10
CA ASP C 774 21.59 -13.97 11.90
C ASP C 774 20.15 -14.32 12.27
N ALA C 775 19.21 -13.48 11.83
CA ALA C 775 17.80 -13.69 12.12
C ALA C 775 17.21 -14.87 11.34
N GLU C 776 17.92 -15.38 10.34
CA GLU C 776 17.43 -16.56 9.62
C GLU C 776 17.60 -17.83 10.44
N VAL C 777 18.45 -17.82 11.46
CA VAL C 777 18.53 -18.95 12.38
C VAL C 777 17.16 -19.22 12.99
N LEU C 778 16.48 -18.17 13.43
CA LEU C 778 15.13 -18.33 13.98
C LEU C 778 14.16 -18.81 12.92
N ASN C 779 14.29 -18.29 11.69
CA ASN C 779 13.44 -18.72 10.60
C ASN C 779 13.69 -20.18 10.26
N CYS C 780 14.96 -20.59 10.27
CA CYS C 780 15.30 -21.97 9.96
C CYS C 780 14.80 -22.91 11.06
N MET C 781 14.87 -22.47 12.31
CA MET C 781 14.30 -23.29 13.39
C MET C 781 12.79 -23.36 13.30
N THR C 782 12.15 -22.33 12.74
CA THR C 782 10.70 -22.34 12.61
C THR C 782 10.27 -23.38 11.57
N THR C 783 11.02 -23.50 10.47
CA THR C 783 10.70 -24.51 9.46
C THR C 783 11.02 -25.91 9.95
N VAL C 784 12.10 -26.07 10.72
CA VAL C 784 12.41 -27.37 11.30
C VAL C 784 11.28 -27.83 12.21
N VAL C 785 10.83 -26.94 13.10
CA VAL C 785 9.74 -27.26 14.01
C VAL C 785 8.42 -27.44 13.25
N GLU C 786 8.22 -26.70 12.16
CA GLU C 786 6.98 -26.80 11.41
C GLU C 786 6.83 -28.16 10.75
N LYS C 787 7.91 -28.79 10.31
CA LYS C 787 7.81 -30.07 9.61
C LYS C 787 7.92 -31.25 10.57
N VAL C 788 9.00 -31.30 11.35
CA VAL C 788 9.29 -32.47 12.16
C VAL C 788 9.25 -32.15 13.64
N GLY C 789 8.58 -31.05 14.02
CA GLY C 789 8.54 -30.67 15.42
C GLY C 789 7.98 -31.75 16.32
N HIS C 790 6.91 -32.41 15.88
CA HIS C 790 6.29 -33.46 16.67
C HIS C 790 7.19 -34.67 16.83
N MET C 791 8.31 -34.73 16.12
CA MET C 791 9.25 -35.84 16.22
C MET C 791 10.53 -35.49 16.97
N ILE C 792 10.72 -34.23 17.33
CA ILE C 792 11.94 -33.80 18.04
C ILE C 792 11.54 -33.11 19.35
N PRO C 793 11.21 -33.87 20.39
CA PRO C 793 10.88 -33.24 21.68
C PRO C 793 12.08 -32.52 22.29
N GLN C 794 13.17 -33.24 22.57
CA GLN C 794 14.33 -32.60 23.15
C GLN C 794 15.01 -31.64 22.18
N GLY C 795 14.76 -31.79 20.87
CA GLY C 795 15.30 -30.84 19.91
C GLY C 795 14.69 -29.46 20.07
N VAL C 796 13.36 -29.39 20.15
CA VAL C 796 12.69 -28.12 20.40
C VAL C 796 13.10 -27.57 21.77
N ILE C 797 13.18 -28.44 22.78
CA ILE C 797 13.59 -28.01 24.12
C ILE C 797 14.98 -27.41 24.07
N LEU C 798 15.85 -27.94 23.22
CA LEU C 798 17.19 -27.40 23.09
C LEU C 798 17.22 -26.12 22.26
N ILE C 799 16.30 -25.99 21.30
CA ILE C 799 16.20 -24.78 20.49
C ILE C 799 15.83 -23.59 21.37
N LEU C 800 14.91 -23.79 22.31
CA LEU C 800 14.49 -22.70 23.18
C LEU C 800 15.63 -22.27 24.10
N GLN C 801 16.38 -23.24 24.64
CA GLN C 801 17.47 -22.93 25.56
C GLN C 801 18.49 -21.98 24.93
N SER C 802 18.69 -22.06 23.62
CA SER C 802 19.72 -21.27 22.98
C SER C 802 19.20 -19.96 22.39
N VAL C 803 17.91 -19.87 22.06
CA VAL C 803 17.41 -18.70 21.34
C VAL C 803 16.35 -17.92 22.09
N PHE C 804 15.69 -18.47 23.10
CA PHE C 804 14.58 -17.76 23.71
C PHE C 804 15.03 -16.53 24.50
N GLU C 805 15.73 -16.75 25.62
CA GLU C 805 16.06 -15.64 26.51
C GLU C 805 16.96 -14.61 25.83
N CYS C 806 17.93 -15.06 25.03
CA CYS C 806 18.88 -14.10 24.46
C CYS C 806 18.24 -13.26 23.36
N THR C 807 17.28 -13.80 22.63
CA THR C 807 16.58 -13.01 21.63
C THR C 807 15.53 -12.12 22.27
N LEU C 808 14.82 -12.64 23.26
CA LEU C 808 13.83 -11.83 23.97
C LEU C 808 14.47 -10.57 24.55
N ASP C 809 15.68 -10.69 25.09
CA ASP C 809 16.37 -9.53 25.63
C ASP C 809 16.74 -8.53 24.52
N MET C 810 16.94 -9.02 23.30
CA MET C 810 17.26 -8.13 22.19
C MET C 810 16.10 -7.22 21.82
N ILE C 811 14.87 -7.56 22.20
CA ILE C 811 13.69 -6.89 21.66
C ILE C 811 12.77 -6.36 22.76
N ASN C 812 13.06 -6.68 24.02
CA ASN C 812 12.19 -6.32 25.14
C ASN C 812 12.51 -4.93 25.72
N LYS C 813 12.97 -4.00 24.89
CA LYS C 813 13.32 -2.66 25.36
C LYS C 813 12.61 -1.58 24.54
N ASP C 814 12.28 -1.88 23.28
CA ASP C 814 11.52 -0.98 22.43
C ASP C 814 10.94 -1.75 21.26
N PHE C 815 9.95 -1.15 20.60
CA PHE C 815 9.29 -1.72 19.44
C PHE C 815 10.07 -1.51 18.13
N THR C 816 11.38 -1.24 18.21
CA THR C 816 12.11 -0.75 17.05
C THR C 816 13.32 -1.62 16.70
N GLU C 817 14.24 -1.78 17.65
CA GLU C 817 15.52 -2.39 17.37
C GLU C 817 15.34 -3.84 16.92
N TYR C 818 16.22 -4.29 16.01
CA TYR C 818 16.26 -5.64 15.48
C TYR C 818 14.88 -6.08 14.99
N PRO C 819 14.37 -5.48 13.90
CA PRO C 819 13.02 -5.81 13.47
C PRO C 819 12.87 -7.21 12.90
N GLU C 820 13.91 -7.73 12.25
CA GLU C 820 13.82 -9.07 11.67
C GLU C 820 13.79 -10.14 12.76
N HIS C 821 14.66 -10.01 13.77
CA HIS C 821 14.65 -10.94 14.89
C HIS C 821 13.32 -10.88 15.64
N ARG C 822 12.67 -9.71 15.64
CA ARG C 822 11.41 -9.55 16.34
C ARG C 822 10.29 -10.38 15.70
N VAL C 823 10.26 -10.44 14.37
CA VAL C 823 9.20 -11.14 13.67
C VAL C 823 9.43 -12.64 13.70
N GLU C 824 10.66 -13.08 13.40
CA GLU C 824 10.96 -14.51 13.39
C GLU C 824 10.89 -15.11 14.78
N PHE C 825 11.16 -14.31 15.81
CA PHE C 825 11.08 -14.81 17.19
C PHE C 825 9.67 -15.27 17.51
N TYR C 826 8.67 -14.46 17.14
CA TYR C 826 7.30 -14.79 17.48
C TYR C 826 6.69 -15.80 16.51
N LYS C 827 7.19 -15.85 15.27
CA LYS C 827 6.86 -16.96 14.39
C LYS C 827 7.33 -18.28 15.00
N LEU C 828 8.52 -18.29 15.60
CA LEU C 828 9.08 -19.52 16.14
C LEU C 828 8.37 -19.93 17.43
N LEU C 829 8.11 -18.97 18.33
CA LEU C 829 7.32 -19.28 19.51
C LEU C 829 5.92 -19.75 19.15
N LYS C 830 5.36 -19.21 18.07
CA LYS C 830 4.02 -19.62 17.66
C LYS C 830 3.99 -21.09 17.24
N VAL C 831 4.92 -21.51 16.38
CA VAL C 831 4.91 -22.89 15.91
C VAL C 831 5.28 -23.85 17.05
N ILE C 832 6.16 -23.43 17.95
CA ILE C 832 6.48 -24.26 19.11
C ILE C 832 5.23 -24.46 19.97
N ASN C 833 4.44 -23.40 20.16
CA ASN C 833 3.19 -23.55 20.89
C ASN C 833 2.21 -24.46 20.15
N GLU C 834 2.23 -24.44 18.81
CA GLU C 834 1.33 -25.28 18.03
C GLU C 834 1.77 -26.74 18.04
N LYS C 835 3.06 -26.99 17.90
CA LYS C 835 3.58 -28.34 17.69
C LYS C 835 4.11 -28.96 18.98
N SER C 836 5.23 -28.45 19.47
N SER C 836 5.21 -28.42 19.50
CA SER C 836 5.89 -29.01 20.65
CA SER C 836 5.86 -29.02 20.66
C SER C 836 5.59 -28.15 21.89
C SER C 836 5.60 -28.18 21.91
N PHE C 837 4.30 -28.09 22.25
CA PHE C 837 3.89 -27.30 23.41
C PHE C 837 4.50 -27.82 24.70
N ALA C 838 4.82 -29.12 24.75
CA ALA C 838 5.42 -29.70 25.95
C ALA C 838 6.77 -29.09 26.26
N ALA C 839 7.38 -28.40 25.30
CA ALA C 839 8.67 -27.76 25.53
C ALA C 839 8.56 -26.60 26.51
N PHE C 840 7.40 -25.94 26.58
CA PHE C 840 7.19 -24.89 27.57
C PHE C 840 6.83 -25.47 28.94
N LEU C 841 6.25 -26.67 28.99
CA LEU C 841 6.00 -27.32 30.27
C LEU C 841 7.30 -27.69 30.96
N GLU C 842 8.36 -27.95 30.20
CA GLU C 842 9.67 -28.26 30.74
C GLU C 842 10.54 -27.04 30.94
N LEU C 843 9.98 -25.84 30.75
CA LEU C 843 10.73 -24.63 31.05
C LEU C 843 10.74 -24.36 32.54
N PRO C 844 11.83 -23.81 33.07
CA PRO C 844 11.83 -23.40 34.46
C PRO C 844 10.73 -22.40 34.73
N PRO C 845 10.18 -22.38 35.94
CA PRO C 845 9.09 -21.43 36.23
C PRO C 845 9.47 -19.98 36.00
N ALA C 846 10.73 -19.61 36.22
CA ALA C 846 11.15 -18.23 35.98
C ALA C 846 11.21 -17.94 34.49
N ALA C 847 11.56 -18.93 33.67
CA ALA C 847 11.62 -18.76 32.23
C ALA C 847 10.24 -18.78 31.59
N PHE C 848 9.30 -19.52 32.21
CA PHE C 848 7.93 -19.50 31.72
C PHE C 848 7.28 -18.14 31.94
N LYS C 849 7.71 -17.41 32.97
CA LYS C 849 7.18 -16.07 33.19
C LYS C 849 7.61 -15.13 32.07
N LEU C 850 8.89 -15.20 31.67
CA LEU C 850 9.35 -14.42 30.52
C LEU C 850 8.58 -14.80 29.26
N PHE C 851 8.21 -16.07 29.13
CA PHE C 851 7.38 -16.49 27.99
C PHE C 851 6.04 -15.78 28.00
N VAL C 852 5.43 -15.62 29.18
CA VAL C 852 4.17 -14.89 29.27
C VAL C 852 4.39 -13.40 29.03
N ASP C 853 5.48 -12.84 29.60
CA ASP C 853 5.80 -11.44 29.38
C ASP C 853 6.03 -11.16 27.89
N ALA C 854 6.67 -12.09 27.19
CA ALA C 854 6.93 -11.89 25.77
C ALA C 854 5.64 -11.87 24.96
N ILE C 855 4.69 -12.74 25.32
CA ILE C 855 3.43 -12.80 24.57
C ILE C 855 2.65 -11.51 24.71
N CYS C 856 2.49 -11.03 25.95
CA CYS C 856 1.85 -9.73 26.15
C CYS C 856 2.67 -8.61 25.54
N TRP C 857 4.01 -8.72 25.56
CA TRP C 857 4.85 -7.74 24.90
C TRP C 857 4.54 -7.65 23.42
N ALA C 858 4.11 -8.75 22.81
CA ALA C 858 3.72 -8.71 21.40
C ALA C 858 2.39 -8.01 21.18
N PHE C 859 1.48 -8.02 22.17
CA PHE C 859 0.21 -7.32 22.03
C PHE C 859 0.44 -5.84 21.74
N LYS C 860 1.43 -5.24 22.40
CA LYS C 860 1.64 -3.80 22.34
C LYS C 860 2.28 -3.34 21.04
N HIS C 861 2.81 -4.26 20.24
CA HIS C 861 3.45 -3.87 18.99
C HIS C 861 2.43 -3.32 18.01
N ASN C 862 2.77 -2.17 17.41
CA ASN C 862 1.97 -1.66 16.29
C ASN C 862 2.25 -2.43 15.01
N ASN C 863 3.47 -2.96 14.88
CA ASN C 863 3.81 -3.89 13.81
C ASN C 863 2.83 -5.06 13.80
N ARG C 864 1.97 -5.12 12.79
CA ARG C 864 0.98 -6.20 12.75
C ARG C 864 1.61 -7.57 12.52
N ASP C 865 2.80 -7.63 11.91
CA ASP C 865 3.49 -8.91 11.77
C ASP C 865 3.95 -9.48 13.12
N VAL C 866 3.84 -8.70 14.19
CA VAL C 866 4.11 -9.17 15.53
C VAL C 866 2.84 -9.20 16.38
N GLU C 867 1.98 -8.20 16.22
CA GLU C 867 0.77 -8.10 17.04
C GLU C 867 -0.16 -9.29 16.83
N VAL C 868 -0.42 -9.64 15.57
CA VAL C 868 -1.29 -10.77 15.27
C VAL C 868 -0.66 -12.07 15.77
N ASN C 869 0.65 -12.25 15.56
CA ASN C 869 1.31 -13.47 16.01
C ASN C 869 1.22 -13.61 17.52
N GLY C 870 1.46 -12.52 18.26
CA GLY C 870 1.38 -12.59 19.71
C GLY C 870 -0.03 -12.88 20.21
N LEU C 871 -1.03 -12.22 19.62
CA LEU C 871 -2.41 -12.51 19.98
C LEU C 871 -2.75 -13.97 19.72
N GLN C 872 -2.21 -14.55 18.65
CA GLN C 872 -2.48 -15.96 18.36
C GLN C 872 -1.85 -16.87 19.40
N ILE C 873 -0.61 -16.61 19.78
CA ILE C 873 0.07 -17.46 20.75
C ILE C 873 -0.71 -17.48 22.06
N ALA C 874 -1.16 -16.32 22.52
CA ALA C 874 -1.97 -16.27 23.74
C ALA C 874 -3.23 -17.11 23.59
N LEU C 875 -3.89 -17.01 22.44
CA LEU C 875 -5.12 -17.76 22.24
C LEU C 875 -4.85 -19.26 22.24
N ASP C 876 -3.77 -19.68 21.58
CA ASP C 876 -3.45 -21.10 21.53
C ASP C 876 -2.88 -21.58 22.87
N LEU C 877 -2.11 -20.73 23.56
CA LEU C 877 -1.58 -21.09 24.87
C LEU C 877 -2.71 -21.36 25.85
N VAL C 878 -3.77 -20.57 25.80
CA VAL C 878 -4.90 -20.78 26.69
C VAL C 878 -5.58 -22.11 26.38
N LYS C 879 -5.80 -22.40 25.09
CA LYS C 879 -6.36 -23.69 24.72
C LYS C 879 -5.42 -24.83 25.13
N ASN C 880 -4.12 -24.64 24.95
CA ASN C 880 -3.15 -25.65 25.37
C ASN C 880 -3.23 -25.91 26.86
N ILE C 881 -3.61 -24.90 27.65
CA ILE C 881 -3.78 -25.10 29.08
C ILE C 881 -5.13 -25.74 29.37
N GLU C 882 -6.14 -25.47 28.55
CA GLU C 882 -7.45 -26.08 28.74
C GLU C 882 -7.42 -27.58 28.47
N ARG C 883 -6.56 -28.03 27.54
CA ARG C 883 -6.49 -29.46 27.23
C ARG C 883 -5.88 -30.26 28.36
N MET C 884 -5.02 -29.65 29.18
CA MET C 884 -4.36 -30.39 30.25
C MET C 884 -5.32 -30.83 31.34
N GLY C 885 -6.55 -30.34 31.35
CA GLY C 885 -7.52 -30.77 32.33
C GLY C 885 -7.22 -30.19 33.70
N ASN C 886 -7.74 -30.88 34.73
CA ASN C 886 -7.59 -30.44 36.11
C ASN C 886 -6.30 -31.02 36.67
N VAL C 887 -5.19 -30.39 36.29
CA VAL C 887 -3.86 -30.81 36.73
C VAL C 887 -3.18 -29.60 37.36
N PRO C 888 -2.14 -29.81 38.18
CA PRO C 888 -1.54 -28.68 38.91
C PRO C 888 -0.99 -27.58 38.01
N PHE C 889 -0.33 -27.93 36.90
CA PHE C 889 0.25 -26.89 36.05
C PHE C 889 -0.83 -26.00 35.47
N ALA C 890 -1.95 -26.58 35.04
CA ALA C 890 -3.05 -25.78 34.52
C ALA C 890 -3.63 -24.88 35.60
N ASN C 891 -3.79 -25.40 36.82
CA ASN C 891 -4.34 -24.58 37.90
C ASN C 891 -3.40 -23.45 38.30
N GLU C 892 -2.10 -23.77 38.42
CA GLU C 892 -1.12 -22.73 38.75
C GLU C 892 -1.03 -21.70 37.64
N PHE C 893 -1.33 -22.10 36.40
CA PHE C 893 -1.34 -21.13 35.30
C PHE C 893 -2.47 -20.12 35.46
N HIS C 894 -3.68 -20.60 35.73
CA HIS C 894 -4.79 -19.68 35.95
C HIS C 894 -4.57 -18.86 37.22
N LYS C 895 -3.95 -19.43 38.24
CA LYS C 895 -3.68 -18.68 39.46
C LYS C 895 -2.77 -17.49 39.19
N ASN C 896 -1.79 -17.67 38.29
CA ASN C 896 -0.75 -16.69 38.04
C ASN C 896 -1.05 -15.75 36.88
N TYR C 897 -1.49 -16.27 35.74
CA TYR C 897 -1.46 -15.53 34.50
C TYR C 897 -2.82 -15.24 33.89
N PHE C 898 -3.90 -15.82 34.42
CA PHE C 898 -5.23 -15.59 33.86
C PHE C 898 -5.58 -14.11 33.87
N PHE C 899 -5.54 -13.47 35.05
CA PHE C 899 -5.93 -12.06 35.12
C PHE C 899 -4.93 -11.14 34.46
N ILE C 900 -3.67 -11.56 34.32
CA ILE C 900 -2.72 -10.79 33.52
C ILE C 900 -3.17 -10.76 32.07
N PHE C 901 -3.47 -11.93 31.49
CA PHE C 901 -3.93 -11.97 30.11
C PHE C 901 -5.23 -11.18 29.94
N VAL C 902 -6.08 -11.15 30.96
CA VAL C 902 -7.33 -10.41 30.82
C VAL C 902 -7.06 -8.91 30.83
N SER C 903 -6.29 -8.43 31.80
CA SER C 903 -6.04 -6.99 31.88
C SER C 903 -5.19 -6.51 30.71
N GLU C 904 -4.17 -7.27 30.31
CA GLU C 904 -3.35 -6.85 29.19
C GLU C 904 -4.18 -6.74 27.92
N THR C 905 -5.11 -7.67 27.70
CA THR C 905 -5.98 -7.59 26.53
C THR C 905 -6.89 -6.37 26.61
N PHE C 906 -7.46 -6.12 27.80
CA PHE C 906 -8.29 -4.93 27.97
C PHE C 906 -7.51 -3.65 27.72
N PHE C 907 -6.22 -3.63 28.05
CA PHE C 907 -5.40 -2.43 27.85
C PHE C 907 -5.24 -2.14 26.36
N VAL C 908 -4.75 -3.11 25.59
CA VAL C 908 -4.56 -2.90 24.16
C VAL C 908 -5.89 -2.71 23.44
N LEU C 909 -6.99 -3.13 24.07
CA LEU C 909 -8.31 -2.97 23.48
C LEU C 909 -8.87 -1.57 23.70
N THR C 910 -8.42 -0.87 24.74
CA THR C 910 -9.01 0.40 25.12
C THR C 910 -8.10 1.61 24.94
N ASP C 911 -6.79 1.40 24.76
CA ASP C 911 -5.87 2.52 24.69
C ASP C 911 -5.88 3.23 23.33
N SER C 912 -6.72 2.78 22.40
CA SER C 912 -6.91 3.43 21.10
C SER C 912 -5.64 3.47 20.26
N ASP C 913 -4.65 2.64 20.58
CA ASP C 913 -3.40 2.59 19.82
C ASP C 913 -3.15 1.24 19.15
N HIS C 914 -4.10 0.30 19.22
CA HIS C 914 -3.98 -1.02 18.60
C HIS C 914 -5.30 -1.40 17.91
N LYS C 915 -5.92 -0.43 17.22
CA LYS C 915 -7.23 -0.66 16.63
C LYS C 915 -7.21 -1.63 15.47
N SER C 916 -6.04 -1.94 14.91
CA SER C 916 -5.98 -2.88 13.79
C SER C 916 -6.30 -4.31 14.24
N GLY C 917 -6.02 -4.65 15.49
CA GLY C 917 -6.23 -6.01 15.96
C GLY C 917 -7.41 -6.17 16.89
N PHE C 918 -8.46 -5.37 16.68
CA PHE C 918 -9.63 -5.44 17.54
C PHE C 918 -10.30 -6.81 17.49
N SER C 919 -10.26 -7.48 16.33
CA SER C 919 -10.99 -8.74 16.20
C SER C 919 -10.34 -9.84 17.03
N LYS C 920 -9.01 -9.95 16.98
CA LYS C 920 -8.34 -11.01 17.73
C LYS C 920 -8.27 -10.69 19.22
N GLN C 921 -8.18 -9.40 19.58
CA GLN C 921 -8.31 -9.02 20.98
C GLN C 921 -9.69 -9.42 21.52
N ALA C 922 -10.74 -9.15 20.75
CA ALA C 922 -12.09 -9.52 21.16
C ALA C 922 -12.22 -11.04 21.28
N LEU C 923 -11.60 -11.76 20.34
CA LEU C 923 -11.68 -13.21 20.34
C LEU C 923 -10.95 -13.81 21.54
N LEU C 924 -9.75 -13.31 21.84
CA LEU C 924 -8.98 -13.82 22.97
C LEU C 924 -9.65 -13.50 24.29
N LEU C 925 -10.16 -12.28 24.44
CA LEU C 925 -10.85 -11.92 25.67
C LEU C 925 -12.11 -12.76 25.84
N MET C 926 -12.83 -13.02 24.75
CA MET C 926 -14.04 -13.82 24.83
C MET C 926 -13.72 -15.23 25.31
N LYS C 927 -12.58 -15.78 24.88
CA LYS C 927 -12.17 -17.11 25.33
C LYS C 927 -11.86 -17.11 26.82
N LEU C 928 -11.27 -16.02 27.33
CA LEU C 928 -10.95 -15.94 28.75
C LEU C 928 -12.21 -15.82 29.61
N ILE C 929 -13.16 -15.00 29.15
CA ILE C 929 -14.41 -14.85 29.91
C ILE C 929 -15.22 -16.15 29.89
N SER C 930 -15.33 -16.79 28.72
CA SER C 930 -16.08 -18.03 28.64
C SER C 930 -15.47 -19.14 29.50
N LEU C 931 -14.15 -19.12 29.70
CA LEU C 931 -13.50 -20.12 30.53
C LEU C 931 -13.99 -20.09 31.97
N VAL C 932 -14.57 -18.97 32.39
CA VAL C 932 -15.03 -18.82 33.76
C VAL C 932 -16.53 -19.11 33.89
N TYR C 933 -17.32 -18.72 32.89
CA TYR C 933 -18.75 -18.97 32.94
C TYR C 933 -19.12 -20.39 32.49
N ASP C 934 -18.13 -21.24 32.23
CA ASP C 934 -18.34 -22.67 32.04
C ASP C 934 -17.58 -23.50 33.08
N ASN C 935 -17.08 -22.87 34.14
CA ASN C 935 -16.41 -23.56 35.25
C ASN C 935 -15.24 -24.42 34.77
N LYS C 936 -14.60 -24.03 33.68
CA LYS C 936 -13.46 -24.77 33.15
C LYS C 936 -12.18 -24.51 33.92
N ILE C 937 -12.22 -23.66 34.96
CA ILE C 937 -11.12 -23.46 35.88
C ILE C 937 -11.50 -24.13 37.19
N SER C 938 -10.67 -25.04 37.66
CA SER C 938 -11.00 -25.83 38.86
C SER C 938 -10.73 -25.03 40.13
N VAL C 939 -9.49 -24.60 40.33
CA VAL C 939 -9.13 -23.85 41.53
C VAL C 939 -9.79 -22.48 41.51
N PRO C 940 -10.04 -21.87 42.67
CA PRO C 940 -10.49 -20.48 42.69
C PRO C 940 -9.39 -19.52 42.28
N LEU C 941 -9.77 -18.47 41.55
CA LEU C 941 -8.82 -17.52 41.00
C LEU C 941 -8.25 -16.57 42.05
N TYR C 942 -8.78 -16.58 43.27
CA TYR C 942 -8.48 -15.55 44.26
C TYR C 942 -7.66 -16.13 45.41
N GLN C 943 -7.22 -15.23 46.28
CA GLN C 943 -6.56 -15.61 47.52
C GLN C 943 -7.59 -15.95 48.58
N GLU C 944 -7.25 -16.89 49.46
CA GLU C 944 -8.19 -17.42 50.43
C GLU C 944 -8.77 -16.35 51.34
N ALA C 945 -8.07 -15.23 51.53
CA ALA C 945 -8.48 -14.23 52.50
C ALA C 945 -9.21 -13.04 51.90
N GLU C 946 -9.05 -12.77 50.60
CA GLU C 946 -9.55 -11.53 50.01
C GLU C 946 -11.01 -11.58 49.60
N VAL C 947 -11.65 -12.74 49.65
CA VAL C 947 -13.07 -12.87 49.29
C VAL C 947 -13.61 -14.04 50.10
N PRO C 948 -14.89 -14.04 50.49
CA PRO C 948 -15.42 -15.17 51.25
C PRO C 948 -15.33 -16.47 50.46
N GLN C 949 -15.08 -17.56 51.17
CA GLN C 949 -14.98 -18.87 50.53
C GLN C 949 -16.33 -19.29 49.97
N GLY C 950 -16.28 -20.09 48.91
CA GLY C 950 -17.48 -20.48 48.19
C GLY C 950 -17.88 -19.52 47.09
N THR C 951 -17.28 -18.34 47.04
CA THR C 951 -17.57 -17.39 45.97
C THR C 951 -17.07 -17.92 44.64
N SER C 952 -17.96 -17.98 43.65
CA SER C 952 -17.58 -18.50 42.35
C SER C 952 -16.60 -17.57 41.65
N ASN C 953 -15.87 -18.13 40.69
CA ASN C 953 -15.02 -17.31 39.83
C ASN C 953 -15.84 -16.35 38.97
N GLN C 954 -17.09 -16.69 38.69
CA GLN C 954 -17.96 -15.82 37.91
C GLN C 954 -18.22 -14.50 38.62
N VAL C 955 -18.22 -14.51 39.96
CA VAL C 955 -18.44 -13.30 40.73
C VAL C 955 -17.15 -12.53 40.92
N TYR C 956 -16.07 -13.23 41.31
CA TYR C 956 -14.79 -12.57 41.51
C TYR C 956 -14.27 -11.95 40.21
N LEU C 957 -14.62 -12.56 39.07
CA LEU C 957 -14.25 -11.97 37.78
C LEU C 957 -14.98 -10.65 37.55
N SER C 958 -16.28 -10.61 37.83
CA SER C 958 -17.03 -9.37 37.66
C SER C 958 -16.68 -8.32 38.71
N GLN C 959 -15.95 -8.70 39.76
CA GLN C 959 -15.43 -7.73 40.71
C GLN C 959 -14.03 -7.26 40.35
N TYR C 960 -13.15 -8.18 39.96
CA TYR C 960 -11.82 -7.79 39.49
C TYR C 960 -11.93 -6.84 38.31
N LEU C 961 -12.81 -7.15 37.36
CA LEU C 961 -12.99 -6.30 36.18
C LEU C 961 -13.60 -4.95 36.57
N ALA C 962 -14.59 -4.96 37.46
CA ALA C 962 -15.20 -3.70 37.88
C ALA C 962 -14.18 -2.80 38.56
N ASN C 963 -13.34 -3.37 39.42
CA ASN C 963 -12.29 -2.57 40.05
C ASN C 963 -11.29 -2.08 39.02
N MET C 964 -10.91 -2.93 38.08
CA MET C 964 -9.88 -2.57 37.11
C MET C 964 -10.34 -1.43 36.20
N LEU C 965 -11.59 -1.48 35.74
CA LEU C 965 -12.10 -0.46 34.83
C LEU C 965 -12.32 0.86 35.55
N SER C 966 -12.64 0.84 36.84
CA SER C 966 -12.83 2.08 37.58
C SER C 966 -11.51 2.80 37.78
N ASN C 967 -10.43 2.07 38.05
CA ASN C 967 -9.13 2.69 38.22
C ASN C 967 -8.53 3.17 36.91
N ALA C 968 -8.90 2.56 35.78
CA ALA C 968 -8.42 2.97 34.47
C ALA C 968 -9.34 3.96 33.77
N PHE C 969 -10.60 4.06 34.19
CA PHE C 969 -11.58 4.96 33.59
C PHE C 969 -12.43 5.56 34.70
N PRO C 970 -11.85 6.45 35.51
CA PRO C 970 -12.61 7.01 36.64
C PRO C 970 -13.80 7.86 36.22
N HIS C 971 -13.83 8.36 34.99
CA HIS C 971 -14.94 9.17 34.52
C HIS C 971 -16.18 8.34 34.22
N LEU C 972 -16.08 7.01 34.24
CA LEU C 972 -17.24 6.14 34.08
C LEU C 972 -17.91 5.94 35.43
N THR C 973 -19.25 6.04 35.44
CA THR C 973 -19.99 5.73 36.65
C THR C 973 -19.88 4.24 36.98
N SER C 974 -20.13 3.91 38.24
CA SER C 974 -20.12 2.52 38.63
C SER C 974 -21.23 1.74 37.95
N GLU C 975 -22.27 2.43 37.47
CA GLU C 975 -23.39 1.77 36.82
C GLU C 975 -23.07 1.44 35.36
N GLN C 976 -22.16 2.17 34.72
CA GLN C 976 -21.71 1.81 33.38
C GLN C 976 -20.84 0.57 33.39
N ILE C 977 -19.90 0.51 34.34
CA ILE C 977 -19.04 -0.67 34.42
C ILE C 977 -19.85 -1.91 34.75
N ALA C 978 -20.94 -1.75 35.50
CA ALA C 978 -21.77 -2.90 35.84
C ALA C 978 -22.54 -3.41 34.63
N SER C 979 -23.25 -2.51 33.95
CA SER C 979 -24.07 -2.93 32.81
C SER C 979 -23.21 -3.45 31.66
N PHE C 980 -22.05 -2.82 31.44
CA PHE C 980 -21.12 -3.30 30.42
C PHE C 980 -20.64 -4.72 30.74
N LEU C 981 -20.09 -4.91 31.95
CA LEU C 981 -19.60 -6.25 32.32
C LEU C 981 -20.74 -7.26 32.34
N SER C 982 -21.92 -6.84 32.77
CA SER C 982 -23.06 -7.76 32.77
C SER C 982 -23.39 -8.21 31.35
N ALA C 983 -23.53 -7.26 30.43
CA ALA C 983 -23.79 -7.62 29.04
C ALA C 983 -22.62 -8.38 28.43
N LEU C 984 -21.39 -7.96 28.74
CA LEU C 984 -20.22 -8.55 28.11
C LEU C 984 -20.04 -10.01 28.52
N THR C 985 -20.23 -10.32 29.80
CA THR C 985 -19.99 -11.69 30.26
C THR C 985 -21.06 -12.63 29.73
N LYS C 986 -22.32 -12.22 29.76
CA LYS C 986 -23.39 -13.09 29.31
C LYS C 986 -23.47 -13.17 27.77
N GLN C 987 -22.52 -12.56 27.07
CA GLN C 987 -22.43 -12.64 25.63
C GLN C 987 -21.14 -13.30 25.16
N CYS C 988 -20.42 -13.98 26.07
CA CYS C 988 -19.15 -14.58 25.67
C CYS C 988 -19.31 -15.81 24.74
N LYS C 989 -20.52 -16.10 24.28
CA LYS C 989 -20.76 -17.16 23.30
C LYS C 989 -21.14 -16.63 21.92
N ASP C 990 -21.48 -15.35 21.81
CA ASP C 990 -21.90 -14.73 20.54
C ASP C 990 -20.89 -13.64 20.23
N LEU C 991 -19.97 -13.94 19.30
CA LEU C 991 -18.84 -13.06 19.04
C LEU C 991 -19.27 -11.75 18.38
N VAL C 992 -20.19 -11.82 17.41
CA VAL C 992 -20.62 -10.61 16.72
C VAL C 992 -21.29 -9.63 17.69
N VAL C 993 -21.99 -10.14 18.70
CA VAL C 993 -22.59 -9.28 19.71
C VAL C 993 -21.54 -8.84 20.73
N PHE C 994 -20.73 -9.78 21.21
CA PHE C 994 -19.61 -9.47 22.11
C PHE C 994 -18.77 -8.34 21.52
N LYS C 995 -18.38 -8.46 20.25
CA LYS C 995 -17.59 -7.42 19.61
C LYS C 995 -18.33 -6.09 19.60
N GLY C 996 -19.64 -6.12 19.37
CA GLY C 996 -20.42 -4.88 19.39
C GLY C 996 -20.47 -4.25 20.76
N THR C 997 -20.46 -5.06 21.82
CA THR C 997 -20.49 -4.52 23.17
C THR C 997 -19.18 -3.80 23.49
N LEU C 998 -18.06 -4.36 23.05
CA LEU C 998 -16.78 -3.66 23.18
C LEU C 998 -16.81 -2.32 22.43
N ARG C 999 -17.33 -2.32 21.20
N ARG C 999 -17.33 -2.32 21.20
CA ARG C 999 -17.40 -1.07 20.44
CA ARG C 999 -17.40 -1.08 20.44
C ARG C 999 -18.22 -0.03 21.17
C ARG C 999 -18.25 -0.03 21.14
N ASP C 1000 -19.30 -0.46 21.84
CA ASP C 1000 -20.12 0.48 22.61
C ASP C 1000 -19.34 0.99 23.82
N PHE C 1001 -18.58 0.10 24.47
CA PHE C 1001 -17.75 0.52 25.58
C PHE C 1001 -16.68 1.51 25.12
N LEU C 1002 -16.05 1.24 23.97
CA LEU C 1002 -15.03 2.16 23.45
C LEU C 1002 -15.61 3.53 23.14
N VAL C 1003 -16.85 3.58 22.67
CA VAL C 1003 -17.50 4.87 22.41
C VAL C 1003 -17.76 5.61 23.71
N GLN C 1004 -18.21 4.88 24.74
CA GLN C 1004 -18.63 5.54 25.96
C GLN C 1004 -17.47 6.05 26.78
N ILE C 1005 -16.26 5.50 26.61
CA ILE C 1005 -15.11 5.99 27.36
C ILE C 1005 -14.43 7.18 26.70
N LYS C 1006 -14.90 7.60 25.52
CA LYS C 1006 -14.41 8.84 24.95
C LYS C 1006 -15.21 10.05 25.42
N GLU C 1007 -16.28 9.84 26.20
CA GLU C 1007 -17.19 10.89 26.62
C GLU C 1007 -17.57 10.69 28.08
N VAL C 1008 -18.38 11.61 28.60
CA VAL C 1008 -18.90 11.53 29.96
C VAL C 1008 -20.42 11.56 29.90
N GLY C 1009 -21.06 10.78 30.77
CA GLY C 1009 -22.50 10.69 30.79
C GLY C 1009 -23.09 9.65 29.88
N GLY C 1010 -22.35 8.58 29.56
CA GLY C 1010 -22.88 7.55 28.70
C GLY C 1010 -24.02 6.79 29.36
N ASP C 1011 -25.00 6.42 28.55
CA ASP C 1011 -26.18 5.73 29.06
C ASP C 1011 -25.82 4.29 29.40
N PRO C 1012 -25.91 3.88 30.67
CA PRO C 1012 -25.69 2.45 30.97
C PRO C 1012 -26.74 1.53 30.38
N THR C 1013 -27.91 2.06 30.00
CA THR C 1013 -28.94 1.25 29.36
C THR C 1013 -28.55 0.87 27.93
N ASP C 1014 -27.53 1.50 27.36
CA ASP C 1014 -27.11 1.19 26.00
C ASP C 1014 -26.53 -0.22 25.87
N TYR C 1015 -26.14 -0.85 26.97
CA TYR C 1015 -25.61 -2.20 26.91
C TYR C 1015 -26.71 -3.26 26.90
N LEU C 1016 -27.98 -2.86 26.97
CA LEU C 1016 -29.11 -3.77 26.83
C LEU C 1016 -29.59 -3.86 25.38
N PHE C 1017 -28.78 -3.38 24.42
CA PHE C 1017 -29.21 -3.34 23.03
C PHE C 1017 -29.52 -4.73 22.49
N ALA C 1018 -28.74 -5.73 22.88
CA ALA C 1018 -28.97 -7.10 22.43
C ALA C 1018 -29.86 -7.88 23.40
N LEU D 1 7.11 -26.63 -41.14
CA LEU D 1 7.67 -26.20 -39.86
C LEU D 1 9.18 -26.42 -39.82
N ASN D 2 9.63 -27.51 -40.46
CA ASN D 2 11.06 -27.70 -40.64
C ASN D 2 11.68 -26.53 -41.38
N GLU D 3 10.90 -25.87 -42.24
CA GLU D 3 11.34 -24.64 -42.90
C GLU D 3 11.21 -23.44 -41.97
N LEU D 4 10.13 -23.39 -41.19
CA LEU D 4 9.98 -22.32 -40.20
C LEU D 4 11.06 -22.41 -39.12
N ALA D 5 11.43 -23.63 -38.72
CA ALA D 5 12.47 -23.80 -37.72
C ALA D 5 13.79 -23.23 -38.19
N LEU D 6 14.03 -23.20 -39.51
CA LEU D 6 15.26 -22.65 -40.04
C LEU D 6 15.20 -21.14 -40.22
N LYS D 7 14.00 -20.58 -40.43
CA LYS D 7 13.88 -19.12 -40.46
C LYS D 7 14.25 -18.51 -39.13
N LEU D 8 13.84 -19.16 -38.03
CA LEU D 8 14.15 -18.65 -36.70
C LEU D 8 15.54 -19.09 -36.24
N ALA D 9 16.05 -20.20 -36.77
CA ALA D 9 17.37 -20.65 -36.37
C ALA D 9 18.46 -19.72 -36.91
N GLY D 10 18.23 -19.16 -38.09
CA GLY D 10 19.21 -18.34 -38.76
C GLY D 10 19.14 -16.90 -38.34
N LEU D 11 17.91 -16.43 -38.07
CA LEU D 11 17.60 -15.10 -37.56
C LEU D 11 18.76 -14.36 -36.89
N ASP D 12 19.21 -13.26 -37.50
CA ASP D 12 20.30 -12.47 -36.96
C ASP D 12 19.83 -11.05 -36.63
N ILE D 13 19.98 -10.64 -35.37
CA ILE D 13 19.63 -9.28 -34.97
C ILE D 13 20.80 -8.34 -35.18
N ASN D 14 21.89 -8.82 -35.77
CA ASN D 14 23.08 -8.05 -36.10
C ASN D 14 23.18 -7.98 -37.62
N LYS D 15 22.41 -7.07 -38.22
CA LYS D 15 22.43 -6.96 -39.69
C LYS D 15 22.37 -5.50 -40.15
PG GNP E . 1.82 11.27 11.65
O1G GNP E . 1.97 11.17 13.17
O2G GNP E . 2.21 12.70 11.20
O3G GNP E . 0.35 11.00 11.25
N3B GNP E . 2.84 10.15 10.92
PB GNP E . 3.18 10.28 9.26
O1B GNP E . 3.76 11.68 8.96
O2B GNP E . 1.93 10.07 8.44
O3A GNP E . 4.32 9.12 8.86
PA GNP E . 5.98 9.37 8.98
O1A GNP E . 6.26 10.27 10.14
O2A GNP E . 6.49 10.01 7.68
O5' GNP E . 6.74 7.89 9.23
C5' GNP E . 5.94 6.75 9.42
C4' GNP E . 6.79 5.50 9.33
O4' GNP E . 6.55 4.86 8.19
C3' GNP E . 8.29 5.86 9.31
O3' GNP E . 8.99 4.98 10.07
C2' GNP E . 8.70 5.75 7.82
O2' GNP E . 10.17 5.34 7.71
C1' GNP E . 7.94 4.79 7.35
N9 GNP E . 7.67 5.02 5.96
C8 GNP E . 7.20 6.12 5.31
N7 GNP E . 7.12 5.84 4.03
C5 GNP E . 7.54 4.56 3.87
C6 GNP E . 7.66 3.77 2.75
O6 GNP E . 7.37 4.20 1.69
N1 GNP E . 8.11 2.53 2.86
C2 GNP E . 8.45 2.04 4.08
N2 GNP E . 8.96 0.58 4.15
N3 GNP E . 8.33 2.80 5.17
C4 GNP E . 7.87 4.07 5.06
MG MG F . 4.16 12.98 10.50
C1 GOL G . -10.28 9.49 11.07
O1 GOL G . -9.69 8.61 12.01
C2 GOL G . -10.18 10.92 11.58
O2 GOL G . -10.90 11.78 10.73
C3 GOL G . -10.76 11.00 12.99
O3 GOL G . -12.08 10.52 12.97
C1 GOL H . 27.97 -34.98 -18.92
O1 GOL H . 26.91 -35.91 -18.90
C2 GOL H . 29.19 -35.59 -18.24
O2 GOL H . 29.02 -36.99 -18.15
C3 GOL H . 30.43 -35.29 -19.07
O3 GOL H . 30.61 -33.90 -19.16
C1 GOL I . -22.39 30.86 26.32
O1 GOL I . -21.44 30.53 27.31
C2 GOL I . -22.38 29.79 25.24
O2 GOL I . -21.19 29.88 24.48
C3 GOL I . -23.59 29.98 24.32
O3 GOL I . -23.34 29.35 23.09
#